data_6DJR
#
_entry.id   6DJR
#
_cell.length_a   1
_cell.length_b   1
_cell.length_c   1
_cell.angle_alpha   90.00
_cell.angle_beta   90.00
_cell.angle_gamma   90.00
#
_symmetry.space_group_name_H-M   'P 1'
#
_entity_poly.entity_id   1
_entity_poly.type   'polypeptide(L)'
_entity_poly.pdbx_seq_one_letter_code
;(UNK)(UNK)(UNK)(UNK)(UNK)(UNK)(UNK)(UNK)(UNK)(UNK)(UNK)(UNK)(UNK)(UNK)(UNK)(UNK)
(UNK)(UNK)(UNK)(UNK)(UNK)(UNK)(UNK)(UNK)(UNK)(UNK)(UNK)(UNK)(UNK)(UNK)(UNK)(UNK)
(UNK)(UNK)(UNK)(UNK)(UNK)(UNK)(UNK)(UNK)(UNK)(UNK)(UNK)(UNK)(UNK)(UNK)(UNK)(UNK)
(UNK)(UNK)(UNK)(UNK)(UNK)(UNK)(UNK)(UNK)(UNK)(UNK)(UNK)(UNK)(UNK)(UNK)(UNK)(UNK)
(UNK)(UNK)(UNK)(UNK)(UNK)(UNK)(UNK)(UNK)(UNK)(UNK)(UNK)(UNK)(UNK)(UNK)(UNK)(UNK)
(UNK)(UNK)(UNK)(UNK)(UNK)(UNK)(UNK)(UNK)(UNK)(UNK)(UNK)(UNK)(UNK)(UNK)(UNK)(UNK)
(UNK)(UNK)(UNK)(UNK)(UNK)(UNK)(UNK)(UNK)(UNK)(UNK)(UNK)(UNK)(UNK)(UNK)(UNK)(UNK)
(UNK)(UNK)(UNK)(UNK)(UNK)(UNK)(UNK)(UNK)(UNK)(UNK)(UNK)(UNK)(UNK)(UNK)(UNK)(UNK)
(UNK)(UNK)(UNK)(UNK)(UNK)(UNK)(UNK)(UNK)(UNK)(UNK)(UNK)(UNK)(UNK)(UNK)(UNK)(UNK)
(UNK)(UNK)(UNK)(UNK)(UNK)(UNK)(UNK)(UNK)(UNK)(UNK)(UNK)(UNK)(UNK)(UNK)(UNK)(UNK)
(UNK)(UNK)(UNK)(UNK)(UNK)(UNK)(UNK)(UNK)(UNK)(UNK)(UNK)(UNK)(UNK)(UNK)(UNK)(UNK)
(UNK)(UNK)(UNK)(UNK)(UNK)(UNK)(UNK)(UNK)(UNK)(UNK)(UNK)(UNK)(UNK)(UNK)(UNK)(UNK)
(UNK)(UNK)(UNK)(UNK)(UNK)(UNK)(UNK)(UNK)(UNK)(UNK)(UNK)(UNK)(UNK)(UNK)(UNK)(UNK)
(UNK)(UNK)(UNK)(UNK)(UNK)(UNK)(UNK)(UNK)(UNK)(UNK)(UNK)(UNK)(UNK)(UNK)(UNK)(UNK)
(UNK)(UNK)(UNK)(UNK)(UNK)(UNK)(UNK)(UNK)(UNK)(UNK)(UNK)(UNK)(UNK)(UNK)(UNK)(UNK)
(UNK)(UNK)(UNK)(UNK)(UNK)(UNK)(UNK)(UNK)(UNK)(UNK)(UNK)(UNK)(UNK)(UNK)(UNK)(UNK)
(UNK)(UNK)(UNK)(UNK)(UNK)(UNK)(UNK)(UNK)(UNK)(UNK)(UNK)(UNK)(UNK)(UNK)(UNK)(UNK)
(UNK)(UNK)(UNK)(UNK)(UNK)(UNK)(UNK)(UNK)(UNK)(UNK)(UNK)(UNK)(UNK)(UNK)(UNK)(UNK)
(UNK)(UNK)(UNK)(UNK)(UNK)(UNK)(UNK)(UNK)(UNK)(UNK)(UNK)(UNK)(UNK)(UNK)(UNK)(UNK)
(UNK)(UNK)(UNK)(UNK)(UNK)(UNK)(UNK)(UNK)(UNK)(UNK)(UNK)(UNK)(UNK)(UNK)(UNK)(UNK)
(UNK)(UNK)(UNK)(UNK)(UNK)(UNK)(UNK)(UNK)(UNK)(UNK)(UNK)(UNK)(UNK)(UNK)(UNK)(UNK)
(UNK)(UNK)(UNK)(UNK)(UNK)(UNK)(UNK)(UNK)(UNK)(UNK)(UNK)(UNK)(UNK)(UNK)(UNK)(UNK)
(UNK)(UNK)(UNK)(UNK)(UNK)(UNK)(UNK)(UNK)(UNK)(UNK)(UNK)(UNK)(UNK)(UNK)(UNK)(UNK)
(UNK)(UNK)(UNK)(UNK)(UNK)(UNK)(UNK)(UNK)(UNK)(UNK)(UNK)(UNK)(UNK)(UNK)(UNK)(UNK)
(UNK)(UNK)(UNK)(UNK)(UNK)(UNK)(UNK)(UNK)(UNK)(UNK)(UNK)(UNK)(UNK)(UNK)(UNK)(UNK)
(UNK)(UNK)(UNK)(UNK)(UNK)(UNK)(UNK)(UNK)(UNK)(UNK)(UNK)(UNK)(UNK)(UNK)(UNK)(UNK)
(UNK)(UNK)(UNK)(UNK)(UNK)(UNK)(UNK)(UNK)(UNK)(UNK)(UNK)(UNK)(UNK)(UNK)(UNK)(UNK)
(UNK)(UNK)(UNK)(UNK)(UNK)(UNK)(UNK)(UNK)(UNK)(UNK)(UNK)(UNK)(UNK)(UNK)(UNK)(UNK)
(UNK)(UNK)(UNK)(UNK)(UNK)(UNK)(UNK)(UNK)(UNK)(UNK)(UNK)(UNK)(UNK)(UNK)(UNK)(UNK)
(UNK)(UNK)(UNK)(UNK)(UNK)(UNK)(UNK)(UNK)(UNK)(UNK)(UNK)(UNK)(UNK)(UNK)(UNK)(UNK)
(UNK)(UNK)(UNK)(UNK)(UNK)(UNK)(UNK)(UNK)(UNK)(UNK)
;
_entity_poly.pdbx_strand_id   A,B,C,D
#
# COMPACT_ATOMS: atom_id res chain seq x y z
N UNK A 1 -11.92 34.48 -41.07
CA UNK A 1 -11.55 33.09 -40.82
C UNK A 1 -12.77 32.20 -40.98
N UNK A 2 -13.72 32.63 -41.81
CA UNK A 2 -14.93 31.84 -42.01
C UNK A 2 -14.64 30.61 -42.85
N UNK A 3 -13.82 30.76 -43.88
CA UNK A 3 -13.28 29.61 -44.58
C UNK A 3 -12.41 28.80 -43.63
N UNK A 4 -11.67 29.48 -42.75
CA UNK A 4 -10.93 28.78 -41.71
C UNK A 4 -11.87 28.16 -40.70
N UNK A 5 -13.06 28.74 -40.50
CA UNK A 5 -14.04 28.12 -39.62
C UNK A 5 -14.55 26.82 -40.20
N UNK A 6 -14.92 26.83 -41.48
CA UNK A 6 -15.34 25.61 -42.14
C UNK A 6 -14.21 24.60 -42.21
N UNK A 7 -12.98 25.07 -42.38
CA UNK A 7 -11.84 24.16 -42.44
C UNK A 7 -11.55 23.56 -41.07
N UNK A 8 -11.66 24.37 -40.02
CA UNK A 8 -11.41 23.88 -38.67
C UNK A 8 -12.50 22.94 -38.23
N UNK A 9 -13.72 23.17 -38.70
CA UNK A 9 -14.79 22.22 -38.48
C UNK A 9 -14.52 20.91 -39.22
N UNK A 10 -14.13 21.01 -40.50
CA UNK A 10 -13.91 19.82 -41.32
C UNK A 10 -12.68 19.05 -40.88
N UNK A 11 -11.80 19.67 -40.12
CA UNK A 11 -10.65 19.00 -39.57
C UNK A 11 -10.92 18.41 -38.21
N UNK A 12 -11.55 19.18 -37.31
CA UNK A 12 -11.62 18.81 -35.91
C UNK A 12 -12.56 17.63 -35.66
N UNK A 13 -13.39 17.28 -36.63
CA UNK A 13 -14.07 15.99 -36.62
C UNK A 13 -13.75 15.19 -37.88
N UNK A 14 -12.74 15.62 -38.64
CA UNK A 14 -12.23 14.93 -39.83
C UNK A 14 -13.29 14.76 -40.91
N UNK A 15 -14.04 15.83 -41.20
CA UNK A 15 -15.08 15.77 -42.22
C UNK A 15 -14.41 15.73 -43.58
N UNK A 16 -14.17 14.52 -44.07
CA UNK A 16 -13.29 14.32 -45.20
C UNK A 16 -13.93 14.74 -46.52
N UNK A 17 -15.25 14.58 -46.65
CA UNK A 17 -15.93 15.08 -47.83
C UNK A 17 -15.91 16.60 -47.86
N UNK A 18 -16.05 17.22 -46.69
CA UNK A 18 -15.94 18.66 -46.60
C UNK A 18 -14.52 19.13 -46.91
N UNK A 19 -13.52 18.35 -46.51
CA UNK A 19 -12.15 18.70 -46.88
C UNK A 19 -11.92 18.48 -48.37
N UNK A 20 -12.61 17.51 -48.96
CA UNK A 20 -12.52 17.31 -50.40
C UNK A 20 -13.15 18.47 -51.15
N UNK A 21 -14.23 19.00 -50.62
CA UNK A 21 -14.79 20.23 -51.19
C UNK A 21 -13.84 21.39 -50.96
N UNK A 22 -13.16 21.40 -49.81
CA UNK A 22 -12.19 22.43 -49.49
C UNK A 22 -10.95 22.36 -50.37
N UNK A 23 -10.70 21.21 -51.01
CA UNK A 23 -9.62 21.13 -51.98
C UNK A 23 -9.91 21.99 -53.21
N UNK A 24 -11.19 22.19 -53.53
CA UNK A 24 -11.54 23.05 -54.65
C UNK A 24 -11.56 24.51 -54.31
N UNK A 25 -11.52 24.86 -53.02
CA UNK A 25 -11.57 26.24 -52.56
C UNK A 25 -10.15 26.74 -52.28
N UNK A 26 -10.03 27.97 -51.77
CA UNK A 26 -8.74 28.57 -51.45
C UNK A 26 -8.70 29.03 -49.99
N UNK A 27 -7.70 28.58 -49.25
CA UNK A 27 -7.61 28.88 -47.83
C UNK A 27 -6.15 29.00 -47.43
N UNK A 28 -5.74 30.21 -47.02
CA UNK A 28 -4.37 30.42 -46.58
C UNK A 28 -4.14 29.87 -45.18
N UNK A 29 -5.21 29.58 -44.43
CA UNK A 29 -5.08 28.94 -43.13
C UNK A 29 -4.62 27.50 -43.23
N UNK A 30 -4.55 26.95 -44.45
CA UNK A 30 -3.76 25.76 -44.71
C UNK A 30 -2.31 25.91 -44.27
N UNK A 31 -1.80 27.14 -44.22
CA UNK A 31 -0.57 27.43 -43.50
C UNK A 31 -0.95 27.56 -42.01
N UNK A 32 -1.32 26.43 -41.41
CA UNK A 32 -1.23 26.17 -39.97
C UNK A 32 -1.95 27.16 -39.05
N UNK A 33 -2.94 27.88 -39.55
CA UNK A 33 -3.66 28.88 -38.77
C UNK A 33 -4.89 28.22 -38.16
N UNK A 34 -4.83 27.90 -36.88
CA UNK A 34 -5.94 27.23 -36.20
C UNK A 34 -6.55 28.08 -35.09
N UNK A 35 -5.75 28.53 -34.13
CA UNK A 35 -6.24 29.34 -33.04
C UNK A 35 -5.10 30.26 -32.61
N UNK A 36 -5.24 30.88 -31.44
CA UNK A 36 -4.07 31.39 -30.75
C UNK A 36 -3.29 30.26 -30.10
N UNK A 37 -3.89 29.08 -30.01
CA UNK A 37 -3.24 27.84 -29.63
C UNK A 37 -3.11 26.92 -30.85
N UNK A 38 -2.87 27.52 -32.00
CA UNK A 38 -2.75 26.81 -33.27
C UNK A 38 -1.69 25.73 -33.24
N UNK A 39 -2.11 24.48 -33.29
CA UNK A 39 -1.18 23.36 -33.23
C UNK A 39 -0.78 22.85 -34.60
N UNK A 40 -0.36 23.78 -35.49
CA UNK A 40 0.05 23.48 -36.86
C UNK A 40 -1.08 22.79 -37.64
N UNK A 41 -2.12 23.60 -37.91
CA UNK A 41 -3.49 23.16 -38.23
C UNK A 41 -3.58 21.99 -39.20
N UNK A 42 -2.68 21.92 -40.17
CA UNK A 42 -2.60 20.75 -41.03
C UNK A 42 -2.18 19.51 -40.26
N UNK A 43 -1.05 19.60 -39.55
CA UNK A 43 -0.62 18.48 -38.72
C UNK A 43 -1.56 18.26 -37.55
N UNK A 44 -2.24 19.32 -37.10
CA UNK A 44 -3.25 19.18 -36.06
C UNK A 44 -4.42 18.36 -36.55
N UNK A 45 -4.83 18.57 -37.79
CA UNK A 45 -5.81 17.69 -38.40
C UNK A 45 -5.27 16.29 -38.57
N UNK A 46 -3.96 16.18 -38.84
CA UNK A 46 -3.39 14.88 -39.13
C UNK A 46 -3.29 14.02 -37.89
N UNK A 47 -3.01 14.63 -36.74
CA UNK A 47 -2.69 13.85 -35.55
C UNK A 47 -3.91 13.16 -34.96
N UNK A 48 -5.12 13.64 -35.25
CA UNK A 48 -6.29 12.83 -34.99
C UNK A 48 -6.21 11.62 -35.90
N UNK A 49 -6.28 10.43 -35.30
CA UNK A 49 -5.87 9.18 -35.93
C UNK A 49 -6.74 8.78 -37.12
N UNK A 50 -7.73 9.57 -37.49
CA UNK A 50 -8.31 9.44 -38.81
C UNK A 50 -7.20 9.90 -39.72
N UNK A 51 -6.53 8.94 -40.34
CA UNK A 51 -5.40 9.24 -41.20
C UNK A 51 -5.86 9.39 -42.63
N UNK A 52 -7.15 9.21 -42.90
CA UNK A 52 -7.66 9.39 -44.24
C UNK A 52 -7.56 10.84 -44.66
N UNK A 53 -8.07 11.74 -43.82
CA UNK A 53 -7.97 13.17 -44.11
C UNK A 53 -6.52 13.63 -44.05
N UNK A 54 -5.71 12.98 -43.22
CA UNK A 54 -4.28 13.27 -43.19
C UNK A 54 -3.64 12.93 -44.53
N UNK A 55 -4.01 11.79 -45.11
CA UNK A 55 -3.50 11.44 -46.42
C UNK A 55 -4.04 12.35 -47.49
N UNK A 56 -5.28 12.83 -47.33
CA UNK A 56 -5.88 13.72 -48.30
C UNK A 56 -5.15 15.06 -48.33
N UNK A 57 -4.84 15.59 -47.16
CA UNK A 57 -4.00 16.78 -47.11
C UNK A 57 -2.58 16.46 -47.57
N UNK A 58 -2.14 15.22 -47.36
CA UNK A 58 -0.81 14.82 -47.79
C UNK A 58 -0.72 14.68 -49.31
N UNK A 59 -1.86 14.64 -50.00
CA UNK A 59 -1.85 14.62 -51.45
C UNK A 59 -1.28 15.92 -52.02
N UNK A 60 -1.48 17.03 -51.32
CA UNK A 60 -0.85 18.29 -51.70
C UNK A 60 -0.64 19.06 -50.40
N UNK A 61 0.60 19.08 -49.91
CA UNK A 61 0.92 19.64 -48.60
C UNK A 61 2.03 20.67 -48.73
N UNK A 62 1.86 21.61 -49.67
CA UNK A 62 2.90 22.59 -49.98
C UNK A 62 3.11 23.63 -48.88
N UNK A 63 2.19 23.74 -47.92
CA UNK A 63 2.32 24.68 -46.82
C UNK A 63 1.98 23.96 -45.53
N UNK A 64 2.98 23.35 -44.90
CA UNK A 64 2.76 22.60 -43.67
C UNK A 64 4.07 22.49 -42.91
N UNK A 65 3.94 22.28 -41.61
CA UNK A 65 5.10 21.89 -40.83
C UNK A 65 5.49 20.47 -41.20
N UNK A 66 6.78 20.17 -41.08
CA UNK A 66 7.27 18.84 -41.42
C UNK A 66 7.92 18.12 -40.26
N UNK A 67 8.93 18.73 -39.62
CA UNK A 67 9.71 18.03 -38.61
C UNK A 67 8.89 17.80 -37.35
N UNK A 68 8.26 18.86 -36.84
CA UNK A 68 7.36 18.73 -35.70
C UNK A 68 6.13 17.92 -36.04
N UNK A 69 5.73 17.94 -37.32
CA UNK A 69 4.58 17.15 -37.76
C UNK A 69 4.85 15.66 -37.61
N UNK A 70 5.97 15.19 -38.17
CA UNK A 70 6.28 13.77 -38.07
C UNK A 70 6.64 13.37 -36.66
N UNK A 71 7.22 14.29 -35.87
CA UNK A 71 7.53 13.96 -34.48
C UNK A 71 6.27 13.76 -33.67
N UNK A 72 5.30 14.67 -33.79
CA UNK A 72 4.04 14.51 -33.07
C UNK A 72 3.23 13.37 -33.63
N UNK A 73 3.44 13.04 -34.89
CA UNK A 73 2.81 11.86 -35.46
C UNK A 73 3.34 10.60 -34.80
N UNK A 74 4.66 10.43 -34.80
CA UNK A 74 5.27 9.23 -34.26
C UNK A 74 5.27 9.19 -32.74
N UNK A 75 4.89 10.28 -32.07
CA UNK A 75 4.68 10.22 -30.63
C UNK A 75 3.55 9.26 -30.29
N UNK A 76 2.40 9.46 -30.92
CA UNK A 76 1.42 8.40 -30.91
C UNK A 76 1.88 7.28 -31.82
N UNK A 77 1.29 6.12 -31.64
CA UNK A 77 1.74 4.95 -32.39
C UNK A 77 0.96 4.74 -33.67
N UNK A 78 0.48 5.81 -34.30
CA UNK A 78 -0.33 5.72 -35.52
C UNK A 78 0.60 5.30 -36.66
N UNK A 79 0.86 4.00 -36.70
CA UNK A 79 1.94 3.46 -37.50
C UNK A 79 1.62 3.53 -38.97
N UNK A 80 0.36 3.34 -39.33
CA UNK A 80 -0.04 3.55 -40.71
C UNK A 80 0.15 5.01 -41.10
N UNK A 81 -0.17 5.93 -40.20
CA UNK A 81 0.10 7.33 -40.46
C UNK A 81 1.58 7.61 -40.44
N UNK A 82 2.35 6.84 -39.69
CA UNK A 82 3.80 6.98 -39.75
C UNK A 82 4.32 6.57 -41.11
N UNK A 83 3.74 5.52 -41.68
CA UNK A 83 4.08 5.14 -43.05
C UNK A 83 3.62 6.19 -44.04
N UNK A 84 2.50 6.85 -43.74
CA UNK A 84 2.04 7.95 -44.58
C UNK A 84 3.03 9.10 -44.55
N UNK A 85 3.53 9.43 -43.37
CA UNK A 85 4.55 10.47 -43.26
C UNK A 85 5.85 10.03 -43.91
N UNK A 86 6.11 8.72 -43.92
CA UNK A 86 7.28 8.22 -44.63
C UNK A 86 7.13 8.39 -46.13
N UNK A 87 5.94 8.13 -46.67
CA UNK A 87 5.70 8.38 -48.07
C UNK A 87 5.71 9.87 -48.38
N UNK A 88 5.33 10.69 -47.40
CA UNK A 88 5.38 12.14 -47.56
C UNK A 88 6.79 12.66 -47.50
N UNK A 89 7.67 11.96 -46.78
CA UNK A 89 9.07 12.32 -46.60
C UNK A 89 9.92 12.13 -47.85
N UNK A 90 9.31 11.77 -48.98
CA UNK A 90 9.92 12.03 -50.28
C UNK A 90 10.26 13.50 -50.42
N UNK A 91 9.40 14.37 -49.88
CA UNK A 91 9.81 15.75 -49.64
C UNK A 91 10.98 15.81 -48.67
N UNK A 92 10.82 15.21 -47.48
CA UNK A 92 11.83 15.33 -46.45
C UNK A 92 13.06 14.47 -46.74
N UNK A 93 16.31 16.53 -29.03
CA UNK A 93 15.47 16.67 -30.21
C UNK A 93 15.94 15.70 -31.30
N UNK A 94 15.38 14.49 -31.34
CA UNK A 94 15.80 13.49 -32.30
C UNK A 94 14.69 12.49 -32.57
N UNK A 95 14.79 11.81 -33.72
CA UNK A 95 13.73 10.91 -34.16
C UNK A 95 13.74 9.61 -33.38
N UNK A 96 14.88 8.92 -33.36
CA UNK A 96 15.01 7.70 -32.57
C UNK A 96 14.85 7.96 -31.08
N UNK A 97 15.14 9.19 -30.65
CA UNK A 97 14.77 9.61 -29.32
C UNK A 97 13.27 9.49 -29.10
N UNK A 98 12.46 9.88 -30.08
CA UNK A 98 11.01 9.75 -29.93
C UNK A 98 10.59 8.30 -30.00
N UNK A 99 11.32 7.49 -30.78
CA UNK A 99 11.10 6.05 -30.80
C UNK A 99 11.32 5.44 -29.44
N UNK A 100 12.28 5.98 -28.69
CA UNK A 100 12.38 5.61 -27.28
C UNK A 100 11.23 6.18 -26.48
N UNK A 101 10.88 7.44 -26.73
CA UNK A 101 9.93 8.20 -25.92
C UNK A 101 8.51 7.69 -26.00
N UNK A 102 8.20 6.80 -26.94
CA UNK A 102 6.98 6.03 -26.84
C UNK A 102 7.20 4.52 -26.89
N UNK A 103 8.43 4.07 -27.15
CA UNK A 103 8.83 2.66 -27.09
C UNK A 103 8.01 1.78 -28.02
N UNK A 104 7.64 2.31 -29.18
CA UNK A 104 6.85 1.57 -30.16
C UNK A 104 7.79 0.75 -31.04
N UNK A 105 7.98 -0.52 -30.68
CA UNK A 105 8.99 -1.37 -31.29
C UNK A 105 8.71 -1.65 -32.77
N UNK A 106 7.44 -1.72 -33.15
CA UNK A 106 7.12 -1.98 -34.56
C UNK A 106 7.45 -0.77 -35.42
N UNK A 107 7.12 0.42 -34.94
CA UNK A 107 7.54 1.62 -35.65
C UNK A 107 9.04 1.79 -35.58
N UNK A 108 9.68 1.27 -34.53
CA UNK A 108 11.13 1.33 -34.45
C UNK A 108 11.76 0.45 -35.53
N UNK A 109 11.18 -0.72 -35.79
CA UNK A 109 11.68 -1.54 -36.89
C UNK A 109 11.30 -0.94 -38.23
N UNK A 110 10.23 -0.17 -38.28
CA UNK A 110 9.89 0.54 -39.52
C UNK A 110 10.92 1.62 -39.82
N UNK A 111 11.30 2.39 -38.82
CA UNK A 111 12.26 3.46 -39.05
C UNK A 111 13.67 2.91 -39.25
N UNK A 112 14.05 1.93 -38.45
CA UNK A 112 15.35 1.28 -38.63
C UNK A 112 15.38 0.37 -39.86
N UNK A 113 14.23 0.08 -40.45
CA UNK A 113 14.24 -0.46 -41.79
C UNK A 113 14.77 0.55 -42.77
N UNK A 114 14.51 1.83 -42.55
CA UNK A 114 15.24 2.86 -43.26
C UNK A 114 16.55 3.13 -42.52
N UNK A 115 17.30 4.10 -43.01
CA UNK A 115 18.62 4.38 -42.46
C UNK A 115 18.51 5.04 -41.10
N UNK A 116 19.15 4.45 -40.10
CA UNK A 116 19.09 4.96 -38.74
C UNK A 116 20.31 4.50 -37.97
N UNK A 117 20.60 5.20 -36.88
CA UNK A 117 21.68 4.83 -35.99
C UNK A 117 21.42 5.36 -34.59
N UNK A 118 27.42 8.61 -26.76
CA UNK A 118 27.79 9.29 -27.99
C UNK A 118 28.17 10.75 -27.73
N UNK A 119 29.20 10.96 -26.91
CA UNK A 119 29.68 12.30 -26.56
C UNK A 119 31.08 12.50 -27.15
N UNK A 120 31.12 13.04 -28.36
CA UNK A 120 32.37 13.17 -29.10
C UNK A 120 32.99 14.53 -28.79
N UNK A 121 34.09 14.83 -29.48
CA UNK A 121 34.68 16.17 -29.43
C UNK A 121 33.78 17.24 -30.04
N UNK A 122 32.84 16.87 -30.91
CA UNK A 122 31.84 17.81 -31.37
C UNK A 122 30.87 18.19 -30.25
N UNK A 123 30.74 17.35 -29.23
CA UNK A 123 30.03 17.75 -28.02
C UNK A 123 30.79 18.85 -27.27
N UNK A 124 32.13 18.81 -27.33
CA UNK A 124 32.89 19.93 -26.81
C UNK A 124 32.78 21.13 -27.73
N UNK A 125 32.57 20.91 -29.02
CA UNK A 125 32.32 22.01 -29.94
C UNK A 125 30.97 22.67 -29.68
N UNK A 126 30.01 21.92 -29.12
CA UNK A 126 28.83 22.54 -28.52
C UNK A 126 29.30 23.39 -27.36
N UNK A 127 29.05 24.69 -27.44
CA UNK A 127 29.80 25.68 -26.67
C UNK A 127 29.45 25.66 -25.18
N UNK A 128 29.83 24.56 -24.52
CA UNK A 128 29.60 24.32 -23.09
C UNK A 128 28.13 24.47 -22.72
N UNK A 129 27.26 24.03 -23.63
CA UNK A 129 25.83 24.21 -23.48
C UNK A 129 25.30 23.17 -22.49
N UNK A 130 25.25 23.59 -21.23
CA UNK A 130 24.78 22.78 -20.11
C UNK A 130 23.35 22.29 -20.33
N UNK A 131 22.52 23.11 -20.96
CA UNK A 131 21.21 22.65 -21.35
C UNK A 131 21.30 21.58 -22.42
N UNK A 132 22.22 21.72 -23.37
CA UNK A 132 22.43 20.63 -24.33
C UNK A 132 23.17 19.48 -23.68
N UNK A 133 23.90 19.75 -22.59
CA UNK A 133 24.48 18.64 -21.85
C UNK A 133 23.38 17.82 -21.17
N UNK A 134 22.37 18.49 -20.62
CA UNK A 134 21.23 17.79 -20.07
C UNK A 134 20.43 17.11 -21.17
N UNK A 135 20.35 17.76 -22.34
CA UNK A 135 19.72 17.15 -23.48
C UNK A 135 20.49 15.93 -23.94
N UNK A 136 21.81 15.95 -23.81
CA UNK A 136 22.61 14.78 -24.13
C UNK A 136 22.39 13.69 -23.11
N UNK A 137 22.16 14.07 -21.86
CA UNK A 137 21.82 13.07 -20.84
C UNK A 137 20.49 12.40 -21.16
N UNK A 138 19.50 13.19 -21.53
CA UNK A 138 18.23 12.64 -21.99
C UNK A 138 18.40 11.83 -23.26
N UNK A 139 19.34 12.22 -24.10
CA UNK A 139 19.58 11.50 -25.34
C UNK A 139 20.24 10.16 -25.08
N UNK A 140 21.12 10.08 -24.08
CA UNK A 140 21.68 8.80 -23.70
C UNK A 140 20.62 7.93 -23.06
N UNK A 141 19.68 8.54 -22.33
CA UNK A 141 18.56 7.78 -21.78
C UNK A 141 17.64 7.29 -22.88
N UNK A 142 17.57 7.99 -23.98
CA UNK A 142 16.81 7.50 -25.12
C UNK A 142 17.57 6.41 -25.85
N UNK A 143 18.87 6.61 -26.07
CA UNK A 143 19.67 5.75 -26.93
C UNK A 143 19.97 4.40 -26.32
N UNK A 144 19.66 4.20 -25.04
CA UNK A 144 19.77 2.87 -24.45
C UNK A 144 18.78 1.90 -25.07
N UNK A 145 17.59 2.39 -25.42
CA UNK A 145 16.66 1.75 -26.34
C UNK A 145 16.17 0.38 -25.83
N UNK A 146 15.47 0.43 -24.69
CA UNK A 146 15.05 -0.79 -24.00
C UNK A 146 14.09 -1.62 -24.81
N UNK A 147 13.36 -1.01 -25.72
CA UNK A 147 12.76 -1.78 -26.79
C UNK A 147 13.70 -1.92 -27.97
N UNK A 148 14.25 -0.81 -28.43
CA UNK A 148 14.98 -0.82 -29.69
C UNK A 148 16.40 -1.29 -29.54
N UNK A 149 16.74 -1.99 -28.45
CA UNK A 149 17.91 -2.85 -28.48
C UNK A 149 17.69 -4.02 -29.42
N UNK A 150 16.42 -4.39 -29.65
CA UNK A 150 16.10 -5.25 -30.78
C UNK A 150 16.45 -4.56 -32.09
N UNK A 151 16.24 -3.26 -32.15
CA UNK A 151 16.62 -2.51 -33.33
C UNK A 151 18.11 -2.20 -33.37
N UNK A 152 18.87 -2.59 -32.35
CA UNK A 152 20.31 -2.64 -32.52
C UNK A 152 20.70 -3.80 -33.42
N UNK A 153 21.99 -3.92 -33.71
CA UNK A 153 22.45 -4.91 -34.66
C UNK A 153 22.32 -6.32 -34.10
N UNK A 154 23.09 -6.62 -33.06
CA UNK A 154 23.11 -7.94 -32.45
C UNK A 154 23.75 -7.81 -31.07
N UNK A 155 24.11 -8.97 -30.49
CA UNK A 155 24.91 -9.08 -29.27
C UNK A 155 24.24 -8.38 -28.10
N UNK A 156 22.92 -8.58 -27.99
CA UNK A 156 22.13 -7.83 -27.03
C UNK A 156 22.49 -8.19 -25.60
N UNK A 157 23.02 -9.38 -25.37
CA UNK A 157 23.61 -9.67 -24.07
C UNK A 157 24.88 -8.88 -23.88
N UNK A 158 25.75 -8.88 -24.89
CA UNK A 158 26.97 -8.11 -24.83
C UNK A 158 26.67 -6.63 -24.80
N UNK A 159 25.69 -6.20 -25.61
CA UNK A 159 25.23 -4.82 -25.55
C UNK A 159 24.59 -4.51 -24.21
N UNK A 160 24.01 -5.52 -23.56
CA UNK A 160 23.35 -5.29 -22.30
C UNK A 160 24.36 -5.06 -21.20
N UNK A 161 25.39 -5.89 -21.14
CA UNK A 161 26.45 -5.67 -20.16
C UNK A 161 27.24 -4.41 -20.49
N UNK A 162 27.30 -4.06 -21.77
CA UNK A 162 27.86 -2.78 -22.17
C UNK A 162 27.02 -1.63 -21.63
N UNK A 163 25.70 -1.79 -21.66
CA UNK A 163 24.82 -0.78 -21.08
C UNK A 163 24.94 -0.75 -19.58
N UNK A 164 25.25 -1.89 -18.97
CA UNK A 164 25.46 -1.94 -17.53
C UNK A 164 26.68 -1.15 -17.13
N UNK A 165 27.79 -1.38 -17.83
CA UNK A 165 28.98 -0.57 -17.60
C UNK A 165 28.76 0.88 -17.99
N UNK A 166 27.93 1.12 -19.00
CA UNK A 166 27.62 2.50 -19.40
C UNK A 166 26.81 3.21 -18.34
N UNK A 167 25.86 2.50 -17.75
CA UNK A 167 25.09 3.06 -16.67
C UNK A 167 25.93 3.19 -15.42
N UNK A 168 26.95 2.35 -15.26
CA UNK A 168 27.89 2.52 -14.17
C UNK A 168 28.70 3.78 -14.36
N UNK A 169 29.10 4.05 -15.60
CA UNK A 169 29.77 5.30 -15.90
C UNK A 169 28.85 6.50 -15.68
N UNK A 170 27.57 6.32 -15.97
CA UNK A 170 26.60 7.34 -15.64
C UNK A 170 26.42 7.47 -14.14
N UNK A 171 26.62 6.37 -13.42
CA UNK A 171 26.53 6.39 -11.98
C UNK A 171 27.76 7.01 -11.34
N UNK A 172 28.85 7.11 -12.09
CA UNK A 172 30.00 7.87 -11.60
C UNK A 172 29.65 9.34 -11.47
N UNK A 173 28.86 9.86 -12.40
CA UNK A 173 28.31 11.19 -12.25
C UNK A 173 26.99 11.14 -11.50
N UNK A 174 26.51 12.31 -11.08
CA UNK A 174 25.24 12.37 -10.37
C UNK A 174 24.42 13.60 -10.79
N UNK A 175 24.55 14.02 -12.05
CA UNK A 175 23.72 15.12 -12.54
C UNK A 175 22.25 14.71 -12.54
N UNK A 176 21.96 13.57 -13.11
CA UNK A 176 20.73 12.85 -12.83
C UNK A 176 21.13 11.40 -12.56
N UNK A 177 21.56 11.12 -11.33
CA UNK A 177 21.85 9.74 -10.94
C UNK A 177 20.55 8.97 -10.75
N UNK A 178 19.46 9.67 -10.47
CA UNK A 178 18.14 9.04 -10.46
C UNK A 178 17.78 8.53 -11.84
N UNK A 179 17.91 9.40 -12.85
CA UNK A 179 17.61 8.99 -14.20
C UNK A 179 18.64 8.00 -14.73
N UNK A 180 19.88 8.11 -14.25
CA UNK A 180 20.89 7.13 -14.63
C UNK A 180 20.55 5.75 -14.08
N UNK A 181 20.08 5.69 -12.83
CA UNK A 181 19.64 4.43 -12.27
C UNK A 181 18.39 3.92 -12.97
N UNK A 182 17.55 4.84 -13.46
CA UNK A 182 16.37 4.43 -14.21
C UNK A 182 16.75 3.77 -15.52
N UNK A 183 17.71 4.36 -16.23
CA UNK A 183 18.19 3.75 -17.46
C UNK A 183 18.90 2.43 -17.15
N UNK A 184 19.59 2.36 -16.02
CA UNK A 184 20.21 1.13 -15.57
C UNK A 184 19.17 0.04 -15.37
N UNK A 185 18.05 0.42 -14.75
CA UNK A 185 16.99 -0.53 -14.51
C UNK A 185 16.35 -0.98 -15.81
N UNK A 186 16.21 -0.07 -16.78
CA UNK A 186 15.64 -0.46 -18.06
C UNK A 186 16.53 -1.43 -18.81
N UNK A 187 17.85 -1.20 -18.76
CA UNK A 187 18.78 -2.09 -19.44
C UNK A 187 18.82 -3.45 -18.78
N UNK A 188 18.94 -3.48 -17.45
CA UNK A 188 18.96 -4.74 -16.75
C UNK A 188 17.63 -5.46 -16.86
N UNK A 189 16.54 -4.71 -17.03
CA UNK A 189 15.25 -5.33 -17.18
C UNK A 189 15.12 -5.99 -18.55
N UNK A 190 15.65 -5.36 -19.59
CA UNK A 190 15.66 -6.00 -20.90
C UNK A 190 16.53 -7.23 -20.90
N UNK A 191 17.61 -7.19 -20.13
CA UNK A 191 18.46 -8.36 -19.97
C UNK A 191 17.72 -9.48 -19.26
N UNK A 192 17.00 -9.16 -18.19
CA UNK A 192 16.26 -10.18 -17.48
C UNK A 192 15.10 -10.69 -18.31
N UNK A 193 14.57 -9.84 -19.18
CA UNK A 193 13.50 -10.25 -20.09
C UNK A 193 14.02 -11.25 -21.10
N UNK A 194 15.24 -11.05 -21.55
CA UNK A 194 15.88 -12.08 -22.36
C UNK A 194 16.11 -13.33 -21.52
N UNK A 195 16.47 -13.16 -20.25
CA UNK A 195 16.91 -14.28 -19.42
C UNK A 195 15.75 -15.22 -19.12
N UNK A 196 14.58 -14.67 -18.85
CA UNK A 196 13.42 -15.53 -18.63
C UNK A 196 12.83 -16.04 -19.93
N UNK A 197 13.25 -15.52 -21.07
CA UNK A 197 12.71 -15.94 -22.34
C UNK A 197 13.28 -17.27 -22.82
N UNK A 198 14.13 -17.92 -22.02
CA UNK A 198 14.79 -19.15 -22.42
C UNK A 198 13.79 -20.31 -22.44
N UNK A 199 13.47 -20.79 -23.64
CA UNK A 199 12.60 -21.96 -23.75
C UNK A 199 13.34 -23.24 -23.40
N UNK A 200 14.39 -23.56 -24.16
CA UNK A 200 15.21 -24.72 -23.89
C UNK A 200 16.59 -24.29 -23.43
N UNK A 201 17.28 -25.21 -22.75
CA UNK A 201 18.55 -24.88 -22.13
C UNK A 201 19.67 -24.69 -23.14
N UNK A 202 19.49 -25.16 -24.37
CA UNK A 202 20.51 -24.97 -25.39
C UNK A 202 20.66 -23.50 -25.74
N UNK A 203 19.54 -22.82 -25.95
CA UNK A 203 19.59 -21.38 -26.17
C UNK A 203 20.04 -20.64 -24.92
N UNK A 204 19.78 -21.20 -23.75
CA UNK A 204 20.26 -20.61 -22.51
C UNK A 204 21.78 -20.65 -22.43
N UNK A 205 22.37 -21.77 -22.82
CA UNK A 205 23.82 -21.89 -22.75
C UNK A 205 24.50 -21.09 -23.84
N UNK A 206 23.88 -21.02 -25.02
CA UNK A 206 24.42 -20.16 -26.07
C UNK A 206 24.31 -18.69 -25.68
N UNK A 207 23.30 -18.35 -24.89
CA UNK A 207 23.25 -17.03 -24.28
C UNK A 207 24.35 -16.89 -23.24
N UNK A 208 24.36 -17.77 -22.24
CA UNK A 208 25.34 -17.69 -21.18
C UNK A 208 26.65 -18.35 -21.66
N UNK A 209 27.31 -17.67 -22.59
CA UNK A 209 28.62 -18.12 -23.02
C UNK A 209 29.63 -17.95 -21.89
N UNK A 210 29.65 -16.78 -21.27
CA UNK A 210 30.34 -16.57 -20.01
C UNK A 210 29.44 -15.67 -19.18
N UNK A 211 28.55 -16.30 -18.41
CA UNK A 211 27.62 -15.55 -17.58
C UNK A 211 28.29 -14.90 -16.39
N UNK A 212 29.54 -15.24 -16.11
CA UNK A 212 30.32 -14.57 -15.08
C UNK A 212 30.55 -13.10 -15.40
N UNK A 213 30.41 -12.72 -16.67
CA UNK A 213 30.40 -11.32 -17.06
C UNK A 213 29.28 -10.53 -16.38
N UNK A 214 28.21 -11.20 -15.95
CA UNK A 214 27.20 -10.56 -15.12
C UNK A 214 27.79 -10.08 -13.81
N UNK A 215 28.67 -10.88 -13.23
CA UNK A 215 29.42 -10.39 -12.09
C UNK A 215 30.39 -9.29 -12.50
N UNK A 216 30.85 -9.31 -13.76
CA UNK A 216 31.50 -8.12 -14.28
C UNK A 216 30.49 -7.00 -14.46
N UNK A 217 29.26 -7.36 -14.83
CA UNK A 217 28.20 -6.37 -14.81
C UNK A 217 27.83 -5.99 -13.38
N UNK A 218 28.10 -6.89 -12.43
CA UNK A 218 28.16 -6.58 -11.00
C UNK A 218 26.82 -6.08 -10.44
N UNK A 219 25.84 -6.96 -10.43
CA UNK A 219 24.56 -6.69 -9.79
C UNK A 219 24.00 -8.01 -9.27
N UNK A 220 22.71 -8.02 -8.95
CA UNK A 220 22.04 -9.28 -8.70
C UNK A 220 21.79 -10.03 -9.99
N UNK A 221 21.41 -9.28 -11.04
CA UNK A 221 21.33 -9.73 -12.43
C UNK A 221 20.36 -10.87 -12.66
N UNK A 222 19.37 -11.01 -11.75
CA UNK A 222 18.18 -11.83 -11.94
C UNK A 222 18.52 -13.30 -12.18
N UNK A 223 19.08 -13.91 -11.15
CA UNK A 223 19.33 -15.35 -11.23
C UNK A 223 18.01 -16.10 -11.15
N UNK A 224 17.40 -16.39 -12.30
CA UNK A 224 16.12 -17.09 -12.34
C UNK A 224 16.34 -18.60 -12.43
N UNK A 225 16.98 -19.05 -13.49
CA UNK A 225 17.32 -20.46 -13.66
C UNK A 225 18.79 -20.65 -13.40
N UNK A 226 19.12 -21.59 -12.51
CA UNK A 226 20.51 -21.86 -12.17
C UNK A 226 20.77 -23.35 -12.22
N UNK A 227 20.22 -24.01 -13.23
CA UNK A 227 20.32 -25.45 -13.32
C UNK A 227 21.73 -25.90 -13.70
N UNK A 228 22.37 -25.16 -14.60
CA UNK A 228 23.77 -25.46 -14.89
C UNK A 228 24.65 -25.12 -13.70
N UNK A 229 24.23 -24.14 -12.90
CA UNK A 229 24.91 -23.88 -11.63
C UNK A 229 24.73 -25.04 -10.67
N UNK A 230 23.55 -25.67 -10.71
CA UNK A 230 23.36 -26.88 -9.94
C UNK A 230 24.22 -28.02 -10.48
N UNK A 231 24.46 -28.03 -11.79
CA UNK A 231 25.40 -28.98 -12.34
C UNK A 231 26.81 -28.69 -11.86
N UNK A 232 27.13 -27.41 -11.67
CA UNK A 232 28.38 -27.07 -11.00
C UNK A 232 28.31 -27.42 -9.53
N UNK A 233 27.35 -26.84 -8.81
CA UNK A 233 27.24 -27.10 -7.40
C UNK A 233 26.41 -28.35 -7.14
N UNK A 234 28.33 -30.54 -9.11
CA UNK A 234 29.17 -31.50 -8.40
C UNK A 234 30.41 -30.82 -7.82
N UNK A 235 31.28 -30.36 -8.72
CA UNK A 235 32.60 -29.92 -8.31
C UNK A 235 32.59 -28.58 -7.58
N UNK A 236 31.61 -27.72 -7.87
CA UNK A 236 31.49 -26.51 -7.07
C UNK A 236 30.95 -26.84 -5.69
N UNK A 237 30.05 -27.82 -5.60
CA UNK A 237 29.66 -28.33 -4.29
C UNK A 237 30.83 -29.03 -3.62
N UNK A 238 31.70 -29.65 -4.40
CA UNK A 238 32.90 -30.27 -3.84
C UNK A 238 33.85 -29.21 -3.28
N UNK A 239 34.00 -28.09 -3.98
CA UNK A 239 34.84 -27.02 -3.48
C UNK A 239 34.22 -26.32 -2.28
N UNK A 240 32.89 -26.22 -2.26
CA UNK A 240 32.20 -25.74 -1.07
C UNK A 240 32.42 -26.68 0.11
N UNK A 241 32.49 -27.98 -0.16
CA UNK A 241 32.81 -28.93 0.89
C UNK A 241 34.25 -28.79 1.34
N UNK A 242 35.15 -28.45 0.42
CA UNK A 242 36.54 -28.21 0.80
C UNK A 242 36.65 -26.99 1.70
N UNK A 243 35.90 -25.95 1.36
CA UNK A 243 35.82 -24.79 2.22
C UNK A 243 35.17 -25.12 3.56
N UNK A 244 34.21 -26.05 3.55
CA UNK A 244 33.58 -26.49 4.78
C UNK A 244 34.56 -27.22 5.67
N UNK A 245 35.42 -28.03 5.06
CA UNK A 245 36.47 -28.70 5.82
C UNK A 245 37.50 -27.71 6.35
N UNK A 246 37.78 -26.66 5.58
CA UNK A 246 38.69 -25.62 6.06
C UNK A 246 38.09 -24.88 7.24
N UNK A 247 36.80 -24.58 7.17
CA UNK A 247 36.11 -23.97 8.31
C UNK A 247 36.03 -24.92 9.49
N UNK A 248 35.94 -26.22 9.22
CA UNK A 248 35.98 -27.22 10.27
C UNK A 248 37.34 -27.23 10.95
N UNK A 249 38.40 -27.03 10.17
CA UNK A 249 39.74 -26.93 10.74
C UNK A 249 39.88 -25.65 11.57
N UNK A 250 39.27 -24.57 11.12
CA UNK A 250 39.28 -23.32 11.88
C UNK A 250 38.55 -23.48 13.20
N UNK A 251 37.43 -24.20 13.19
CA UNK A 251 36.72 -24.49 14.42
C UNK A 251 37.51 -25.43 15.30
N UNK A 252 38.21 -26.38 14.69
CA UNK A 252 39.04 -27.33 15.42
C UNK A 252 40.25 -26.67 16.04
N UNK A 253 40.63 -25.50 15.54
CA UNK A 253 41.71 -24.73 16.15
C UNK A 253 41.37 -24.24 17.55
N UNK A 254 40.09 -24.26 17.95
CA UNK A 254 39.65 -23.72 19.22
C UNK A 254 39.75 -24.71 20.37
N UNK A 255 40.62 -25.72 20.26
CA UNK A 255 40.69 -26.76 21.28
C UNK A 255 41.72 -26.46 22.36
N UNK A 256 41.96 -25.18 22.65
CA UNK A 256 43.05 -24.81 23.55
C UNK A 256 42.79 -25.18 24.99
N UNK A 257 41.56 -25.49 25.36
CA UNK A 257 41.26 -25.95 26.72
C UNK A 257 41.78 -27.35 26.92
N UNK A 258 51.66 -29.46 19.86
CA UNK A 258 50.25 -29.61 20.20
C UNK A 258 49.54 -28.29 20.04
N UNK A 259 49.58 -27.48 21.10
CA UNK A 259 49.14 -26.10 20.97
C UNK A 259 50.08 -25.32 20.07
N UNK A 260 51.37 -25.65 20.13
CA UNK A 260 52.30 -25.16 19.12
C UNK A 260 51.92 -25.72 17.75
N UNK A 261 51.50 -26.98 17.69
CA UNK A 261 51.02 -27.53 16.43
C UNK A 261 49.68 -26.94 16.03
N UNK A 262 48.87 -26.52 17.01
CA UNK A 262 47.65 -25.79 16.70
C UNK A 262 47.97 -24.45 16.06
N UNK A 263 48.95 -23.75 16.62
CA UNK A 263 49.43 -22.51 16.01
C UNK A 263 50.07 -22.77 14.66
N UNK A 264 50.62 -23.96 14.47
CA UNK A 264 51.18 -24.32 13.18
C UNK A 264 50.10 -24.48 12.12
N UNK A 265 48.99 -25.13 12.47
CA UNK A 265 47.87 -25.25 11.54
C UNK A 265 47.26 -23.88 11.25
N UNK A 266 47.25 -23.02 12.27
CA UNK A 266 46.79 -21.65 12.09
C UNK A 266 47.67 -20.88 11.12
N UNK A 267 49.00 -20.98 11.28
CA UNK A 267 49.91 -20.31 10.39
C UNK A 267 49.87 -20.91 8.99
N UNK A 268 49.51 -22.19 8.89
CA UNK A 268 49.29 -22.81 7.59
C UNK A 268 48.13 -22.18 6.86
N UNK A 269 47.00 -21.98 7.57
CA UNK A 269 45.87 -21.29 6.96
C UNK A 269 46.20 -19.84 6.63
N UNK A 270 47.01 -19.19 7.47
CA UNK A 270 47.38 -17.79 7.24
C UNK A 270 48.26 -17.65 6.01
N UNK A 271 49.25 -18.52 5.85
CA UNK A 271 50.08 -18.51 4.66
C UNK A 271 49.31 -18.93 3.43
N UNK A 272 48.28 -19.76 3.61
CA UNK A 272 47.39 -20.09 2.49
C UNK A 272 46.63 -18.86 2.01
N UNK A 273 46.13 -18.06 2.95
CA UNK A 273 45.44 -16.83 2.57
C UNK A 273 46.40 -15.82 1.94
N UNK A 274 47.63 -15.76 2.46
CA UNK A 274 48.64 -14.85 1.92
C UNK A 274 49.03 -15.25 0.51
N UNK A 275 49.14 -16.54 0.25
CA UNK A 275 49.40 -17.00 -1.12
C UNK A 275 48.19 -16.79 -2.00
N UNK A 276 46.99 -16.84 -1.42
CA UNK A 276 45.77 -16.63 -2.20
C UNK A 276 45.63 -15.17 -2.62
N UNK A 277 46.19 -14.25 -1.85
CA UNK A 277 46.03 -12.84 -2.14
C UNK A 277 46.94 -12.31 -3.26
N UNK A 278 47.57 -13.18 -4.06
CA UNK A 278 48.53 -12.72 -5.06
C UNK A 278 47.87 -12.07 -6.26
N UNK A 279 46.58 -12.27 -6.46
CA UNK A 279 45.88 -11.63 -7.57
C UNK A 279 45.62 -10.17 -7.24
N UNK A 280 35.50 -8.30 -1.33
CA UNK A 280 36.64 -8.85 -0.60
C UNK A 280 36.66 -8.29 0.81
N UNK A 281 35.49 -7.87 1.29
CA UNK A 281 35.41 -7.24 2.61
C UNK A 281 35.68 -8.25 3.70
N UNK A 282 34.97 -9.39 3.68
CA UNK A 282 35.27 -10.46 4.61
C UNK A 282 36.62 -11.08 4.31
N UNK A 283 37.08 -11.01 3.07
CA UNK A 283 38.43 -11.45 2.75
C UNK A 283 39.46 -10.53 3.39
N UNK A 284 39.17 -9.22 3.42
CA UNK A 284 40.02 -8.29 4.15
C UNK A 284 39.98 -8.57 5.64
N UNK A 285 38.81 -8.97 6.14
CA UNK A 285 38.71 -9.38 7.54
C UNK A 285 39.55 -10.62 7.82
N UNK A 286 39.59 -11.54 6.86
CA UNK A 286 40.40 -12.75 7.01
C UNK A 286 41.88 -12.42 6.97
N UNK A 287 42.27 -11.48 6.12
CA UNK A 287 43.67 -11.06 6.08
C UNK A 287 44.07 -10.37 7.36
N UNK A 288 43.17 -9.55 7.92
CA UNK A 288 43.43 -8.92 9.20
C UNK A 288 43.49 -9.94 10.32
N UNK A 289 42.67 -10.99 10.23
CA UNK A 289 42.69 -12.05 11.24
C UNK A 289 43.99 -12.82 11.18
N UNK A 290 44.47 -13.10 9.97
CA UNK A 290 45.76 -13.74 9.80
C UNK A 290 46.89 -12.85 10.30
N UNK A 291 46.74 -11.53 10.13
CA UNK A 291 47.72 -10.60 10.65
C UNK A 291 47.74 -10.60 12.17
N UNK A 292 46.57 -10.66 12.80
CA UNK A 292 46.49 -10.71 14.24
C UNK A 292 47.06 -12.02 14.77
N UNK A 293 46.81 -13.11 14.03
CA UNK A 293 47.39 -14.40 14.38
C UNK A 293 48.91 -14.39 14.26
N UNK A 294 49.43 -13.76 13.21
CA UNK A 294 50.86 -13.69 13.02
C UNK A 294 51.53 -12.83 14.08
N UNK A 295 50.86 -11.75 14.48
CA UNK A 295 51.41 -10.90 15.54
C UNK A 295 51.42 -11.63 16.87
N UNK A 296 50.35 -12.39 17.15
CA UNK A 296 50.30 -13.17 18.38
C UNK A 296 51.37 -14.25 18.39
N UNK A 297 51.60 -14.88 17.23
CA UNK A 297 52.62 -15.91 17.14
C UNK A 297 54.01 -15.32 17.30
N UNK A 298 54.23 -14.12 16.75
CA UNK A 298 55.52 -13.47 16.89
C UNK A 298 55.75 -13.05 18.33
N UNK A 299 54.70 -12.60 19.01
CA UNK A 299 54.83 -12.21 20.41
C UNK A 299 55.09 -13.42 21.30
N UNK A 300 54.42 -14.54 21.01
CA UNK A 300 54.69 -15.77 21.74
C UNK A 300 56.09 -16.31 21.44
N UNK A 301 56.58 -16.09 20.22
CA UNK A 301 57.93 -16.54 19.89
C UNK A 301 58.97 -15.70 20.60
N UNK A 302 58.72 -14.40 20.72
CA UNK A 302 59.60 -13.53 21.51
C UNK A 302 59.56 -13.92 22.97
N UNK A 303 58.37 -14.30 23.47
CA UNK A 303 58.26 -14.77 24.84
C UNK A 303 59.01 -16.07 25.05
N UNK A 304 58.99 -16.97 24.07
CA UNK A 304 59.71 -18.23 24.19
C UNK A 304 61.21 -18.01 24.07
N UNK A 305 61.63 -17.05 23.25
CA UNK A 305 63.05 -16.74 23.13
C UNK A 305 63.59 -16.10 24.40
N UNK A 306 62.80 -15.21 25.02
CA UNK A 306 63.20 -14.68 26.31
C UNK A 306 63.12 -15.73 27.40
N UNK A 307 62.23 -16.72 27.24
CA UNK A 307 62.09 -17.77 28.23
C UNK A 307 63.24 -18.75 28.14
N UNK A 308 63.59 -19.19 26.94
CA UNK A 308 64.67 -20.14 26.73
C UNK A 308 66.02 -19.44 26.58
N UNK A 309 66.14 -18.20 27.04
CA UNK A 309 67.39 -17.46 26.87
C UNK A 309 68.47 -17.99 27.80
N UNK A 310 68.25 -17.90 29.11
CA UNK A 310 69.24 -18.37 30.05
C UNK A 310 69.14 -19.88 30.22
N UNK A 311 70.07 -20.42 31.00
CA UNK A 311 70.10 -21.85 31.28
C UNK A 311 70.69 -22.09 32.66
N UNK A 312 55.77 -8.51 31.30
CA UNK A 312 54.56 -7.82 30.88
C UNK A 312 54.27 -8.09 29.41
N UNK A 313 55.29 -8.57 28.70
CA UNK A 313 55.12 -8.82 27.26
C UNK A 313 54.29 -10.07 27.00
N UNK A 314 54.31 -11.03 27.93
CA UNK A 314 53.49 -12.23 27.77
C UNK A 314 52.01 -11.91 27.83
N UNK A 315 51.65 -10.89 28.60
CA UNK A 315 50.28 -10.39 28.60
C UNK A 315 49.91 -9.84 27.23
N UNK A 316 50.85 -9.16 26.58
CA UNK A 316 50.61 -8.66 25.23
C UNK A 316 50.49 -9.82 24.23
N UNK A 317 51.25 -10.88 24.45
CA UNK A 317 51.15 -12.06 23.59
C UNK A 317 49.78 -12.71 23.72
N UNK A 318 49.31 -12.88 24.95
CA UNK A 318 47.99 -13.45 25.18
C UNK A 318 46.89 -12.53 24.68
N UNK A 319 47.11 -11.21 24.73
CA UNK A 319 46.11 -10.27 24.25
C UNK A 319 45.96 -10.33 22.74
N UNK A 320 47.09 -10.39 22.02
CA UNK A 320 47.01 -10.56 20.58
C UNK A 320 46.43 -11.91 20.22
N UNK A 321 46.68 -12.93 21.05
CA UNK A 321 46.06 -14.24 20.84
C UNK A 321 44.56 -14.16 20.98
N UNK A 322 44.07 -13.44 21.99
CA UNK A 322 42.63 -13.31 22.17
C UNK A 322 41.99 -12.48 21.07
N UNK A 323 42.70 -11.45 20.61
CA UNK A 323 42.20 -10.61 19.53
C UNK A 323 42.08 -11.41 18.25
N UNK A 324 43.08 -12.23 17.94
CA UNK A 324 43.00 -13.10 16.79
C UNK A 324 41.93 -14.17 16.97
N UNK A 325 41.69 -14.60 18.22
CA UNK A 325 40.64 -15.59 18.47
C UNK A 325 39.26 -15.01 18.17
N UNK A 326 39.05 -13.77 18.60
CA UNK A 326 37.82 -13.07 18.28
C UNK A 326 37.69 -12.86 16.78
N UNK A 327 38.80 -12.48 16.14
CA UNK A 327 38.78 -12.26 14.69
C UNK A 327 38.51 -13.55 13.94
N UNK A 328 38.96 -14.68 14.47
CA UNK A 328 38.71 -15.96 13.82
C UNK A 328 37.27 -16.40 14.01
N UNK A 329 36.69 -16.10 15.18
CA UNK A 329 35.27 -16.33 15.37
C UNK A 329 34.45 -15.50 14.39
N UNK A 330 34.90 -14.26 14.15
CA UNK A 330 34.25 -13.39 13.17
C UNK A 330 34.38 -13.95 11.77
N UNK A 331 35.57 -14.46 11.42
CA UNK A 331 35.78 -15.04 10.10
C UNK A 331 34.96 -16.30 9.91
N UNK A 332 34.80 -17.09 10.98
CA UNK A 332 33.97 -18.29 10.94
C UNK A 332 32.51 -17.92 10.71
N UNK A 333 32.08 -16.81 11.28
CA UNK A 333 30.77 -16.30 10.92
C UNK A 333 30.74 -15.80 9.48
N UNK A 334 31.88 -15.33 8.97
CA UNK A 334 31.92 -14.59 7.70
C UNK A 334 31.86 -15.47 6.47
N UNK A 335 31.38 -16.71 6.58
CA UNK A 335 31.28 -17.57 5.41
C UNK A 335 30.00 -18.40 5.40
N UNK A 336 28.89 -17.85 5.90
CA UNK A 336 27.71 -18.68 6.11
C UNK A 336 26.91 -18.89 4.82
N UNK A 337 26.30 -17.81 4.31
CA UNK A 337 25.26 -17.85 3.28
C UNK A 337 24.18 -18.89 3.62
N UNK A 338 23.69 -18.81 4.85
CA UNK A 338 22.91 -19.89 5.47
C UNK A 338 21.43 -19.79 5.12
N UNK A 339 20.91 -20.86 4.50
CA UNK A 339 19.50 -21.07 4.17
C UNK A 339 18.93 -20.01 3.24
N UNK A 340 19.81 -19.26 2.55
CA UNK A 340 19.49 -18.00 1.86
C UNK A 340 18.65 -17.08 2.77
N UNK A 341 19.04 -17.00 4.02
CA UNK A 341 18.17 -16.41 5.03
C UNK A 341 18.78 -15.21 5.72
N UNK A 342 20.00 -15.33 6.23
CA UNK A 342 20.57 -14.34 7.11
C UNK A 342 21.30 -13.23 6.37
N UNK A 343 20.86 -12.92 5.16
CA UNK A 343 21.60 -11.99 4.33
C UNK A 343 21.39 -10.54 4.74
N UNK A 344 20.18 -10.17 5.16
CA UNK A 344 19.76 -8.78 5.07
C UNK A 344 20.28 -7.91 6.22
N UNK A 345 20.67 -8.52 7.34
CA UNK A 345 21.00 -7.74 8.53
C UNK A 345 22.25 -6.90 8.35
N UNK A 346 23.16 -7.30 7.46
CA UNK A 346 24.30 -6.46 7.15
C UNK A 346 23.86 -5.21 6.39
N UNK A 347 22.90 -5.39 5.47
CA UNK A 347 22.32 -4.23 4.78
C UNK A 347 21.60 -3.32 5.75
N UNK A 348 21.02 -3.91 6.79
CA UNK A 348 20.51 -3.10 7.88
C UNK A 348 21.65 -2.40 8.63
N UNK A 349 22.78 -3.08 8.79
CA UNK A 349 23.85 -2.57 9.63
C UNK A 349 24.59 -1.41 8.97
N UNK A 350 24.53 -1.34 7.64
CA UNK A 350 25.30 -0.33 6.90
C UNK A 350 24.84 1.10 7.20
N UNK A 351 23.58 1.40 6.88
CA UNK A 351 23.04 2.71 7.20
C UNK A 351 22.91 2.93 8.69
N UNK A 352 22.84 1.85 9.48
CA UNK A 352 22.92 1.96 10.92
C UNK A 352 24.25 2.54 11.36
N UNK A 353 25.34 2.03 10.81
CA UNK A 353 26.66 2.59 11.09
C UNK A 353 26.78 3.99 10.54
N UNK A 354 26.04 4.30 9.47
CA UNK A 354 26.01 5.68 8.96
C UNK A 354 25.39 6.62 9.98
N UNK A 355 24.25 6.24 10.56
CA UNK A 355 23.60 7.07 11.58
C UNK A 355 24.43 7.11 12.86
N UNK A 356 25.21 6.06 13.10
CA UNK A 356 26.05 5.97 14.29
C UNK A 356 27.11 7.05 14.33
N UNK A 357 27.45 7.62 13.16
CA UNK A 357 28.40 8.72 13.12
C UNK A 357 27.85 9.96 13.80
N UNK A 358 26.62 10.36 13.47
CA UNK A 358 26.02 11.51 14.13
C UNK A 358 25.74 11.20 15.58
N UNK A 359 25.41 9.93 15.87
CA UNK A 359 25.29 9.48 17.25
C UNK A 359 26.59 9.69 18.01
N UNK A 360 27.71 9.33 17.39
CA UNK A 360 29.01 9.50 18.04
C UNK A 360 29.40 10.97 18.12
N UNK A 361 28.91 11.80 17.19
CA UNK A 361 29.19 13.24 17.25
C UNK A 361 28.55 13.85 18.47
N UNK A 362 27.28 13.53 18.70
CA UNK A 362 26.63 13.99 19.92
C UNK A 362 27.26 13.37 21.17
N UNK A 363 27.72 12.12 21.06
CA UNK A 363 28.41 11.49 22.19
C UNK A 363 29.71 12.21 22.50
N UNK A 364 30.39 12.69 21.48
CA UNK A 364 31.62 13.45 21.68
C UNK A 364 31.30 14.79 22.32
N UNK A 365 30.19 15.39 21.93
CA UNK A 365 29.74 16.63 22.56
C UNK A 365 29.48 16.44 24.05
N UNK A 366 28.81 15.35 24.40
CA UNK A 366 28.54 15.09 25.81
C UNK A 366 29.79 14.71 26.58
N UNK A 367 30.70 13.97 25.95
CA UNK A 367 31.94 13.58 26.61
C UNK A 367 32.82 14.80 26.86
N UNK A 368 32.81 15.75 25.93
CA UNK A 368 33.49 17.02 26.17
C UNK A 368 32.79 17.81 27.27
N UNK A 369 31.46 17.72 27.34
CA UNK A 369 30.73 18.35 28.42
C UNK A 369 31.06 17.74 29.77
N UNK A 370 31.52 16.50 29.79
CA UNK A 370 31.90 15.83 31.03
C UNK A 370 33.24 16.31 31.61
N UNK A 371 33.76 17.47 31.19
CA UNK A 371 35.06 17.91 31.64
C UNK A 371 35.08 18.34 33.10
N UNK A 372 33.92 18.70 33.65
CA UNK A 372 33.86 19.19 35.02
C UNK A 372 34.14 18.09 36.04
N UNK A 373 34.91 11.64 38.42
CA UNK A 373 34.53 10.97 37.18
C UNK A 373 34.36 11.98 36.05
N UNK A 374 35.47 12.55 35.60
CA UNK A 374 35.41 13.58 34.57
C UNK A 374 36.39 13.30 33.43
N UNK A 375 37.52 12.67 33.73
CA UNK A 375 38.59 12.56 32.75
C UNK A 375 38.30 11.47 31.72
N UNK A 376 38.22 10.21 32.18
CA UNK A 376 37.90 9.10 31.30
C UNK A 376 36.42 8.73 31.39
N UNK A 377 35.58 9.72 31.69
CA UNK A 377 34.15 9.49 31.84
C UNK A 377 33.44 9.24 30.52
N UNK A 378 34.13 9.36 29.38
CA UNK A 378 33.59 8.86 28.13
C UNK A 378 33.38 7.37 28.19
N UNK A 379 34.24 6.66 28.92
CA UNK A 379 34.00 5.25 29.21
C UNK A 379 32.75 5.08 30.06
N UNK A 380 32.53 5.99 31.03
CA UNK A 380 31.33 5.92 31.85
C UNK A 380 30.08 6.14 31.02
N UNK A 381 30.17 7.02 30.02
CA UNK A 381 29.04 7.25 29.13
C UNK A 381 28.82 6.07 28.21
N UNK A 382 29.90 5.44 27.75
CA UNK A 382 29.78 4.31 26.83
C UNK A 382 29.17 3.10 27.53
N UNK A 383 29.55 2.89 28.78
CA UNK A 383 28.89 1.85 29.56
C UNK A 383 27.52 2.30 30.04
N UNK A 384 27.26 3.60 30.06
CA UNK A 384 26.03 4.12 30.62
C UNK A 384 24.81 3.89 29.73
N UNK A 385 24.98 3.38 28.51
CA UNK A 385 23.84 3.08 27.65
C UNK A 385 22.93 2.03 28.27
N UNK A 386 23.51 1.13 29.04
CA UNK A 386 22.74 0.27 29.93
C UNK A 386 23.19 0.42 31.37
N UNK A 387 23.99 1.45 31.66
CA UNK A 387 24.61 1.70 32.97
C UNK A 387 25.39 0.50 33.50
N UNK A 388 26.77 20.85 45.65
CA UNK A 388 26.38 22.26 45.64
C UNK A 388 25.29 22.48 44.61
N UNK A 389 25.28 23.67 44.00
CA UNK A 389 24.49 23.86 42.78
C UNK A 389 25.14 23.16 41.60
N UNK A 390 26.41 22.81 41.74
CA UNK A 390 27.04 21.90 40.79
C UNK A 390 26.38 20.54 40.82
N UNK A 391 25.79 20.14 41.95
CA UNK A 391 25.01 18.91 41.96
C UNK A 391 23.76 19.08 41.12
N UNK A 392 23.15 20.27 41.14
CA UNK A 392 22.05 20.55 40.24
C UNK A 392 22.54 20.59 38.79
N UNK A 393 23.78 21.02 38.59
CA UNK A 393 24.36 20.96 37.26
C UNK A 393 24.57 19.52 36.81
N UNK A 394 24.92 18.64 37.74
CA UNK A 394 25.07 17.23 37.41
C UNK A 394 23.71 16.59 37.14
N UNK A 395 22.67 17.08 37.80
CA UNK A 395 21.32 16.65 37.48
C UNK A 395 20.94 17.07 36.07
N UNK A 396 21.29 18.31 35.70
CA UNK A 396 21.09 18.76 34.33
C UNK A 396 21.96 17.96 33.36
N UNK A 397 23.11 17.50 33.81
CA UNK A 397 23.98 16.69 32.97
C UNK A 397 23.36 15.33 32.68
N UNK A 398 22.82 14.69 33.72
CA UNK A 398 22.10 13.45 33.51
C UNK A 398 20.84 13.67 32.69
N UNK A 399 20.25 14.87 32.80
CA UNK A 399 19.14 15.23 31.93
C UNK A 399 19.58 15.30 30.47
N UNK A 400 20.78 15.83 30.24
CA UNK A 400 21.32 15.81 28.89
C UNK A 400 21.62 14.41 28.42
N UNK A 401 22.05 13.55 29.34
CA UNK A 401 22.29 12.15 29.00
C UNK A 401 20.99 11.46 28.61
N UNK A 402 19.92 11.74 29.32
CA UNK A 402 18.64 11.17 28.97
C UNK A 402 18.08 11.81 27.71
N UNK A 403 18.44 13.06 27.44
CA UNK A 403 18.07 13.66 26.17
C UNK A 403 18.80 12.98 25.03
N UNK A 404 20.03 12.56 25.28
CA UNK A 404 20.75 11.75 24.31
C UNK A 404 20.10 10.38 24.16
N UNK A 405 19.52 9.86 25.23
CA UNK A 405 18.77 8.62 25.12
C UNK A 405 17.52 8.82 24.29
N UNK A 406 16.91 9.99 24.40
CA UNK A 406 15.78 10.33 23.54
C UNK A 406 16.23 10.42 22.10
N UNK A 407 17.43 10.93 21.88
CA UNK A 407 18.00 10.93 20.55
C UNK A 407 18.26 9.52 20.05
N UNK A 408 18.63 8.62 20.95
CA UNK A 408 18.82 7.22 20.57
C UNK A 408 17.49 6.59 20.18
N UNK A 409 16.44 6.99 20.89
CA UNK A 409 15.10 6.57 20.52
C UNK A 409 14.73 7.10 19.16
N UNK A 410 15.14 8.33 18.87
CA UNK A 410 14.91 8.90 17.55
C UNK A 410 15.68 8.15 16.48
N UNK A 411 16.88 7.69 16.82
CA UNK A 411 17.68 6.95 15.86
C UNK A 411 17.06 5.59 15.57
N UNK A 412 16.55 4.94 16.61
CA UNK A 412 15.85 3.68 16.40
C UNK A 412 14.56 3.90 15.62
N UNK A 413 13.90 5.02 15.86
CA UNK A 413 12.70 5.36 15.11
C UNK A 413 13.01 5.61 13.65
N UNK A 414 14.13 6.25 13.38
CA UNK A 414 14.53 6.49 12.01
C UNK A 414 14.96 5.20 11.33
N UNK A 415 15.58 4.30 12.08
CA UNK A 415 15.92 3.01 11.52
C UNK A 415 14.67 2.21 11.21
N UNK A 416 13.66 2.33 12.05
CA UNK A 416 12.38 1.72 11.77
C UNK A 416 11.72 2.38 10.57
N UNK A 417 11.92 3.68 10.43
CA UNK A 417 11.42 4.38 9.25
C UNK A 417 12.14 3.91 7.99
N UNK A 418 13.41 3.56 8.13
CA UNK A 418 14.14 2.96 7.03
C UNK A 418 13.59 1.58 6.72
N UNK A 419 13.19 0.86 7.77
CA UNK A 419 12.58 -0.45 7.58
C UNK A 419 11.23 -0.33 6.89
N UNK A 420 10.53 0.78 7.07
CA UNK A 420 9.32 1.03 6.31
C UNK A 420 9.62 1.18 4.83
N UNK A 421 10.77 1.74 4.49
CA UNK A 421 11.20 1.78 3.12
C UNK A 421 11.68 0.39 2.71
N UNK A 422 11.61 -11.31 -2.58
CA UNK A 422 12.28 -10.07 -2.97
C UNK A 422 13.72 -10.10 -2.52
N UNK A 423 13.92 -10.06 -1.20
CA UNK A 423 15.28 -10.18 -0.66
C UNK A 423 15.79 -11.60 -0.75
N UNK A 424 14.90 -12.58 -0.95
CA UNK A 424 15.33 -13.93 -1.25
C UNK A 424 16.09 -14.00 -2.56
N UNK A 425 15.74 -13.13 -3.51
CA UNK A 425 16.54 -13.00 -4.72
C UNK A 425 17.93 -12.50 -4.42
N UNK A 426 18.05 -11.56 -3.48
CA UNK A 426 19.35 -11.06 -3.08
C UNK A 426 20.16 -12.15 -2.40
N UNK A 427 19.53 -12.92 -1.51
CA UNK A 427 20.23 -13.99 -0.83
C UNK A 427 20.59 -15.12 -1.78
N UNK A 428 19.72 -15.37 -2.75
CA UNK A 428 20.00 -16.38 -3.75
C UNK A 428 21.14 -15.95 -4.64
N UNK A 429 21.19 -14.67 -5.01
CA UNK A 429 22.28 -14.18 -5.83
C UNK A 429 23.58 -14.16 -5.06
N UNK A 430 23.52 -13.87 -3.76
CA UNK A 430 24.73 -13.83 -2.97
C UNK A 430 25.27 -15.23 -2.73
N UNK A 431 24.41 -16.15 -2.31
CA UNK A 431 24.85 -17.53 -2.14
C UNK A 431 25.19 -18.17 -3.49
N UNK A 432 24.58 -17.68 -4.55
CA UNK A 432 24.95 -18.12 -5.88
C UNK A 432 26.32 -17.61 -6.25
N UNK A 433 26.65 -16.39 -5.82
CA UNK A 433 28.00 -15.88 -6.01
C UNK A 433 28.99 -16.66 -5.18
N UNK A 434 28.55 -17.15 -4.02
CA UNK A 434 29.41 -17.99 -3.21
C UNK A 434 29.66 -19.33 -3.90
N UNK A 435 28.60 -19.94 -4.43
CA UNK A 435 28.76 -21.20 -5.14
C UNK A 435 29.51 -20.99 -6.44
N UNK A 436 29.41 -19.81 -7.03
CA UNK A 436 30.17 -19.50 -8.23
C UNK A 436 31.63 -19.25 -7.91
N UNK A 437 31.91 -18.73 -6.74
CA UNK A 437 33.30 -18.63 -6.31
C UNK A 437 33.87 -19.99 -6.00
N UNK A 438 33.03 -20.89 -5.49
CA UNK A 438 33.44 -22.28 -5.36
C UNK A 438 33.67 -22.91 -6.72
N UNK A 439 32.85 -22.53 -7.70
CA UNK A 439 33.05 -23.00 -9.06
C UNK A 439 34.32 -22.41 -9.65
N UNK A 440 34.62 -21.16 -9.29
CA UNK A 440 35.84 -20.51 -9.72
C UNK A 440 37.06 -21.17 -9.10
N UNK A 441 36.91 -21.62 -7.85
CA UNK A 441 37.92 -22.46 -7.23
C UNK A 441 38.04 -23.79 -7.95
N UNK A 442 36.92 -24.30 -8.48
CA UNK A 442 36.96 -25.51 -9.29
C UNK A 442 37.44 -25.23 -10.70
N UNK A 443 37.04 -24.10 -11.29
CA UNK A 443 37.50 -23.74 -12.61
C UNK A 443 38.69 -22.80 -12.51
N UNK A 444 26.35 -19.23 -38.55
CA UNK A 444 25.20 -18.41 -38.22
C UNK A 444 24.22 -19.19 -37.37
N UNK A 445 24.66 -20.36 -36.88
CA UNK A 445 23.76 -21.21 -36.10
C UNK A 445 23.52 -20.64 -34.73
N UNK A 446 24.59 -20.15 -34.07
CA UNK A 446 24.40 -19.38 -32.85
C UNK A 446 23.66 -18.09 -33.16
N UNK A 447 23.92 -17.50 -34.32
CA UNK A 447 23.13 -16.37 -34.77
C UNK A 447 21.69 -16.76 -35.06
N UNK A 448 21.47 -17.99 -35.53
CA UNK A 448 20.09 -18.46 -35.74
C UNK A 448 19.38 -18.62 -34.41
N UNK A 449 20.09 -19.12 -33.40
CA UNK A 449 19.51 -19.28 -32.07
C UNK A 449 19.18 -17.92 -31.47
N UNK A 450 20.11 -16.96 -31.61
CA UNK A 450 19.85 -15.61 -31.14
C UNK A 450 18.71 -14.96 -31.91
N UNK A 451 18.56 -15.30 -33.19
CA UNK A 451 17.47 -14.76 -33.98
C UNK A 451 16.14 -15.28 -33.50
N UNK A 452 16.05 -16.60 -33.27
CA UNK A 452 14.83 -17.20 -32.74
C UNK A 452 14.50 -16.62 -31.37
N UNK A 453 15.53 -16.41 -30.56
CA UNK A 453 15.35 -15.83 -29.23
C UNK A 453 14.83 -14.40 -29.31
N UNK A 454 15.38 -13.61 -30.22
CA UNK A 454 14.97 -12.23 -30.36
C UNK A 454 13.55 -12.13 -30.86
N UNK A 455 13.18 -12.99 -31.82
CA UNK A 455 11.82 -12.96 -32.33
C UNK A 455 10.82 -13.38 -31.28
N UNK A 456 11.16 -14.40 -30.49
CA UNK A 456 10.27 -14.85 -29.42
C UNK A 456 10.12 -13.76 -28.36
N UNK A 457 11.23 -13.08 -28.02
CA UNK A 457 11.18 -12.04 -27.02
C UNK A 457 10.38 -10.84 -27.51
N UNK A 458 10.49 -10.53 -28.80
CA UNK A 458 9.75 -9.40 -29.35
C UNK A 458 8.26 -9.68 -29.41
N UNK A 459 7.88 -10.87 -29.90
CA UNK A 459 6.47 -11.20 -30.02
C UNK A 459 5.83 -11.31 -28.66
N UNK A 460 6.50 -11.98 -27.72
CA UNK A 460 5.99 -12.09 -26.37
C UNK A 460 5.91 -10.74 -25.71
N UNK A 461 6.82 -9.82 -26.05
CA UNK A 461 6.79 -8.50 -25.43
C UNK A 461 5.61 -7.69 -25.92
N UNK A 462 5.35 -7.73 -27.22
CA UNK A 462 4.20 -6.99 -27.75
C UNK A 462 2.91 -7.55 -27.20
N UNK A 463 2.83 -8.88 -27.08
CA UNK A 463 1.65 -9.50 -26.51
C UNK A 463 1.52 -9.19 -25.03
N UNK A 464 2.63 -8.94 -24.35
CA UNK A 464 2.56 -8.53 -22.96
C UNK A 464 2.00 -7.13 -22.86
N UNK A 465 2.53 -6.22 -23.65
CA UNK A 465 2.17 -4.82 -23.52
C UNK A 465 0.73 -4.56 -23.94
N UNK A 466 0.19 -5.39 -24.82
CA UNK A 466 -1.21 -5.20 -25.19
C UNK A 466 -2.16 -5.63 -24.08
N UNK A 467 -1.71 -6.44 -23.14
CA UNK A 467 -2.58 -7.03 -22.14
C UNK A 467 -2.99 -6.06 -21.05
N UNK A 468 -2.31 -4.93 -20.93
CA UNK A 468 -2.49 -4.05 -19.79
C UNK A 468 -3.67 -3.11 -20.00
N UNK A 469 -3.84 -2.20 -19.06
CA UNK A 469 -4.96 -1.28 -19.10
C UNK A 469 -4.91 -0.31 -20.26
N UNK A 470 -6.09 0.05 -20.75
CA UNK A 470 -6.22 1.00 -21.83
C UNK A 470 -6.05 2.42 -21.32
N UNK A 471 -6.09 3.38 -22.23
CA UNK A 471 -5.97 4.78 -21.87
C UNK A 471 -6.95 5.59 -22.69
N UNK A 472 -7.39 6.70 -22.10
CA UNK A 472 -8.54 7.44 -22.60
C UNK A 472 -8.33 8.03 -23.97
N UNK A 473 -7.07 8.24 -24.34
CA UNK A 473 -6.76 8.78 -25.65
C UNK A 473 -7.24 7.86 -26.75
N UNK A 474 -7.15 6.55 -26.51
CA UNK A 474 -7.69 5.61 -27.47
C UNK A 474 -9.19 5.76 -27.59
N UNK A 475 -9.86 6.06 -26.48
CA UNK A 475 -11.29 6.27 -26.53
C UNK A 475 -11.61 7.53 -27.32
N UNK A 476 -10.75 8.54 -27.19
CA UNK A 476 -10.91 9.76 -27.97
C UNK A 476 -10.78 9.46 -29.45
N UNK A 477 -9.82 8.61 -29.79
CA UNK A 477 -9.62 8.26 -31.19
C UNK A 477 -10.79 7.46 -31.74
N UNK A 478 -11.33 6.58 -30.91
CA UNK A 478 -12.45 5.77 -31.36
C UNK A 478 -13.69 6.61 -31.57
N UNK A 479 -13.97 7.51 -30.63
CA UNK A 479 -15.12 8.39 -30.78
C UNK A 479 -14.93 9.33 -31.95
N UNK A 480 -13.69 9.74 -32.19
CA UNK A 480 -13.38 10.53 -33.36
C UNK A 480 -13.64 9.74 -34.63
N UNK A 481 -13.31 8.45 -34.62
CA UNK A 481 -13.45 7.67 -35.84
C UNK A 481 -14.90 7.36 -36.13
N UNK A 482 -15.68 7.13 -35.09
CA UNK A 482 -17.11 6.96 -35.29
C UNK A 482 -17.74 8.24 -35.77
N UNK A 483 -17.27 9.37 -35.26
CA UNK A 483 -17.71 10.65 -35.79
C UNK A 483 -17.28 10.82 -37.23
N UNK A 484 -16.16 10.23 -37.60
CA UNK A 484 -15.68 10.36 -38.97
C UNK A 484 -16.50 9.52 -39.91
N UNK A 485 -16.99 8.38 -39.45
CA UNK A 485 -17.91 7.64 -40.29
C UNK A 485 -19.23 8.37 -40.40
N UNK A 486 -19.69 8.98 -39.29
CA UNK A 486 -20.99 9.61 -39.29
C UNK A 486 -20.99 10.88 -40.13
N UNK A 487 -19.94 11.68 -40.01
CA UNK A 487 -19.74 12.76 -40.95
C UNK A 487 -19.46 12.22 -42.33
N UNK A 488 -18.83 11.04 -42.41
CA UNK A 488 -18.46 10.50 -43.70
C UNK A 488 -19.67 9.93 -44.42
N UNK A 489 -20.44 9.10 -43.73
CA UNK A 489 -21.66 8.57 -44.32
C UNK A 489 -22.66 9.70 -44.43
N UNK A 490 -23.03 10.03 -45.66
CA UNK A 490 -23.85 11.19 -45.91
C UNK A 490 -24.64 11.00 -47.19
N UNK B 1 7.12 -7.30 -53.96
CA UNK B 1 6.15 -7.52 -52.90
C UNK B 1 5.02 -6.50 -53.01
N UNK B 2 4.78 -6.02 -54.22
CA UNK B 2 3.73 -5.02 -54.41
C UNK B 2 2.35 -5.66 -54.30
N UNK B 3 2.20 -6.85 -54.86
CA UNK B 3 1.01 -7.64 -54.58
C UNK B 3 0.96 -8.01 -53.10
N UNK B 4 2.13 -8.29 -52.51
CA UNK B 4 2.21 -8.49 -51.08
C UNK B 4 1.94 -7.20 -50.33
N UNK B 5 2.25 -6.05 -50.93
CA UNK B 5 1.91 -4.78 -50.28
C UNK B 5 0.40 -4.58 -50.24
N UNK B 6 -0.26 -4.81 -51.36
CA UNK B 6 -1.72 -4.74 -51.38
C UNK B 6 -2.35 -5.78 -50.49
N UNK B 7 -1.74 -6.97 -50.40
CA UNK B 7 -2.28 -8.01 -49.54
C UNK B 7 -2.07 -7.67 -48.07
N UNK B 8 -0.91 -7.11 -47.73
CA UNK B 8 -0.63 -6.73 -46.35
C UNK B 8 -1.49 -5.56 -45.93
N UNK B 9 -1.79 -4.68 -46.86
CA UNK B 9 -2.75 -3.62 -46.58
C UNK B 9 -4.14 -4.19 -46.37
N UNK B 10 -4.57 -5.11 -47.25
CA UNK B 10 -5.93 -5.67 -47.16
C UNK B 10 -6.09 -6.58 -45.96
N UNK B 11 -4.98 -7.03 -45.39
CA UNK B 11 -5.02 -7.84 -44.18
C UNK B 11 -4.96 -6.97 -42.93
N UNK B 12 -4.02 -6.02 -42.89
CA UNK B 12 -3.70 -5.34 -41.65
C UNK B 12 -4.80 -4.40 -41.19
N UNK B 13 -5.74 -4.08 -42.06
CA UNK B 13 -6.99 -3.47 -41.63
C UNK B 13 -8.20 -4.31 -42.04
N UNK B 14 -7.95 -5.56 -42.47
CA UNK B 14 -8.98 -6.54 -42.83
C UNK B 14 -9.88 -6.07 -43.96
N UNK B 15 -9.29 -5.52 -45.03
CA UNK B 15 -10.07 -5.03 -46.16
C UNK B 15 -10.58 -6.23 -46.92
N UNK B 16 -11.78 -6.66 -46.57
CA UNK B 16 -12.28 -7.96 -47.01
C UNK B 16 -12.70 -7.96 -48.47
N UNK B 17 -13.21 -6.83 -48.97
CA UNK B 17 -13.50 -6.75 -50.40
C UNK B 17 -12.21 -6.77 -51.20
N UNK B 18 -11.17 -6.13 -50.69
CA UNK B 18 -9.87 -6.18 -51.34
C UNK B 18 -9.30 -7.59 -51.30
N UNK B 19 -9.53 -8.32 -50.21
CA UNK B 19 -9.09 -9.71 -50.17
C UNK B 19 -9.93 -10.57 -51.10
N UNK B 20 -11.18 -10.21 -51.30
CA UNK B 20 -12.01 -10.93 -52.25
C UNK B 20 -11.53 -10.70 -53.68
N UNK B 21 -11.08 -9.48 -53.96
CA UNK B 21 -10.43 -9.24 -55.25
C UNK B 21 -9.12 -9.98 -55.33
N UNK B 22 -8.41 -10.09 -54.21
CA UNK B 22 -7.15 -10.81 -54.14
C UNK B 22 -7.34 -12.31 -54.31
N UNK B 23 -8.55 -12.81 -54.11
CA UNK B 23 -8.83 -14.21 -54.40
C UNK B 23 -8.75 -14.49 -55.90
N UNK B 24 -9.03 -13.49 -56.73
CA UNK B 24 -8.92 -13.67 -58.17
C UNK B 24 -7.50 -13.48 -58.68
N UNK B 25 -6.60 -12.95 -57.86
CA UNK B 25 -5.22 -12.71 -58.26
C UNK B 25 -4.33 -13.85 -57.79
N UNK B 26 -3.01 -13.73 -57.99
CA UNK B 26 -2.05 -14.75 -57.59
C UNK B 26 -0.96 -14.14 -56.70
N UNK B 27 -0.76 -14.71 -55.52
CA UNK B 27 0.18 -14.17 -54.56
C UNK B 27 0.82 -15.31 -53.78
N UNK B 28 2.13 -15.49 -53.96
CA UNK B 28 2.84 -16.52 -53.21
C UNK B 28 3.10 -16.11 -51.77
N UNK B 29 2.94 -14.82 -51.44
CA UNK B 29 3.06 -14.37 -50.06
C UNK B 29 1.88 -14.82 -49.21
N UNK B 30 0.86 -15.43 -49.82
CA UNK B 30 -0.10 -16.26 -49.10
C UNK B 30 0.59 -17.36 -48.30
N UNK B 31 1.77 -17.79 -48.72
CA UNK B 31 2.65 -18.58 -47.86
C UNK B 31 3.38 -17.59 -46.94
N UNK B 32 2.60 -16.99 -46.02
CA UNK B 32 3.08 -16.44 -44.76
C UNK B 32 4.19 -15.38 -44.84
N UNK B 33 4.33 -14.71 -45.98
CA UNK B 33 5.40 -13.72 -46.16
C UNK B 33 4.82 -12.35 -45.82
N UNK B 34 5.17 -11.84 -44.64
CA UNK B 34 4.66 -10.54 -44.19
C UNK B 34 5.77 -9.51 -44.02
N UNK B 35 6.78 -9.80 -43.22
CA UNK B 35 7.88 -8.88 -43.00
C UNK B 35 9.12 -9.71 -42.73
N UNK B 36 10.18 -9.07 -42.22
CA UNK B 36 11.20 -9.81 -41.52
C UNK B 36 10.74 -10.23 -40.14
N UNK B 37 9.64 -9.65 -39.67
CA UNK B 37 8.91 -10.07 -38.48
C UNK B 37 7.59 -10.73 -38.88
N UNK B 38 7.61 -11.45 -39.99
CA UNK B 38 6.43 -12.12 -40.54
C UNK B 38 5.79 -13.06 -39.55
N UNK B 39 4.60 -12.71 -39.09
CA UNK B 39 3.89 -13.53 -38.09
C UNK B 39 2.91 -14.49 -38.73
N UNK B 40 3.37 -15.25 -39.74
CA UNK B 40 2.57 -16.23 -40.49
C UNK B 40 1.35 -15.56 -41.13
N UNK B 41 1.66 -14.73 -42.16
CA UNK B 41 0.82 -13.66 -42.68
C UNK B 41 -0.66 -14.00 -42.83
N UNK B 42 -0.96 -15.25 -43.20
CA UNK B 42 -2.35 -15.69 -43.22
C UNK B 42 -2.93 -15.73 -41.82
N UNK B 43 -2.26 -16.43 -40.91
CA UNK B 43 -2.72 -16.45 -39.52
C UNK B 43 -2.57 -15.09 -38.85
N UNK B 44 -1.62 -14.29 -39.33
CA UNK B 44 -1.48 -12.92 -38.84
C UNK B 44 -2.69 -12.08 -39.22
N UNK B 45 -3.19 -12.27 -40.43
CA UNK B 45 -4.45 -11.66 -40.80
C UNK B 45 -5.60 -12.23 -39.98
N UNK B 46 -5.51 -13.52 -39.65
CA UNK B 46 -6.62 -14.17 -38.97
C UNK B 46 -6.75 -13.71 -37.52
N UNK B 47 -5.62 -13.45 -36.86
CA UNK B 47 -5.64 -13.22 -35.43
C UNK B 47 -6.23 -11.87 -35.07
N UNK B 48 -6.25 -10.91 -35.99
CA UNK B 48 -7.09 -9.75 -35.81
C UNK B 48 -8.53 -10.22 -35.83
N UNK B 49 -9.27 -9.89 -34.78
CA UNK B 49 -10.54 -10.55 -34.45
C UNK B 49 -11.64 -10.29 -35.46
N UNK B 50 -11.38 -9.57 -36.53
CA UNK B 50 -12.24 -9.62 -37.68
C UNK B 50 -12.03 -11.02 -38.21
N UNK B 51 -12.98 -11.90 -37.93
CA UNK B 51 -12.86 -13.29 -38.33
C UNK B 51 -13.52 -13.51 -39.67
N UNK B 52 -14.10 -12.46 -40.26
CA UNK B 52 -14.70 -12.60 -41.57
C UNK B 52 -13.64 -12.87 -42.62
N UNK B 53 -12.59 -12.04 -42.64
CA UNK B 53 -11.50 -12.26 -43.58
C UNK B 53 -10.74 -13.53 -43.23
N UNK B 54 -10.71 -13.89 -41.95
CA UNK B 54 -10.12 -15.16 -41.55
C UNK B 54 -10.89 -16.32 -42.15
N UNK B 55 -12.21 -16.25 -42.14
CA UNK B 55 -13.01 -17.29 -42.76
C UNK B 55 -12.86 -17.27 -44.27
N UNK B 56 -12.68 -16.09 -44.85
CA UNK B 56 -12.51 -15.98 -46.29
C UNK B 56 -11.22 -16.63 -46.75
N UNK B 57 -10.15 -16.40 -46.01
CA UNK B 57 -8.92 -17.13 -46.29
C UNK B 57 -9.07 -18.59 -45.94
N UNK B 58 -9.92 -18.92 -44.97
CA UNK B 58 -10.15 -20.30 -44.59
C UNK B 58 -10.96 -21.04 -45.64
N UNK B 59 -11.59 -20.32 -46.57
CA UNK B 59 -12.29 -20.98 -47.66
C UNK B 59 -11.33 -21.73 -48.57
N UNK B 60 -10.10 -21.24 -48.69
CA UNK B 60 -9.06 -21.98 -49.41
C UNK B 60 -7.74 -21.59 -48.75
N UNK B 61 -7.21 -22.48 -47.93
CA UNK B 61 -6.03 -22.20 -47.10
C UNK B 61 -4.95 -23.25 -47.33
N UNK B 62 -4.64 -23.50 -48.61
CA UNK B 62 -3.71 -24.56 -48.97
C UNK B 62 -2.26 -24.27 -48.60
N UNK B 63 -1.94 -23.03 -48.26
CA UNK B 63 -0.58 -22.65 -47.88
C UNK B 63 -0.67 -21.77 -46.63
N UNK B 64 -0.66 -22.40 -45.46
CA UNK B 64 -0.75 -21.66 -44.21
C UNK B 64 -0.18 -22.50 -43.09
N UNK B 65 0.22 -21.82 -42.02
CA UNK B 65 0.53 -22.51 -40.79
C UNK B 65 -0.76 -23.03 -40.17
N UNK B 66 -0.65 -24.14 -39.45
CA UNK B 66 -1.84 -24.74 -38.83
C UNK B 66 -1.74 -24.80 -37.31
N UNK B 67 -0.69 -25.43 -36.78
CA UNK B 67 -0.62 -25.68 -35.34
C UNK B 67 -0.42 -24.39 -34.57
N UNK B 68 0.58 -23.60 -34.97
CA UNK B 68 0.80 -22.29 -34.37
C UNK B 68 -0.35 -21.34 -34.66
N UNK B 69 -1.03 -21.53 -35.79
CA UNK B 69 -2.18 -20.70 -36.14
C UNK B 69 -3.31 -20.89 -35.15
N UNK B 70 -3.71 -22.13 -34.91
CA UNK B 70 -4.79 -22.39 -33.97
C UNK B 70 -4.39 -22.09 -32.54
N UNK B 71 -3.09 -22.25 -32.21
CA UNK B 71 -2.65 -21.93 -30.86
C UNK B 71 -2.72 -20.42 -30.60
N UNK B 72 -2.24 -19.62 -31.54
CA UNK B 72 -2.33 -18.17 -31.36
C UNK B 72 -3.76 -17.69 -31.50
N UNK B 73 -4.58 -18.44 -32.21
CA UNK B 73 -6.00 -18.12 -32.26
C UNK B 73 -6.63 -18.31 -30.90
N UNK B 74 -6.47 -19.50 -30.31
CA UNK B 74 -7.09 -19.81 -29.04
C UNK B 74 -6.42 -19.14 -27.86
N UNK B 75 -5.26 -18.50 -28.06
CA UNK B 75 -4.68 -17.68 -27.01
C UNK B 75 -5.59 -16.52 -26.67
N UNK B 76 -5.99 -15.76 -27.68
CA UNK B 76 -7.12 -14.87 -27.49
C UNK B 76 -8.39 -15.70 -27.42
N UNK B 77 -9.44 -15.09 -26.89
CA UNK B 77 -10.68 -15.83 -26.68
C UNK B 77 -11.65 -15.70 -27.84
N UNK B 78 -11.14 -15.54 -29.06
CA UNK B 78 -11.98 -15.35 -30.24
C UNK B 78 -12.66 -16.68 -30.54
N UNK B 79 -13.73 -16.93 -29.78
CA UNK B 79 -14.30 -18.27 -29.72
C UNK B 79 -15.02 -18.63 -31.00
N UNK B 80 -15.64 -17.66 -31.65
CA UNK B 80 -16.20 -17.90 -32.96
C UNK B 80 -15.11 -18.25 -33.95
N UNK B 81 -13.98 -17.56 -33.85
CA UNK B 81 -12.85 -17.90 -34.70
C UNK B 81 -12.24 -19.23 -34.28
N UNK B 82 -12.38 -19.59 -33.01
CA UNK B 82 -11.94 -20.91 -32.60
C UNK B 82 -12.81 -21.99 -33.22
N UNK B 83 -14.11 -21.72 -33.33
CA UNK B 83 -15.00 -22.62 -34.04
C UNK B 83 -14.68 -22.64 -35.53
N UNK B 84 -14.23 -21.51 -36.05
CA UNK B 84 -13.81 -21.46 -37.45
C UNK B 84 -12.59 -22.33 -37.67
N UNK B 85 -11.63 -22.26 -36.75
CA UNK B 85 -10.46 -23.13 -36.84
C UNK B 85 -10.84 -24.58 -36.62
N UNK B 86 -11.89 -24.83 -35.84
CA UNK B 86 -12.38 -26.18 -35.68
C UNK B 86 -12.98 -26.72 -36.97
N UNK B 87 -13.72 -25.88 -37.68
CA UNK B 87 -14.23 -26.28 -38.99
C UNK B 87 -13.10 -26.43 -39.99
N UNK B 88 -12.04 -25.65 -39.82
CA UNK B 88 -10.87 -25.75 -40.69
C UNK B 88 -10.07 -27.00 -40.38
N UNK B 89 -10.11 -27.48 -39.15
CA UNK B 89 -9.40 -28.65 -38.67
C UNK B 89 -9.96 -29.97 -39.21
N UNK B 90 -10.94 -29.91 -40.11
CA UNK B 90 -11.18 -31.03 -41.01
C UNK B 90 -9.91 -31.40 -41.77
N UNK B 91 -9.12 -30.40 -42.14
CA UNK B 91 -7.74 -30.63 -42.53
C UNK B 91 -6.96 -31.26 -41.37
N UNK B 92 -6.95 -30.61 -40.22
CA UNK B 92 -6.12 -31.06 -39.11
C UNK B 92 -6.70 -32.29 -38.42
N UNK B 93 4.17 -27.40 -24.78
CA UNK B 93 3.53 -27.17 -26.06
C UNK B 93 2.31 -28.07 -26.22
N UNK B 94 1.13 -27.58 -25.81
CA UNK B 94 -0.07 -28.40 -25.86
C UNK B 94 -1.31 -27.51 -25.95
N UNK B 95 -2.41 -28.11 -26.42
CA UNK B 95 -3.62 -27.36 -26.69
C UNK B 95 -4.37 -27.02 -25.41
N UNK B 96 -4.67 -28.04 -24.59
CA UNK B 96 -5.32 -27.81 -23.31
C UNK B 96 -4.42 -27.03 -22.36
N UNK B 97 -3.11 -27.08 -22.58
CA UNK B 97 -2.21 -26.16 -21.92
C UNK B 97 -2.56 -24.71 -22.24
N UNK B 98 -2.87 -24.42 -23.52
CA UNK B 98 -3.26 -23.05 -23.87
C UNK B 98 -4.63 -22.71 -23.32
N UNK B 99 -5.51 -23.72 -23.21
CA UNK B 99 -6.80 -23.52 -22.55
C UNK B 99 -6.62 -23.13 -21.11
N UNK B 100 -5.59 -23.66 -20.46
CA UNK B 100 -5.21 -23.13 -19.15
C UNK B 100 -4.62 -21.74 -19.27
N UNK B 101 -3.74 -21.53 -20.25
CA UNK B 101 -2.94 -20.32 -20.39
C UNK B 101 -3.74 -19.08 -20.71
N UNK B 102 -5.01 -19.22 -21.07
CA UNK B 102 -5.92 -18.09 -21.05
C UNK B 102 -7.16 -18.31 -20.21
N UNK B 103 -7.38 -19.53 -19.72
CA UNK B 103 -8.46 -19.87 -18.77
C UNK B 103 -9.84 -19.54 -19.33
N UNK B 104 -10.02 -19.73 -20.64
CA UNK B 104 -11.30 -19.45 -21.29
C UNK B 104 -12.19 -20.68 -21.18
N UNK B 105 -13.06 -20.69 -20.16
CA UNK B 105 -13.83 -21.87 -19.80
C UNK B 105 -14.83 -22.27 -20.89
N UNK B 106 -15.37 -21.30 -21.62
CA UNK B 106 -16.33 -21.64 -22.67
C UNK B 106 -15.63 -22.31 -23.84
N UNK B 107 -14.47 -21.80 -24.23
CA UNK B 107 -13.68 -22.48 -25.24
C UNK B 107 -13.14 -23.80 -24.72
N UNK B 108 -12.95 -23.91 -23.41
CA UNK B 108 -12.53 -25.18 -22.83
C UNK B 108 -13.62 -26.22 -22.96
N UNK B 109 -14.88 -25.82 -22.75
CA UNK B 109 -15.98 -26.75 -22.97
C UNK B 109 -16.20 -27.01 -24.46
N UNK B 110 -15.82 -26.05 -25.31
CA UNK B 110 -15.88 -26.30 -26.75
C UNK B 110 -14.86 -27.35 -27.17
N UNK B 111 -13.64 -27.26 -26.65
CA UNK B 111 -12.61 -28.22 -27.04
C UNK B 111 -12.84 -29.56 -26.39
N UNK B 112 -13.23 -29.57 -25.12
CA UNK B 112 -13.56 -30.80 -24.43
C UNK B 112 -14.88 -31.38 -24.87
N UNK B 113 -15.68 -30.61 -25.61
CA UNK B 113 -16.79 -31.20 -26.34
C UNK B 113 -16.25 -32.12 -27.43
N UNK B 114 -15.13 -31.78 -28.02
CA UNK B 114 -14.41 -32.74 -28.84
C UNK B 114 -13.53 -33.60 -27.93
N UNK B 115 -12.76 -34.49 -28.54
CA UNK B 115 -11.95 -35.42 -27.76
C UNK B 115 -10.78 -34.72 -27.12
N UNK B 116 -10.65 -34.86 -25.80
CA UNK B 116 -9.60 -34.20 -25.06
C UNK B 116 -9.34 -34.96 -23.77
N UNK B 117 -8.16 -34.73 -23.20
CA UNK B 117 -7.80 -35.32 -21.92
C UNK B 117 -6.74 -34.46 -21.22
N UNK B 118 1.11 -36.39 -14.73
CA UNK B 118 1.20 -37.27 -15.89
C UNK B 118 2.66 -37.49 -16.31
N UNK B 119 3.47 -38.05 -15.40
CA UNK B 119 4.88 -38.32 -15.66
C UNK B 119 5.09 -39.84 -15.71
N UNK B 120 4.99 -40.39 -16.90
CA UNK B 120 5.06 -41.85 -17.07
C UNK B 120 6.49 -42.27 -17.32
N UNK B 121 6.69 -43.56 -17.59
CA UNK B 121 7.98 -44.06 -18.04
C UNK B 121 8.40 -43.52 -19.41
N UNK B 122 7.45 -43.07 -20.22
CA UNK B 122 7.80 -42.36 -21.45
C UNK B 122 8.42 -41.00 -21.15
N UNK B 123 8.15 -40.43 -19.97
CA UNK B 123 8.90 -39.26 -19.53
C UNK B 123 10.36 -39.61 -19.25
N UNK B 124 10.62 -40.83 -18.78
CA UNK B 124 12.00 -41.29 -18.68
C UNK B 124 12.57 -41.58 -20.07
N UNK B 125 11.71 -41.96 -21.01
CA UNK B 125 12.15 -42.15 -22.39
C UNK B 125 12.52 -40.82 -23.03
N UNK B 126 11.93 -39.71 -22.57
CA UNK B 126 12.45 -38.39 -22.88
C UNK B 126 13.84 -38.29 -22.27
N UNK B 127 14.85 -38.09 -23.11
CA UNK B 127 16.22 -38.43 -22.76
C UNK B 127 16.82 -37.46 -21.74
N UNK B 128 16.29 -37.52 -20.52
CA UNK B 128 16.72 -36.68 -19.39
C UNK B 128 16.67 -35.19 -19.74
N UNK B 129 15.66 -34.82 -20.52
CA UNK B 129 15.55 -33.46 -21.03
C UNK B 129 15.00 -32.56 -19.92
N UNK B 130 15.94 -31.95 -19.20
CA UNK B 130 15.68 -31.04 -18.09
C UNK B 130 14.81 -29.86 -18.53
N UNK B 131 15.03 -29.39 -19.76
CA UNK B 131 14.14 -28.38 -20.31
C UNK B 131 12.75 -28.94 -20.52
N UNK B 132 12.63 -30.19 -20.98
CA UNK B 132 11.32 -30.80 -21.07
C UNK B 132 10.82 -31.18 -19.68
N UNK B 133 11.72 -31.35 -18.72
CA UNK B 133 11.26 -31.55 -17.35
C UNK B 133 10.63 -30.28 -16.80
N UNK B 134 11.23 -29.13 -17.12
CA UNK B 134 10.62 -27.86 -16.76
C UNK B 134 9.35 -27.63 -17.54
N UNK B 135 9.32 -28.07 -18.80
CA UNK B 135 8.11 -28.00 -19.59
C UNK B 135 7.03 -28.90 -19.01
N UNK B 136 7.43 -30.03 -18.43
CA UNK B 136 6.48 -30.90 -17.77
C UNK B 136 5.97 -30.25 -16.49
N UNK B 137 6.83 -29.49 -15.82
CA UNK B 137 6.38 -28.74 -14.64
C UNK B 137 5.35 -27.69 -15.02
N UNK B 138 5.62 -26.97 -16.10
CA UNK B 138 4.63 -26.02 -16.63
C UNK B 138 3.39 -26.74 -17.10
N UNK B 139 3.55 -27.96 -17.61
CA UNK B 139 2.40 -28.72 -18.09
C UNK B 139 1.54 -29.19 -16.93
N UNK B 140 2.15 -29.55 -15.81
CA UNK B 140 1.38 -29.89 -14.63
C UNK B 140 0.68 -28.66 -14.08
N UNK B 141 1.33 -27.49 -14.19
CA UNK B 141 0.69 -26.25 -13.80
C UNK B 141 -0.47 -25.90 -14.70
N UNK B 142 -0.40 -26.33 -15.95
CA UNK B 142 -1.54 -26.15 -16.83
C UNK B 142 -2.64 -27.15 -16.54
N UNK B 143 -2.27 -28.41 -16.33
CA UNK B 143 -3.21 -29.52 -16.24
C UNK B 143 -4.01 -29.53 -14.95
N UNK B 144 -3.65 -28.68 -13.98
CA UNK B 144 -4.46 -28.53 -12.79
C UNK B 144 -5.82 -27.92 -13.11
N UNK B 145 -5.84 -26.99 -14.09
CA UNK B 145 -7.05 -26.57 -14.80
C UNK B 145 -8.08 -25.91 -13.88
N UNK B 146 -7.67 -24.77 -13.30
CA UNK B 146 -8.47 -24.09 -12.27
C UNK B 146 -9.80 -23.60 -12.82
N UNK B 147 -9.86 -23.34 -14.12
CA UNK B 147 -11.17 -23.27 -14.74
C UNK B 147 -11.61 -24.63 -15.22
N UNK B 148 -10.76 -25.34 -15.95
CA UNK B 148 -11.19 -26.54 -16.63
C UNK B 148 -11.20 -27.76 -15.73
N UNK B 149 -11.20 -27.58 -14.42
CA UNK B 149 -11.67 -28.65 -13.55
C UNK B 149 -13.15 -28.86 -13.74
N UNK B 150 -13.87 -27.83 -14.19
CA UNK B 150 -15.21 -28.04 -14.71
C UNK B 150 -15.17 -28.92 -15.94
N UNK B 151 -14.14 -28.75 -16.76
CA UNK B 151 -13.97 -29.63 -17.91
C UNK B 151 -13.38 -30.97 -17.55
N UNK B 152 -13.05 -31.22 -16.28
CA UNK B 152 -12.83 -32.59 -15.85
C UNK B 152 -14.15 -33.32 -15.78
N UNK B 153 -14.08 -34.61 -15.45
CA UNK B 153 -15.27 -35.45 -15.49
C UNK B 153 -16.24 -35.09 -14.36
N UNK B 154 -15.82 -35.33 -13.13
CA UNK B 154 -16.64 -35.08 -11.95
C UNK B 154 -15.74 -35.05 -10.74
N UNK B 155 -16.36 -35.12 -9.55
CA UNK B 155 -15.70 -35.30 -8.25
C UNK B 155 -14.70 -34.18 -7.98
N UNK B 156 -15.12 -32.95 -8.28
CA UNK B 156 -14.23 -31.81 -8.24
C UNK B 156 -13.78 -31.50 -6.83
N UNK B 157 -14.55 -31.89 -5.82
CA UNK B 157 -14.05 -31.84 -4.46
C UNK B 157 -12.98 -32.90 -4.25
N UNK B 158 -13.27 -34.12 -4.70
CA UNK B 158 -12.29 -35.18 -4.60
C UNK B 158 -11.09 -34.90 -5.48
N UNK B 159 -11.34 -34.37 -6.68
CA UNK B 159 -10.24 -33.94 -7.54
C UNK B 159 -9.50 -32.77 -6.92
N UNK B 160 -10.18 -31.97 -6.11
CA UNK B 160 -9.55 -30.82 -5.51
C UNK B 160 -8.59 -31.23 -4.42
N UNK B 161 -9.04 -32.14 -3.55
CA UNK B 161 -8.13 -32.65 -2.52
C UNK B 161 -7.03 -33.50 -3.14
N UNK B 162 -7.33 -34.12 -4.28
CA UNK B 162 -6.30 -34.79 -5.05
C UNK B 162 -5.26 -33.80 -5.56
N UNK B 163 -5.72 -32.63 -5.99
CA UNK B 163 -4.80 -31.58 -6.41
C UNK B 163 -4.03 -31.03 -5.24
N UNK B 164 -4.64 -31.04 -4.05
CA UNK B 164 -3.96 -30.59 -2.85
C UNK B 164 -2.81 -31.52 -2.50
N UNK B 165 -3.08 -32.82 -2.50
CA UNK B 165 -2.00 -33.78 -2.30
C UNK B 165 -1.00 -33.75 -3.45
N UNK B 166 -1.47 -33.44 -4.66
CA UNK B 166 -0.57 -33.36 -5.81
C UNK B 166 0.35 -32.15 -5.68
N UNK B 167 -0.19 -31.03 -5.21
CA UNK B 167 0.61 -29.86 -4.96
C UNK B 167 1.50 -30.06 -3.76
N UNK B 168 1.11 -30.91 -2.82
CA UNK B 168 1.99 -31.29 -1.73
C UNK B 168 3.17 -32.09 -2.23
N UNK B 169 2.91 -32.99 -3.17
CA UNK B 169 3.98 -33.74 -3.81
C UNK B 169 4.88 -32.80 -4.61
N UNK B 170 4.30 -31.78 -5.22
CA UNK B 170 5.09 -30.76 -5.88
C UNK B 170 5.87 -29.94 -4.86
N UNK B 171 5.32 -29.80 -3.65
CA UNK B 171 5.99 -29.08 -2.59
C UNK B 171 7.11 -29.90 -1.98
N UNK B 172 7.10 -31.22 -2.20
CA UNK B 172 8.24 -32.03 -1.79
C UNK B 172 9.47 -31.66 -2.60
N UNK B 173 9.29 -31.35 -3.86
CA UNK B 173 10.37 -30.79 -4.67
C UNK B 173 10.36 -29.26 -4.55
N UNK B 174 11.43 -28.65 -5.04
CA UNK B 174 11.53 -27.20 -5.01
C UNK B 174 12.18 -26.64 -6.27
N UNK B 175 11.99 -27.31 -7.41
CA UNK B 175 12.49 -26.77 -8.67
C UNK B 175 11.81 -25.46 -9.01
N UNK B 176 10.48 -25.45 -8.95
CA UNK B 176 9.72 -24.23 -8.81
C UNK B 176 8.70 -24.48 -7.69
N UNK B 177 9.16 -24.32 -6.45
CA UNK B 177 8.23 -24.41 -5.32
C UNK B 177 7.36 -23.17 -5.25
N UNK B 178 7.84 -22.06 -5.81
CA UNK B 178 7.00 -20.88 -5.96
C UNK B 178 5.82 -21.16 -6.89
N UNK B 179 6.12 -21.72 -8.07
CA UNK B 179 5.06 -22.05 -9.00
C UNK B 179 4.21 -23.20 -8.49
N UNK B 180 4.82 -24.10 -7.72
CA UNK B 180 4.05 -25.19 -7.12
C UNK B 180 3.06 -24.64 -6.10
N UNK B 181 3.49 -23.67 -5.29
CA UNK B 181 2.58 -23.03 -4.36
C UNK B 181 1.52 -22.22 -5.08
N UNK B 182 1.87 -21.68 -6.25
CA UNK B 182 0.90 -20.95 -7.05
C UNK B 182 -0.19 -21.87 -7.57
N UNK B 183 0.19 -23.05 -8.06
CA UNK B 183 -0.79 -24.02 -8.49
C UNK B 183 -1.61 -24.53 -7.31
N UNK B 184 -0.96 -24.65 -6.15
CA UNK B 184 -1.66 -25.01 -4.93
C UNK B 184 -2.72 -23.99 -4.58
N UNK B 185 -2.38 -22.72 -4.73
CA UNK B 185 -3.32 -21.65 -4.45
C UNK B 185 -4.47 -21.66 -5.44
N UNK B 186 -4.19 -21.96 -6.71
CA UNK B 186 -5.24 -22.00 -7.71
C UNK B 186 -6.22 -23.14 -7.41
N UNK B 187 -5.70 -24.29 -7.01
CA UNK B 187 -6.54 -25.43 -6.72
C UNK B 187 -7.39 -25.18 -5.48
N UNK B 188 -6.76 -24.72 -4.41
CA UNK B 188 -7.50 -24.43 -3.20
C UNK B 188 -8.47 -23.28 -3.40
N UNK B 189 -8.17 -22.38 -4.32
CA UNK B 189 -9.07 -21.28 -4.61
C UNK B 189 -10.31 -21.77 -5.35
N UNK B 190 -10.13 -22.71 -6.28
CA UNK B 190 -11.30 -23.29 -6.94
C UNK B 190 -12.14 -24.08 -5.96
N UNK B 191 -11.48 -24.72 -5.00
CA UNK B 191 -12.20 -25.40 -3.94
C UNK B 191 -13.00 -24.44 -3.08
N UNK B 192 -12.38 -23.32 -2.71
CA UNK B 192 -13.10 -22.33 -1.90
C UNK B 192 -14.20 -21.66 -2.70
N UNK B 193 -14.01 -21.56 -4.01
CA UNK B 193 -15.03 -21.01 -4.89
C UNK B 193 -16.23 -21.93 -4.95
N UNK B 194 -15.99 -23.22 -4.94
CA UNK B 194 -17.10 -24.15 -4.76
C UNK B 194 -17.72 -23.99 -3.38
N UNK B 195 -16.88 -23.77 -2.37
CA UNK B 195 -17.34 -23.78 -0.98
C UNK B 195 -18.27 -22.62 -0.69
N UNK B 196 -17.96 -21.45 -1.20
CA UNK B 196 -18.85 -20.32 -1.02
C UNK B 196 -20.04 -20.36 -1.96
N UNK B 197 -20.02 -21.24 -2.95
CA UNK B 197 -21.12 -21.32 -3.90
C UNK B 197 -22.33 -22.04 -3.35
N UNK B 198 -22.32 -22.44 -2.09
CA UNK B 198 -23.40 -23.23 -1.50
C UNK B 198 -24.62 -22.35 -1.28
N UNK B 199 -25.68 -22.58 -2.05
CA UNK B 199 -26.93 -21.85 -1.85
C UNK B 199 -27.67 -22.37 -0.62
N UNK B 200 -28.05 -23.64 -0.65
CA UNK B 200 -28.72 -24.27 0.48
C UNK B 200 -27.81 -25.30 1.12
N UNK B 201 -28.12 -25.63 2.37
CA UNK B 201 -27.24 -26.49 3.14
C UNK B 201 -27.29 -27.94 2.70
N UNK B 202 -28.32 -28.32 1.93
CA UNK B 202 -28.40 -29.70 1.44
C UNK B 202 -27.28 -29.97 0.46
N UNK B 203 -27.06 -29.05 -0.48
CA UNK B 203 -25.93 -29.18 -1.40
C UNK B 203 -24.61 -29.05 -0.66
N UNK B 204 -24.59 -28.30 0.44
CA UNK B 204 -23.39 -28.18 1.25
C UNK B 204 -23.03 -29.52 1.89
N UNK B 205 -24.03 -30.22 2.41
CA UNK B 205 -23.76 -31.48 3.07
C UNK B 205 -23.43 -32.56 2.06
N UNK B 206 -24.07 -32.54 0.90
CA UNK B 206 -23.71 -33.48 -0.15
C UNK B 206 -22.32 -33.21 -0.67
N UNK B 207 -21.89 -31.95 -0.63
CA UNK B 207 -20.49 -31.63 -0.87
C UNK B 207 -19.62 -32.17 0.25
N UNK B 208 -19.89 -31.74 1.48
CA UNK B 208 -19.10 -32.15 2.63
C UNK B 208 -19.57 -33.52 3.09
N UNK B 209 -19.28 -34.54 2.26
CA UNK B 209 -19.54 -35.90 2.66
C UNK B 209 -18.64 -36.31 3.81
N UNK B 210 -17.35 -36.06 3.67
CA UNK B 210 -16.40 -36.12 4.79
C UNK B 210 -15.47 -34.93 4.61
N UNK B 211 -15.86 -33.80 5.19
CA UNK B 211 -15.05 -32.59 5.09
C UNK B 211 -13.77 -32.67 5.91
N UNK B 212 -13.64 -33.69 6.77
CA UNK B 212 -12.39 -33.92 7.49
C UNK B 212 -11.24 -34.26 6.56
N UNK B 213 -11.55 -34.69 5.34
CA UNK B 213 -10.55 -34.85 4.29
C UNK B 213 -9.82 -33.54 3.98
N UNK B 214 -10.44 -32.40 4.27
CA UNK B 214 -9.74 -31.12 4.18
C UNK B 214 -8.58 -31.07 5.15
N UNK B 215 -8.77 -31.61 6.35
CA UNK B 215 -7.64 -31.79 7.25
C UNK B 215 -6.68 -32.83 6.70
N UNK B 216 -7.17 -33.80 5.93
CA UNK B 216 -6.26 -34.60 5.15
C UNK B 216 -5.63 -33.78 4.04
N UNK B 217 -6.39 -32.84 3.49
CA UNK B 217 -5.79 -31.87 2.59
C UNK B 217 -4.88 -30.91 3.34
N UNK B 218 -5.14 -30.73 4.64
CA UNK B 218 -4.19 -30.15 5.60
C UNK B 218 -3.81 -28.71 5.25
N UNK B 219 -4.78 -27.82 5.36
CA UNK B 219 -4.55 -26.39 5.23
C UNK B 219 -5.56 -25.66 6.12
N UNK B 220 -5.72 -24.37 5.88
CA UNK B 220 -6.83 -23.66 6.49
C UNK B 220 -8.13 -24.00 5.80
N UNK B 221 -8.09 -24.12 4.46
CA UNK B 221 -9.14 -24.67 3.61
C UNK B 221 -10.44 -23.89 3.68
N UNK B 222 -10.37 -22.62 4.07
CA UNK B 222 -11.43 -21.62 3.92
C UNK B 222 -12.72 -22.05 4.64
N UNK B 223 -12.62 -22.10 5.96
CA UNK B 223 -13.82 -22.36 6.73
C UNK B 223 -14.73 -21.14 6.70
N UNK B 224 -15.65 -21.10 5.75
CA UNK B 224 -16.58 -19.97 5.63
C UNK B 224 -17.85 -20.21 6.43
N UNK B 225 -18.59 -21.26 6.09
CA UNK B 225 -19.78 -21.64 6.83
C UNK B 225 -19.47 -22.85 7.69
N UNK B 226 -19.78 -22.76 8.97
CA UNK B 226 -19.52 -23.86 9.90
C UNK B 226 -20.75 -24.11 10.75
N UNK B 227 -21.91 -24.07 10.10
CA UNK B 227 -23.16 -24.21 10.83
C UNK B 227 -23.38 -25.63 11.31
N UNK B 228 -23.03 -26.61 10.48
CA UNK B 228 -23.09 -27.99 10.93
C UNK B 228 -22.03 -28.25 11.98
N UNK B 229 -20.92 -27.52 11.93
CA UNK B 229 -19.95 -27.57 13.02
C UNK B 229 -20.53 -26.99 14.29
N UNK B 230 -21.36 -25.95 14.15
CA UNK B 230 -22.06 -25.45 15.32
C UNK B 230 -23.08 -26.45 15.82
N UNK B 231 -23.65 -27.24 14.92
CA UNK B 231 -24.51 -28.35 15.35
C UNK B 231 -23.69 -29.40 16.07
N UNK B 232 -22.44 -29.60 15.67
CA UNK B 232 -21.54 -30.42 16.46
C UNK B 232 -21.16 -29.71 17.75
N UNK B 233 -20.56 -28.53 17.64
CA UNK B 233 -20.13 -27.81 18.82
C UNK B 233 -21.27 -26.96 19.35
N UNK B 234 -23.62 -29.54 19.73
CA UNK B 234 -23.90 -30.00 21.09
C UNK B 234 -22.76 -30.85 21.63
N UNK B 235 -22.58 -32.02 21.02
CA UNK B 235 -21.71 -33.04 21.60
C UNK B 235 -20.24 -32.68 21.45
N UNK B 236 -19.86 -31.94 20.40
CA UNK B 236 -18.49 -31.47 20.34
C UNK B 236 -18.25 -30.38 21.36
N UNK B 237 -19.25 -29.54 21.61
CA UNK B 237 -19.15 -28.61 22.73
C UNK B 237 -19.15 -29.37 24.05
N UNK B 238 -19.85 -30.51 24.11
CA UNK B 238 -19.82 -31.33 25.31
C UNK B 238 -18.45 -31.93 25.54
N UNK B 239 -17.79 -32.36 24.46
CA UNK B 239 -16.44 -32.90 24.59
C UNK B 239 -15.44 -31.82 24.92
N UNK B 240 -15.64 -30.61 24.39
CA UNK B 240 -14.83 -29.47 24.78
C UNK B 240 -15.03 -29.15 26.25
N UNK B 241 -16.25 -29.33 26.77
CA UNK B 241 -16.48 -29.16 28.19
C UNK B 241 -15.82 -30.26 28.99
N UNK B 242 -15.75 -31.47 28.45
CA UNK B 242 -15.04 -32.55 29.12
C UNK B 242 -13.55 -32.26 29.20
N UNK B 243 -13.00 -31.72 28.13
CA UNK B 243 -11.61 -31.26 28.14
C UNK B 243 -11.43 -30.09 29.09
N UNK B 244 -12.45 -29.24 29.22
CA UNK B 244 -12.39 -28.13 30.15
C UNK B 244 -12.36 -28.62 31.59
N UNK B 245 -13.13 -29.67 31.88
CA UNK B 245 -13.10 -30.26 33.20
C UNK B 245 -11.78 -30.95 33.46
N UNK B 246 -11.18 -31.54 32.43
CA UNK B 246 -9.86 -32.15 32.58
C UNK B 246 -8.80 -31.09 32.87
N UNK B 247 -8.89 -29.96 32.18
CA UNK B 247 -7.99 -28.84 32.47
C UNK B 247 -8.26 -28.25 33.83
N UNK B 248 -9.52 -28.29 34.28
CA UNK B 248 -9.84 -27.86 35.63
C UNK B 248 -9.22 -28.79 36.65
N UNK B 249 -9.18 -30.08 36.35
CA UNK B 249 -8.50 -31.03 37.23
C UNK B 249 -7.00 -30.79 37.25
N UNK B 250 -6.43 -30.44 36.10
CA UNK B 250 -5.02 -30.11 36.03
C UNK B 250 -4.70 -28.87 36.85
N UNK B 251 -5.58 -27.87 36.80
CA UNK B 251 -5.41 -26.69 37.63
C UNK B 251 -5.60 -27.02 39.11
N UNK B 252 -6.54 -27.92 39.39
CA UNK B 252 -6.80 -28.34 40.75
C UNK B 252 -5.66 -29.15 41.33
N UNK B 253 -4.81 -29.72 40.48
CA UNK B 253 -3.63 -30.41 40.95
C UNK B 253 -2.61 -29.49 41.63
N UNK B 254 -2.76 -28.17 41.47
CA UNK B 254 -1.80 -27.21 41.99
C UNK B 254 -2.08 -26.79 43.43
N UNK B 255 -2.78 -27.62 44.20
CA UNK B 255 -3.17 -27.24 45.55
C UNK B 255 -2.17 -27.70 46.60
N UNK B 256 -0.88 -27.77 46.25
CA UNK B 256 0.11 -28.35 47.13
C UNK B 256 0.41 -27.49 48.34
N UNK B 257 0.04 -26.22 48.32
CA UNK B 257 0.23 -25.35 49.48
C UNK B 257 -0.76 -25.74 50.57
N UNK B 258 -3.56 -37.72 50.00
CA UNK B 258 -3.86 -36.31 49.79
C UNK B 258 -2.97 -35.74 48.71
N UNK B 259 -1.77 -35.30 49.11
CA UNK B 259 -0.76 -34.96 48.12
C UNK B 259 -0.31 -36.20 47.37
N UNK B 260 -0.26 -37.34 48.06
CA UNK B 260 -0.11 -38.61 47.38
C UNK B 260 -1.31 -38.88 46.50
N UNK B 261 -2.51 -38.53 46.95
CA UNK B 261 -3.69 -38.65 46.11
C UNK B 261 -3.68 -37.62 44.99
N UNK B 262 -3.06 -36.47 45.22
CA UNK B 262 -2.88 -35.50 44.14
C UNK B 262 -1.97 -36.07 43.06
N UNK B 263 -0.87 -36.70 43.48
CA UNK B 263 0.01 -37.40 42.56
C UNK B 263 -0.70 -38.56 41.89
N UNK B 264 -1.67 -39.15 42.58
CA UNK B 264 -2.45 -40.23 41.99
C UNK B 264 -3.34 -39.71 40.86
N UNK B 265 -4.00 -38.56 41.06
CA UNK B 265 -4.80 -37.97 39.99
C UNK B 265 -3.91 -37.54 38.82
N UNK B 266 -2.70 -37.09 39.15
CA UNK B 266 -1.73 -36.75 38.11
C UNK B 266 -1.32 -37.97 37.30
N UNK B 267 -1.03 -39.08 37.98
CA UNK B 267 -0.66 -40.31 37.28
C UNK B 267 -1.84 -40.88 36.51
N UNK B 268 -3.06 -40.60 36.97
CA UNK B 268 -4.25 -40.98 36.23
C UNK B 268 -4.33 -40.25 34.90
N UNK B 269 -4.09 -38.94 34.92
CA UNK B 269 -4.07 -38.18 33.67
C UNK B 269 -2.91 -38.61 32.77
N UNK B 270 -1.76 -38.97 33.38
CA UNK B 270 -0.60 -39.41 32.61
C UNK B 270 -0.85 -40.73 31.90
N UNK B 271 -1.43 -41.70 32.63
CA UNK B 271 -1.79 -42.97 32.02
C UNK B 271 -2.91 -42.81 31.01
N UNK B 272 -3.78 -41.82 31.20
CA UNK B 272 -4.79 -41.51 30.19
C UNK B 272 -4.15 -41.04 28.89
N UNK B 273 -3.15 -40.17 29.00
CA UNK B 273 -2.44 -39.72 27.80
C UNK B 273 -1.66 -40.85 27.16
N UNK B 274 -1.07 -41.73 27.97
CA UNK B 274 -0.31 -42.87 27.46
C UNK B 274 -1.22 -43.84 26.74
N UNK B 275 -2.43 -44.07 27.26
CA UNK B 275 -3.39 -44.90 26.56
C UNK B 275 -3.92 -44.20 25.32
N UNK B 276 -3.97 -42.86 25.34
CA UNK B 276 -4.43 -42.12 24.18
C UNK B 276 -3.45 -42.18 23.04
N UNK B 277 -2.16 -42.33 23.35
CA UNK B 277 -1.13 -42.31 22.32
C UNK B 277 -1.00 -43.62 21.53
N UNK B 278 -1.97 -44.54 21.61
CA UNK B 278 -1.83 -45.84 20.96
C UNK B 278 -1.98 -45.78 19.45
N UNK B 279 -2.56 -44.70 18.93
CA UNK B 279 -2.70 -44.57 17.49
C UNK B 279 -1.37 -44.18 16.87
N UNK B 280 0.63 -32.49 16.62
CA UNK B 280 0.78 -33.19 17.89
C UNK B 280 1.92 -32.59 18.68
N UNK B 281 2.24 -31.33 18.40
CA UNK B 281 3.37 -30.67 19.03
C UNK B 281 3.10 -30.43 20.51
N UNK B 282 1.95 -29.80 20.82
CA UNK B 282 1.55 -29.67 22.21
C UNK B 282 1.20 -31.02 22.82
N UNK B 283 0.77 -31.98 22.00
CA UNK B 283 0.58 -33.33 22.50
C UNK B 283 1.91 -33.97 22.88
N UNK B 284 2.95 -33.69 22.11
CA UNK B 284 4.29 -34.13 22.48
C UNK B 284 4.75 -33.44 23.76
N UNK B 285 4.37 -32.17 23.92
CA UNK B 285 4.65 -31.47 25.16
C UNK B 285 3.93 -32.11 26.33
N UNK B 286 2.70 -32.56 26.11
CA UNK B 286 1.94 -33.22 27.16
C UNK B 286 2.55 -34.56 27.52
N UNK B 287 3.05 -35.29 26.52
CA UNK B 287 3.71 -36.56 26.78
C UNK B 287 5.00 -36.35 27.55
N UNK B 288 5.74 -35.30 27.20
CA UNK B 288 6.94 -34.97 27.95
C UNK B 288 6.61 -34.53 29.37
N UNK B 289 5.48 -33.84 29.54
CA UNK B 289 5.07 -33.41 30.87
C UNK B 289 4.70 -34.62 31.73
N UNK B 290 3.99 -35.58 31.13
CA UNK B 290 3.68 -36.81 31.82
C UNK B 290 4.93 -37.60 32.14
N UNK B 291 5.93 -37.54 31.27
CA UNK B 291 7.20 -38.19 31.54
C UNK B 291 7.92 -37.53 32.72
N UNK B 292 7.90 -36.21 32.77
CA UNK B 292 8.51 -35.50 33.89
C UNK B 292 7.78 -35.79 35.18
N UNK B 293 6.46 -35.89 35.11
CA UNK B 293 5.66 -36.25 36.27
C UNK B 293 5.96 -37.67 36.74
N UNK B 294 6.13 -38.60 35.79
CA UNK B 294 6.43 -39.97 36.15
C UNK B 294 7.82 -40.11 36.75
N UNK B 295 8.77 -39.33 36.24
CA UNK B 295 10.11 -39.35 36.81
C UNK B 295 10.12 -38.77 38.22
N UNK B 296 9.37 -37.69 38.43
CA UNK B 296 9.27 -37.11 39.76
C UNK B 296 8.60 -38.07 40.73
N UNK B 297 7.58 -38.78 40.28
CA UNK B 297 6.90 -39.74 41.13
C UNK B 297 7.80 -40.92 41.45
N UNK B 298 8.60 -41.35 40.48
CA UNK B 298 9.53 -42.45 40.73
C UNK B 298 10.63 -42.01 41.70
N UNK B 299 11.09 -40.77 41.59
CA UNK B 299 12.11 -40.28 42.49
C UNK B 299 11.55 -40.12 43.91
N UNK B 300 10.31 -39.65 44.03
CA UNK B 300 9.68 -39.57 45.33
C UNK B 300 9.40 -40.96 45.91
N UNK B 301 9.13 -41.95 45.05
CA UNK B 301 8.91 -43.30 45.53
C UNK B 301 10.21 -43.92 46.02
N UNK B 302 11.31 -43.64 45.33
CA UNK B 302 12.62 -44.07 45.81
C UNK B 302 12.98 -43.39 47.12
N UNK B 303 12.60 -42.12 47.25
CA UNK B 303 12.82 -41.40 48.50
C UNK B 303 12.00 -41.99 49.63
N UNK B 304 10.76 -42.41 49.35
CA UNK B 304 9.92 -43.01 50.37
C UNK B 304 10.40 -44.41 50.73
N UNK B 305 10.94 -45.14 49.76
CA UNK B 305 11.46 -46.46 50.02
C UNK B 305 12.73 -46.39 50.87
N UNK B 306 13.60 -45.41 50.57
CA UNK B 306 14.76 -45.19 51.42
C UNK B 306 14.35 -44.64 52.78
N UNK B 307 13.24 -43.92 52.84
CA UNK B 307 12.78 -43.35 54.11
C UNK B 307 12.17 -44.43 55.00
N UNK B 308 11.30 -45.27 54.42
CA UNK B 308 10.66 -46.35 55.16
C UNK B 308 11.49 -47.62 55.19
N UNK B 309 12.79 -47.52 54.93
CA UNK B 309 13.65 -48.71 54.89
C UNK B 309 13.88 -49.27 56.28
N UNK B 310 14.52 -48.50 57.14
CA UNK B 310 14.80 -48.98 58.48
C UNK B 310 13.57 -48.82 59.37
N UNK B 311 13.70 -49.32 60.59
CA UNK B 311 12.63 -49.21 61.57
C UNK B 311 13.21 -49.13 62.97
N UNK B 312 20.61 -36.30 49.21
CA UNK B 312 20.72 -35.40 48.07
C UNK B 312 19.72 -35.78 46.99
N UNK B 313 19.21 -37.01 47.08
CA UNK B 313 18.28 -37.50 46.06
C UNK B 313 16.91 -36.88 46.20
N UNK B 314 16.54 -36.49 47.42
CA UNK B 314 15.25 -35.83 47.62
C UNK B 314 15.20 -34.47 46.96
N UNK B 315 16.35 -33.80 46.87
CA UNK B 315 16.45 -32.58 46.09
C UNK B 315 16.19 -32.85 44.62
N UNK B 316 16.69 -33.98 44.11
CA UNK B 316 16.40 -34.35 42.73
C UNK B 316 14.93 -34.68 42.53
N UNK B 317 14.29 -35.28 43.54
CA UNK B 317 12.87 -35.57 43.48
C UNK B 317 12.05 -34.28 43.40
N UNK B 318 12.39 -33.31 44.25
CA UNK B 318 11.71 -32.03 44.23
C UNK B 318 11.98 -31.26 42.96
N UNK B 319 13.18 -31.44 42.39
CA UNK B 319 13.53 -30.74 41.16
C UNK B 319 12.72 -31.28 39.98
N UNK B 320 12.60 -32.61 39.88
CA UNK B 320 11.76 -33.17 38.84
C UNK B 320 10.29 -32.81 39.05
N UNK B 321 9.88 -32.68 40.32
CA UNK B 321 8.53 -32.22 40.62
C UNK B 321 8.30 -30.80 40.12
N UNK B 322 9.28 -29.92 40.33
CA UNK B 322 9.14 -28.54 39.88
C UNK B 322 9.18 -28.46 38.36
N UNK B 323 10.01 -29.29 37.73
CA UNK B 323 10.09 -29.32 36.28
C UNK B 323 8.77 -29.78 35.66
N UNK B 324 8.17 -30.81 36.23
CA UNK B 324 6.86 -31.25 35.78
C UNK B 324 5.79 -30.21 36.10
N UNK B 325 5.95 -29.45 37.17
CA UNK B 325 4.98 -28.40 37.49
C UNK B 325 5.02 -27.30 36.46
N UNK B 326 6.23 -26.92 36.06
CA UNK B 326 6.38 -25.94 34.97
C UNK B 326 5.82 -26.48 33.67
N UNK B 327 6.10 -27.76 33.39
CA UNK B 327 5.60 -28.38 32.17
C UNK B 327 4.08 -28.47 32.18
N UNK B 328 3.48 -28.65 33.35
CA UNK B 328 2.03 -28.71 33.44
C UNK B 328 1.41 -27.34 33.27
N UNK B 329 2.08 -26.31 33.79
CA UNK B 329 1.63 -24.95 33.51
C UNK B 329 1.68 -24.65 32.03
N UNK B 330 2.74 -25.14 31.37
CA UNK B 330 2.86 -25.00 29.93
C UNK B 330 1.75 -25.74 29.19
N UNK B 331 1.44 -26.95 29.63
CA UNK B 331 0.37 -27.72 29.00
C UNK B 331 -0.99 -27.07 29.22
N UNK B 332 -1.18 -26.46 30.40
CA UNK B 332 -2.42 -25.75 30.68
C UNK B 332 -2.56 -24.54 29.77
N UNK B 333 -1.45 -23.89 29.46
CA UNK B 333 -1.49 -22.87 28.42
C UNK B 333 -1.75 -23.48 27.06
N UNK B 334 -1.33 -24.73 26.83
CA UNK B 334 -1.28 -25.31 25.50
C UNK B 334 -2.63 -25.81 25.01
N UNK B 335 -3.75 -25.33 25.56
CA UNK B 335 -5.05 -25.76 25.08
C UNK B 335 -6.06 -24.62 25.04
N UNK B 336 -5.61 -23.41 24.71
CA UNK B 336 -6.51 -22.26 24.86
C UNK B 336 -7.47 -22.10 23.69
N UNK B 337 -6.94 -21.78 22.50
CA UNK B 337 -7.71 -21.29 21.35
C UNK B 337 -8.68 -20.18 21.75
N UNK B 338 -8.15 -19.18 22.48
CA UNK B 338 -8.95 -18.23 23.22
C UNK B 338 -9.39 -17.05 22.35
N UNK B 339 -10.72 -16.86 22.24
CA UNK B 339 -11.37 -15.74 21.58
C UNK B 339 -11.04 -15.64 20.10
N UNK B 340 -10.52 -16.72 19.51
CA UNK B 340 -9.85 -16.73 18.20
C UNK B 340 -8.85 -15.59 18.09
N UNK B 341 -8.09 -15.38 19.16
CA UNK B 341 -7.32 -14.16 19.29
C UNK B 341 -5.83 -14.39 19.41
N UNK B 342 -5.41 -15.27 20.31
CA UNK B 342 -4.02 -15.38 20.69
C UNK B 342 -3.26 -16.37 19.80
N UNK B 343 -3.67 -16.50 18.55
CA UNK B 343 -3.09 -17.53 17.71
C UNK B 343 -1.71 -17.16 17.18
N UNK B 344 -1.49 -15.89 16.85
CA UNK B 344 -0.44 -15.53 15.89
C UNK B 344 0.96 -15.49 16.50
N UNK B 345 1.06 -15.35 17.82
CA UNK B 345 2.36 -15.13 18.46
C UNK B 345 3.28 -16.32 18.33
N UNK B 346 2.74 -17.53 18.20
CA UNK B 346 3.59 -18.69 17.95
C UNK B 346 4.17 -18.62 16.55
N UNK B 347 3.38 -18.16 15.58
CA UNK B 347 3.89 -17.96 14.23
C UNK B 347 4.95 -16.88 14.22
N UNK B 348 4.81 -15.90 15.11
CA UNK B 348 5.90 -14.96 15.33
C UNK B 348 7.10 -15.65 15.95
N UNK B 349 6.86 -16.60 16.85
CA UNK B 349 7.95 -17.18 17.63
C UNK B 349 8.79 -18.13 16.79
N UNK B 350 8.22 -18.67 15.70
CA UNK B 350 8.90 -19.69 14.90
C UNK B 350 10.15 -19.13 14.22
N UNK B 351 9.96 -18.14 13.34
CA UNK B 351 11.10 -17.51 12.68
C UNK B 351 11.96 -16.73 13.67
N UNK B 352 11.39 -16.34 14.81
CA UNK B 352 12.19 -15.76 15.87
C UNK B 352 13.20 -16.76 16.40
N UNK B 353 12.76 -17.99 16.66
CA UNK B 353 13.68 -19.04 17.07
C UNK B 353 14.64 -19.40 15.96
N UNK B 354 14.23 -19.21 14.71
CA UNK B 354 15.14 -19.39 13.58
C UNK B 354 16.28 -18.38 13.62
N UNK B 355 15.97 -17.10 13.84
CA UNK B 355 17.00 -16.07 13.95
C UNK B 355 17.84 -16.25 15.21
N UNK B 356 17.23 -16.85 16.24
CA UNK B 356 17.91 -17.07 17.51
C UNK B 356 19.10 -18.01 17.36
N UNK B 357 19.12 -18.82 16.30
CA UNK B 357 20.25 -19.69 16.04
C UNK B 357 21.50 -18.90 15.70
N UNK B 358 21.39 -17.94 14.77
CA UNK B 358 22.54 -17.10 14.45
C UNK B 358 22.91 -16.21 15.62
N UNK B 359 21.89 -15.79 16.39
CA UNK B 359 22.13 -15.08 17.63
C UNK B 359 22.97 -15.91 18.59
N UNK B 360 22.63 -17.19 18.73
CA UNK B 360 23.38 -18.07 19.60
C UNK B 360 24.76 -18.39 19.04
N UNK B 361 24.92 -18.35 17.72
CA UNK B 361 26.22 -18.57 17.11
C UNK B 361 27.18 -17.45 17.48
N UNK B 362 26.72 -16.21 17.35
CA UNK B 362 27.53 -15.09 17.80
C UNK B 362 27.74 -15.11 19.30
N UNK B 363 26.74 -15.57 20.06
CA UNK B 363 26.89 -15.70 21.50
C UNK B 363 27.95 -16.72 21.85
N UNK B 364 28.03 -17.79 21.07
CA UNK B 364 29.07 -18.79 21.28
C UNK B 364 30.43 -18.23 20.94
N UNK B 365 30.49 -17.39 19.92
CA UNK B 365 31.75 -16.72 19.58
C UNK B 365 32.23 -15.83 20.72
N UNK B 366 31.30 -15.07 21.32
CA UNK B 366 31.68 -14.20 22.43
C UNK B 366 32.02 -14.99 23.68
N UNK B 367 31.31 -16.09 23.92
CA UNK B 367 31.59 -16.91 25.10
C UNK B 367 32.95 -17.58 24.98
N UNK B 368 33.31 -17.98 23.76
CA UNK B 368 34.66 -18.48 23.54
C UNK B 368 35.69 -17.38 23.69
N UNK B 369 35.32 -16.15 23.30
CA UNK B 369 36.20 -15.02 23.52
C UNK B 369 36.40 -14.72 24.99
N UNK B 370 35.46 -15.13 25.83
CA UNK B 370 35.57 -14.92 27.27
C UNK B 370 36.57 -15.87 27.96
N UNK B 371 37.47 -16.51 27.23
CA UNK B 371 38.37 -17.49 27.83
C UNK B 371 39.42 -16.85 28.73
N UNK B 372 39.71 -15.58 28.52
CA UNK B 372 40.77 -14.92 29.29
C UNK B 372 40.38 -14.71 30.74
N UNK B 373 36.19 -14.38 36.25
CA UNK B 373 34.96 -14.59 35.51
C UNK B 373 35.24 -14.93 34.06
N UNK B 374 35.78 -16.12 33.83
CA UNK B 374 36.15 -16.52 32.47
C UNK B 374 35.61 -17.89 32.11
N UNK B 375 35.48 -18.78 33.10
CA UNK B 375 35.16 -20.17 32.81
C UNK B 375 33.69 -20.38 32.49
N UNK B 376 32.82 -20.11 33.47
CA UNK B 376 31.38 -20.20 33.27
C UNK B 376 30.77 -18.85 32.98
N UNK B 377 31.55 -17.96 32.37
CA UNK B 377 31.09 -16.61 32.07
C UNK B 377 30.09 -16.55 30.93
N UNK B 378 29.82 -17.68 30.26
CA UNK B 378 28.68 -17.74 29.36
C UNK B 378 27.38 -17.53 30.11
N UNK B 379 27.33 -17.98 31.37
CA UNK B 379 26.21 -17.64 32.24
C UNK B 379 26.17 -16.14 32.52
N UNK B 380 27.35 -15.52 32.69
CA UNK B 380 27.40 -14.08 32.92
C UNK B 380 26.90 -13.33 31.69
N UNK B 381 27.21 -13.84 30.51
CA UNK B 381 26.72 -13.23 29.28
C UNK B 381 25.21 -13.43 29.12
N UNK B 382 24.72 -14.61 29.50
CA UNK B 382 23.30 -14.90 29.34
C UNK B 382 22.46 -14.06 30.29
N UNK B 383 22.95 -13.85 31.50
CA UNK B 383 22.29 -12.91 32.39
C UNK B 383 22.58 -11.46 32.02
N UNK B 384 23.63 -11.23 31.24
CA UNK B 384 24.04 -9.87 30.94
C UNK B 384 23.15 -9.17 29.93
N UNK B 385 22.18 -9.86 29.33
CA UNK B 385 21.25 -9.22 28.40
C UNK B 385 20.44 -8.13 29.08
N UNK B 386 20.16 -8.31 30.37
CA UNK B 386 19.68 -7.23 31.21
C UNK B 386 20.59 -7.01 32.41
N UNK B 387 21.79 -7.58 32.40
CA UNK B 387 22.77 -7.56 33.49
C UNK B 387 22.19 -8.04 34.81
N UNK B 388 45.54 -3.86 33.89
CA UNK B 388 46.63 -3.52 32.98
C UNK B 388 46.08 -2.98 31.67
N UNK B 389 46.79 -3.23 30.58
CA UNK B 389 46.19 -3.06 29.26
C UNK B 389 45.21 -4.17 28.96
N UNK B 390 45.27 -5.25 29.73
CA UNK B 390 44.19 -6.24 29.72
C UNK B 390 42.89 -5.64 30.22
N UNK B 391 42.96 -4.62 31.08
CA UNK B 391 41.73 -3.90 31.43
C UNK B 391 41.18 -3.15 30.23
N UNK B 392 42.07 -2.60 29.39
CA UNK B 392 41.61 -2.01 28.15
C UNK B 392 41.08 -3.08 27.21
N UNK B 393 41.64 -4.28 27.28
CA UNK B 393 41.10 -5.40 26.51
C UNK B 393 39.71 -5.78 27.02
N UNK B 394 39.48 -5.70 28.33
CA UNK B 394 38.17 -5.97 28.87
C UNK B 394 37.18 -4.88 28.48
N UNK B 395 37.66 -3.65 28.34
CA UNK B 395 36.82 -2.58 27.83
C UNK B 395 36.43 -2.86 26.38
N UNK B 396 37.39 -3.34 25.58
CA UNK B 396 37.08 -3.76 24.22
C UNK B 396 36.15 -4.96 24.22
N UNK B 397 36.24 -5.79 25.24
CA UNK B 397 35.36 -6.95 25.34
C UNK B 397 33.93 -6.52 25.61
N UNK B 398 33.75 -5.58 26.54
CA UNK B 398 32.42 -5.04 26.77
C UNK B 398 31.93 -4.27 25.55
N UNK B 399 32.85 -3.69 24.79
CA UNK B 399 32.48 -3.07 23.52
C UNK B 399 31.97 -4.11 22.54
N UNK B 400 32.58 -5.28 22.52
CA UNK B 400 32.07 -6.37 21.70
C UNK B 400 30.72 -6.85 22.20
N UNK B 401 30.52 -6.83 23.51
CA UNK B 401 29.22 -7.20 24.08
C UNK B 401 28.15 -6.22 23.67
N UNK B 402 28.48 -4.93 23.67
CA UNK B 402 27.52 -3.93 23.22
C UNK B 402 27.34 -3.99 21.71
N UNK B 403 28.36 -4.43 20.97
CA UNK B 403 28.19 -4.65 19.56
C UNK B 403 27.24 -5.82 19.31
N UNK B 404 27.30 -6.81 20.18
CA UNK B 404 26.31 -7.89 20.14
C UNK B 404 24.94 -7.37 20.49
N UNK B 405 24.85 -6.38 21.37
CA UNK B 405 23.57 -5.75 21.66
C UNK B 405 23.05 -5.00 20.46
N UNK B 406 23.96 -4.40 19.70
CA UNK B 406 23.58 -3.77 18.45
C UNK B 406 23.07 -4.80 17.46
N UNK B 407 23.69 -5.98 17.47
CA UNK B 407 23.20 -7.08 16.66
C UNK B 407 21.83 -7.54 17.12
N UNK B 408 21.58 -7.47 18.43
CA UNK B 408 20.25 -7.81 18.94
C UNK B 408 19.22 -6.79 18.49
N UNK B 409 19.64 -5.53 18.42
CA UNK B 409 18.80 -4.50 17.86
C UNK B 409 18.52 -4.76 16.40
N UNK B 410 19.52 -5.26 15.69
CA UNK B 410 19.34 -5.63 14.29
C UNK B 410 18.38 -6.79 14.15
N UNK B 411 18.42 -7.72 15.11
CA UNK B 411 17.52 -8.87 15.06
C UNK B 411 16.10 -8.45 15.32
N UNK B 412 15.91 -7.53 16.27
CA UNK B 412 14.57 -6.99 16.51
C UNK B 412 14.09 -6.18 15.33
N UNK B 413 15.00 -5.49 14.67
CA UNK B 413 14.65 -4.72 13.47
C UNK B 413 14.26 -5.65 12.35
N UNK B 414 14.94 -6.79 12.22
CA UNK B 414 14.58 -7.75 11.20
C UNK B 414 13.28 -8.44 11.52
N UNK B 415 13.00 -8.66 12.79
CA UNK B 415 11.71 -9.22 13.17
C UNK B 415 10.59 -8.24 12.89
N UNK B 416 10.87 -6.95 13.10
CA UNK B 416 9.91 -5.93 12.72
C UNK B 416 9.75 -5.87 11.21
N UNK B 417 10.83 -6.10 10.49
CA UNK B 417 10.77 -6.17 9.03
C UNK B 417 9.93 -7.36 8.59
N UNK B 418 10.00 -8.46 9.35
CA UNK B 418 9.14 -9.60 9.10
C UNK B 418 7.69 -9.25 9.40
N UNK B 419 7.48 -8.42 10.42
CA UNK B 419 6.14 -7.95 10.73
C UNK B 419 5.59 -7.05 9.65
N UNK B 420 6.47 -6.34 8.94
CA UNK B 420 6.03 -5.59 7.77
C UNK B 420 5.53 -6.51 6.67
N UNK B 421 6.12 -7.70 6.55
CA UNK B 421 5.60 -8.69 5.64
C UNK B 421 4.35 -9.30 6.24
N UNK B 422 -8.12 -11.61 8.33
CA UNK B 422 -7.09 -12.36 7.64
C UNK B 422 -6.56 -13.47 8.54
N UNK B 423 -5.85 -13.07 9.60
CA UNK B 423 -5.39 -14.04 10.57
C UNK B 423 -6.52 -14.56 11.44
N UNK B 424 -7.65 -13.85 11.48
CA UNK B 424 -8.84 -14.37 12.12
C UNK B 424 -9.34 -15.63 11.44
N UNK B 425 -9.12 -15.73 10.12
CA UNK B 425 -9.41 -16.98 9.43
C UNK B 425 -8.50 -18.09 9.92
N UNK B 426 -7.23 -17.78 10.18
CA UNK B 426 -6.32 -18.78 10.72
C UNK B 426 -6.73 -19.21 12.11
N UNK B 427 -7.12 -18.24 12.95
CA UNK B 427 -7.54 -18.57 14.31
C UNK B 427 -8.86 -19.33 14.30
N UNK B 428 -9.75 -18.97 13.37
CA UNK B 428 -11.01 -19.67 13.24
C UNK B 428 -10.80 -21.08 12.76
N UNK B 429 -9.88 -21.28 11.82
CA UNK B 429 -9.58 -22.63 11.34
C UNK B 429 -8.89 -23.45 12.42
N UNK B 430 -8.05 -22.82 13.22
CA UNK B 430 -7.36 -23.55 14.26
C UNK B 430 -8.31 -23.95 15.38
N UNK B 431 -9.09 -23.00 15.87
CA UNK B 431 -10.09 -23.31 16.89
C UNK B 431 -11.18 -24.21 16.33
N UNK B 432 -11.42 -24.13 15.03
CA UNK B 432 -12.33 -25.05 14.38
C UNK B 432 -11.74 -26.44 14.35
N UNK B 433 -10.43 -26.55 14.16
CA UNK B 433 -9.78 -27.84 14.24
C UNK B 433 -9.81 -28.37 15.66
N UNK B 434 -9.78 -27.47 16.64
CA UNK B 434 -9.92 -27.88 18.02
C UNK B 434 -11.32 -28.41 18.30
N UNK B 435 -12.33 -27.69 17.82
CA UNK B 435 -13.71 -28.16 17.99
C UNK B 435 -13.97 -29.41 17.18
N UNK B 436 -13.26 -29.58 16.07
CA UNK B 436 -13.39 -30.78 15.26
C UNK B 436 -12.69 -31.95 15.92
N UNK B 437 -11.62 -31.69 16.65
CA UNK B 437 -11.00 -32.73 17.44
C UNK B 437 -11.89 -33.11 18.60
N UNK B 438 -12.61 -32.15 19.16
CA UNK B 438 -13.63 -32.46 20.15
C UNK B 438 -14.75 -33.27 19.53
N UNK B 439 -15.09 -32.96 18.27
CA UNK B 439 -16.08 -33.75 17.55
C UNK B 439 -15.55 -35.14 17.25
N UNK B 440 -14.25 -35.25 17.00
CA UNK B 440 -13.62 -36.54 16.78
C UNK B 440 -13.59 -37.34 18.06
N UNK B 441 -13.42 -36.68 19.19
CA UNK B 441 -13.61 -37.31 20.48
C UNK B 441 -15.06 -37.73 20.67
N UNK B 442 -16.00 -36.96 20.12
CA UNK B 442 -17.39 -37.36 20.16
C UNK B 442 -17.72 -38.41 19.10
N UNK B 443 -17.13 -38.30 17.91
CA UNK B 443 -17.34 -39.31 16.89
C UNK B 443 -16.22 -40.32 16.92
N UNK B 444 -28.37 -40.72 -9.45
CA UNK B 444 -27.78 -39.53 -10.07
C UNK B 444 -28.26 -38.28 -9.37
N UNK B 445 -28.93 -38.46 -8.23
CA UNK B 445 -29.49 -37.32 -7.52
C UNK B 445 -28.41 -36.50 -6.85
N UNK B 446 -27.45 -37.16 -6.22
CA UNK B 446 -26.25 -36.46 -5.75
C UNK B 446 -25.48 -35.92 -6.94
N UNK B 447 -25.47 -36.66 -8.05
CA UNK B 447 -24.90 -36.15 -9.29
C UNK B 447 -25.71 -34.98 -9.82
N UNK B 448 -27.03 -34.99 -9.63
CA UNK B 448 -27.84 -33.86 -10.05
C UNK B 448 -27.52 -32.62 -9.21
N UNK B 449 -27.31 -32.82 -7.91
CA UNK B 449 -26.94 -31.72 -7.04
C UNK B 449 -25.59 -31.16 -7.41
N UNK B 450 -24.63 -32.03 -7.68
CA UNK B 450 -23.31 -31.59 -8.13
C UNK B 450 -23.39 -30.91 -9.48
N UNK B 451 -24.31 -31.35 -10.33
CA UNK B 451 -24.49 -30.72 -11.63
C UNK B 451 -25.03 -29.30 -11.49
N UNK B 452 -26.04 -29.13 -10.65
CA UNK B 452 -26.59 -27.81 -10.39
C UNK B 452 -25.55 -26.90 -9.77
N UNK B 453 -24.73 -27.47 -8.88
CA UNK B 453 -23.65 -26.72 -8.24
C UNK B 453 -22.61 -26.28 -9.24
N UNK B 454 -22.24 -27.18 -10.15
CA UNK B 454 -21.21 -26.88 -11.13
C UNK B 454 -21.69 -25.81 -12.10
N UNK B 455 -22.96 -25.90 -12.52
CA UNK B 455 -23.50 -24.91 -13.44
C UNK B 455 -23.60 -23.54 -12.77
N UNK B 456 -24.02 -23.51 -11.51
CA UNK B 456 -24.10 -22.25 -10.80
C UNK B 456 -22.71 -21.64 -10.61
N UNK B 457 -21.72 -22.48 -10.30
CA UNK B 457 -20.36 -21.99 -10.11
C UNK B 457 -19.77 -21.48 -11.41
N UNK B 458 -20.09 -22.15 -12.51
CA UNK B 458 -19.56 -21.73 -13.81
C UNK B 458 -20.17 -20.41 -14.25
N UNK B 459 -21.49 -20.29 -14.14
CA UNK B 459 -22.17 -19.09 -14.59
C UNK B 459 -21.77 -17.90 -13.73
N UNK B 460 -21.75 -18.10 -12.41
CA UNK B 460 -21.32 -17.04 -11.51
C UNK B 460 -19.87 -16.68 -11.75
N UNK B 461 -19.05 -17.65 -12.16
CA UNK B 461 -17.65 -17.35 -12.39
C UNK B 461 -17.45 -16.49 -13.63
N UNK B 462 -18.17 -16.84 -14.70
CA UNK B 462 -18.06 -16.04 -15.92
C UNK B 462 -18.58 -14.64 -15.69
N UNK B 463 -19.66 -14.52 -14.92
CA UNK B 463 -20.20 -13.20 -14.61
C UNK B 463 -19.28 -12.43 -13.68
N UNK B 464 -18.49 -13.14 -12.89
CA UNK B 464 -17.50 -12.45 -12.07
C UNK B 464 -16.39 -11.90 -12.93
N UNK B 465 -15.86 -12.73 -13.83
CA UNK B 465 -14.68 -12.33 -14.59
C UNK B 465 -15.01 -11.24 -15.59
N UNK B 466 -16.26 -11.14 -16.02
CA UNK B 466 -16.60 -10.05 -16.92
C UNK B 466 -16.67 -8.70 -16.21
N UNK B 467 -16.80 -8.70 -14.88
CA UNK B 467 -17.04 -7.47 -14.15
C UNK B 467 -15.79 -6.61 -13.99
N UNK B 468 -14.62 -7.17 -14.23
CA UNK B 468 -13.37 -6.50 -13.88
C UNK B 468 -12.95 -5.55 -14.98
N UNK B 469 -11.77 -4.97 -14.82
CA UNK B 469 -11.27 -3.98 -15.74
C UNK B 469 -10.98 -4.54 -17.12
N UNK B 470 -11.18 -3.69 -18.12
CA UNK B 470 -10.92 -4.05 -19.50
C UNK B 470 -9.43 -3.97 -19.80
N UNK B 471 -9.06 -4.34 -21.01
CA UNK B 471 -7.67 -4.27 -21.43
C UNK B 471 -7.60 -3.75 -22.85
N UNK B 472 -6.47 -3.09 -23.15
CA UNK B 472 -6.35 -2.27 -24.34
C UNK B 472 -6.43 -3.07 -25.62
N UNK B 473 -6.15 -4.36 -25.55
CA UNK B 473 -6.23 -5.21 -26.72
C UNK B 473 -7.66 -5.27 -27.25
N UNK B 474 -8.63 -5.24 -26.34
CA UNK B 474 -10.00 -5.20 -26.77
C UNK B 474 -10.29 -3.91 -27.51
N UNK B 475 -9.68 -2.81 -27.07
CA UNK B 475 -9.84 -1.54 -27.76
C UNK B 475 -9.21 -1.60 -29.13
N UNK B 476 -8.09 -2.32 -29.25
CA UNK B 476 -7.48 -2.51 -30.55
C UNK B 476 -8.39 -3.28 -31.47
N UNK B 477 -9.06 -4.30 -30.93
CA UNK B 477 -9.97 -5.10 -31.74
C UNK B 477 -11.16 -4.29 -32.17
N UNK B 478 -11.66 -3.44 -31.28
CA UNK B 478 -12.83 -2.64 -31.61
C UNK B 478 -12.49 -1.61 -32.68
N UNK B 479 -11.35 -0.94 -32.55
CA UNK B 479 -10.94 0.03 -33.56
C UNK B 479 -10.65 -0.67 -34.86
N UNK B 480 -10.13 -1.89 -34.80
CA UNK B 480 -9.95 -2.67 -36.00
C UNK B 480 -11.28 -2.99 -36.64
N UNK B 481 -12.28 -3.29 -35.84
CA UNK B 481 -13.56 -3.70 -36.41
C UNK B 481 -14.30 -2.52 -37.01
N UNK B 482 -14.18 -1.37 -36.39
CA UNK B 482 -14.76 -0.18 -36.97
C UNK B 482 -14.05 0.17 -38.26
N UNK B 483 -12.73 -0.01 -38.29
CA UNK B 483 -12.00 0.16 -39.52
C UNK B 483 -12.43 -0.87 -40.56
N UNK B 484 -12.85 -2.05 -40.11
CA UNK B 484 -13.26 -3.07 -41.05
C UNK B 484 -14.62 -2.76 -41.64
N UNK B 485 -15.49 -2.13 -40.87
CA UNK B 485 -16.73 -1.66 -41.46
C UNK B 485 -16.46 -0.52 -42.42
N UNK B 486 -15.54 0.37 -42.06
CA UNK B 486 -15.29 1.55 -42.88
C UNK B 486 -14.63 1.19 -44.19
N UNK B 487 -13.64 0.30 -44.12
CA UNK B 487 -13.11 -0.30 -45.34
C UNK B 487 -14.17 -1.16 -46.01
N UNK B 488 -15.05 -1.76 -45.22
CA UNK B 488 -16.04 -2.67 -45.77
C UNK B 488 -17.15 -1.90 -46.47
N UNK B 489 -17.70 -0.90 -45.80
CA UNK B 489 -18.72 -0.07 -46.42
C UNK B 489 -18.05 0.79 -47.48
N UNK B 490 -18.43 0.58 -48.72
CA UNK B 490 -17.75 1.20 -49.84
C UNK B 490 -18.71 1.35 -51.01
N UNK C 1 -30.01 -30.19 -34.69
CA UNK C 1 -29.92 -28.84 -34.14
C UNK C 1 -29.38 -27.89 -35.17
N UNK C 2 -29.58 -28.19 -36.45
CA UNK C 2 -29.08 -27.34 -37.51
C UNK C 2 -29.89 -26.06 -37.61
N UNK C 3 -31.20 -26.16 -37.46
CA UNK C 3 -32.02 -24.97 -37.27
C UNK C 3 -31.65 -24.29 -35.96
N UNK C 4 -31.33 -25.08 -34.93
CA UNK C 4 -30.81 -24.50 -33.70
C UNK C 4 -29.42 -23.93 -33.92
N UNK C 5 -28.65 -24.47 -34.86
CA UNK C 5 -27.36 -23.88 -35.17
C UNK C 5 -27.51 -22.51 -35.79
N UNK C 6 -28.40 -22.40 -36.78
CA UNK C 6 -28.67 -21.11 -37.38
C UNK C 6 -29.29 -20.15 -36.38
N UNK C 7 -30.11 -20.66 -35.46
CA UNK C 7 -30.72 -19.80 -34.46
C UNK C 7 -29.69 -19.34 -33.43
N UNK C 8 -28.78 -20.23 -33.04
CA UNK C 8 -27.75 -19.87 -32.08
C UNK C 8 -26.75 -18.91 -32.69
N UNK C 9 -26.52 -19.05 -33.99
CA UNK C 9 -25.71 -18.07 -34.70
C UNK C 9 -26.43 -16.72 -34.75
N UNK C 10 -27.72 -16.72 -35.10
CA UNK C 10 -28.47 -15.48 -35.24
C UNK C 10 -28.72 -14.81 -33.90
N UNK C 11 -28.57 -15.54 -32.81
CA UNK C 11 -28.69 -14.98 -31.48
C UNK C 11 -27.36 -14.49 -30.95
N UNK C 12 -26.31 -15.30 -31.08
CA UNK C 12 -25.06 -15.05 -30.37
C UNK C 12 -24.31 -13.85 -30.92
N UNK C 13 -24.66 -13.38 -32.11
CA UNK C 13 -24.23 -12.07 -32.57
C UNK C 13 -25.42 -11.17 -32.89
N UNK C 14 -26.63 -11.59 -32.47
CA UNK C 14 -27.88 -10.83 -32.61
C UNK C 14 -28.22 -10.51 -34.06
N UNK C 15 -28.11 -11.51 -34.95
CA UNK C 15 -28.41 -11.31 -36.36
C UNK C 15 -29.92 -11.20 -36.50
N UNK C 16 -30.40 -9.96 -36.45
CA UNK C 16 -31.83 -9.70 -36.29
C UNK C 16 -32.62 -9.97 -37.56
N UNK C 17 -32.02 -9.74 -38.72
CA UNK C 17 -32.69 -10.11 -39.97
C UNK C 17 -32.79 -11.61 -40.10
N UNK C 18 -31.75 -12.32 -39.65
CA UNK C 18 -31.81 -13.78 -39.63
C UNK C 18 -32.84 -14.28 -38.64
N UNK C 19 -33.00 -13.60 -37.52
CA UNK C 19 -34.06 -13.97 -36.58
C UNK C 19 -35.43 -13.64 -37.16
N UNK C 20 -35.51 -12.59 -37.97
CA UNK C 20 -36.77 -12.27 -38.62
C UNK C 20 -37.13 -13.32 -39.66
N UNK C 21 -36.13 -13.85 -40.34
CA UNK C 21 -36.37 -15.00 -41.21
C UNK C 21 -36.73 -16.23 -40.39
N UNK C 22 -36.12 -16.36 -39.22
CA UNK C 22 -36.42 -17.47 -38.31
C UNK C 22 -37.82 -17.38 -37.72
N UNK C 23 -38.43 -16.19 -37.76
CA UNK C 23 -39.83 -16.08 -37.35
C UNK C 23 -40.75 -16.81 -38.32
N UNK C 24 -40.36 -16.92 -39.58
CA UNK C 24 -41.17 -17.65 -40.55
C UNK C 24 -40.92 -19.16 -40.50
N UNK C 25 -39.87 -19.60 -39.82
CA UNK C 25 -39.52 -21.01 -39.74
C UNK C 25 -40.07 -21.61 -38.44
N UNK C 26 -39.75 -22.88 -38.17
CA UNK C 26 -40.20 -23.58 -36.97
C UNK C 26 -39.00 -24.15 -36.21
N UNK C 27 -38.89 -23.81 -34.92
CA UNK C 27 -37.76 -24.24 -34.12
C UNK C 27 -38.19 -24.47 -32.69
N UNK C 28 -38.14 -25.72 -32.24
CA UNK C 28 -38.49 -26.04 -30.87
C UNK C 28 -37.41 -25.63 -29.89
N UNK C 29 -36.20 -25.35 -30.37
CA UNK C 29 -35.13 -24.84 -29.52
C UNK C 29 -35.38 -23.41 -29.06
N UNK C 30 -36.43 -22.77 -29.59
CA UNK C 30 -37.01 -21.59 -28.96
C UNK C 30 -37.43 -21.85 -27.52
N UNK C 31 -37.71 -23.10 -27.16
CA UNK C 31 -37.76 -23.51 -25.77
C UNK C 31 -36.31 -23.76 -25.32
N UNK C 32 -35.56 -22.66 -25.21
CA UNK C 32 -34.38 -22.52 -24.36
C UNK C 32 -33.26 -23.56 -24.57
N UNK C 33 -33.20 -24.19 -25.74
CA UNK C 33 -32.19 -25.21 -26.01
C UNK C 33 -31.00 -24.56 -26.68
N UNK C 34 -29.93 -24.35 -25.92
CA UNK C 34 -28.73 -23.68 -26.44
C UNK C 34 -27.51 -24.59 -26.45
N UNK C 35 -27.15 -25.16 -25.31
CA UNK C 35 -26.00 -26.04 -25.21
C UNK C 35 -26.29 -27.04 -24.10
N UNK C 36 -25.25 -27.76 -23.67
CA UNK C 36 -25.32 -28.38 -22.36
C UNK C 36 -25.12 -27.35 -21.25
N UNK C 37 -24.67 -26.15 -21.61
CA UNK C 37 -24.65 -24.98 -20.75
C UNK C 37 -25.69 -23.97 -21.21
N UNK C 38 -26.83 -24.48 -21.66
CA UNK C 38 -27.93 -23.67 -22.17
C UNK C 38 -28.43 -22.66 -21.16
N UNK C 39 -28.18 -21.38 -21.43
CA UNK C 39 -28.56 -20.31 -20.51
C UNK C 39 -29.92 -19.72 -20.86
N UNK C 40 -30.93 -20.57 -21.05
CA UNK C 40 -32.30 -20.19 -21.41
C UNK C 40 -32.32 -19.37 -22.70
N UNK C 41 -32.03 -20.10 -23.80
CA UNK C 41 -31.55 -19.57 -25.09
C UNK C 41 -32.27 -18.32 -25.57
N UNK C 42 -33.58 -18.21 -25.30
CA UNK C 42 -34.28 -16.98 -25.61
C UNK C 42 -33.80 -15.84 -24.74
N UNK C 43 -33.80 -16.03 -23.42
CA UNK C 43 -33.28 -15.02 -22.52
C UNK C 43 -31.77 -14.86 -22.67
N UNK C 44 -31.09 -15.92 -23.11
CA UNK C 44 -29.66 -15.81 -23.40
C UNK C 44 -29.42 -14.90 -24.58
N UNK C 45 -30.26 -14.98 -25.60
CA UNK C 45 -30.20 -14.02 -26.67
C UNK C 45 -30.58 -12.63 -26.17
N UNK C 46 -31.49 -12.56 -25.21
CA UNK C 46 -31.99 -11.26 -24.76
C UNK C 46 -30.94 -10.52 -23.95
N UNK C 47 -30.15 -11.24 -23.15
CA UNK C 47 -29.28 -10.58 -22.19
C UNK C 47 -28.09 -9.89 -22.86
N UNK C 48 -27.73 -10.28 -24.07
CA UNK C 48 -26.85 -9.43 -24.85
C UNK C 48 -27.60 -8.15 -25.15
N UNK C 49 -26.99 -7.02 -24.80
CA UNK C 49 -27.68 -5.74 -24.68
C UNK C 49 -28.21 -5.20 -25.99
N UNK C 50 -28.03 -5.91 -27.11
CA UNK C 50 -28.84 -5.64 -28.28
C UNK C 50 -30.22 -6.06 -27.86
N UNK C 51 -31.06 -5.09 -27.54
CA UNK C 51 -32.40 -5.37 -27.06
C UNK C 51 -33.37 -5.37 -28.22
N UNK C 52 -32.90 -5.12 -29.44
CA UNK C 52 -33.78 -5.16 -30.59
C UNK C 52 -34.25 -6.57 -30.85
N UNK C 53 -33.31 -7.51 -30.91
CA UNK C 53 -33.68 -8.90 -31.11
C UNK C 53 -34.41 -9.44 -29.90
N UNK C 54 -34.12 -8.91 -28.71
CA UNK C 54 -34.87 -9.27 -27.52
C UNK C 54 -36.32 -8.85 -27.65
N UNK C 55 -36.56 -7.65 -28.17
CA UNK C 55 -37.93 -7.20 -28.40
C UNK C 55 -38.59 -8.00 -29.50
N UNK C 56 -37.81 -8.43 -30.50
CA UNK C 56 -38.36 -9.20 -31.60
C UNK C 56 -38.83 -10.57 -31.12
N UNK C 57 -38.04 -11.21 -30.28
CA UNK C 57 -38.50 -12.44 -29.65
C UNK C 57 -39.62 -12.15 -28.67
N UNK C 58 -39.63 -10.95 -28.07
CA UNK C 58 -40.68 -10.58 -27.14
C UNK C 58 -42.00 -10.33 -27.85
N UNK C 59 -41.97 -10.17 -29.18
CA UNK C 59 -43.21 -10.02 -29.92
C UNK C 59 -44.05 -11.29 -29.86
N UNK C 60 -43.41 -12.44 -29.75
CA UNK C 60 -44.12 -13.70 -29.54
C UNK C 60 -43.17 -14.60 -28.74
N UNK C 61 -43.42 -14.71 -27.44
CA UNK C 61 -42.51 -15.39 -26.52
C UNK C 61 -43.26 -16.47 -25.74
N UNK C 62 -44.00 -17.31 -26.46
CA UNK C 62 -44.87 -18.31 -25.83
C UNK C 62 -44.10 -19.44 -25.17
N UNK C 63 -42.80 -19.59 -25.45
CA UNK C 63 -41.98 -20.63 -24.84
C UNK C 63 -40.68 -20.01 -24.38
N UNK C 64 -40.65 -19.50 -23.15
CA UNK C 64 -39.45 -18.86 -22.63
C UNK C 64 -39.50 -18.89 -21.11
N UNK C 65 -38.33 -18.78 -20.51
CA UNK C 65 -38.27 -18.50 -19.08
C UNK C 65 -38.72 -17.08 -18.82
N UNK C 66 -39.29 -16.85 -17.65
CA UNK C 66 -39.78 -15.53 -17.30
C UNK C 66 -39.11 -14.94 -16.07
N UNK C 67 -39.13 -15.66 -14.95
CA UNK C 67 -38.66 -15.09 -13.68
C UNK C 67 -37.15 -14.91 -13.70
N UNK C 68 -36.43 -15.98 -14.05
CA UNK C 68 -34.98 -15.91 -14.20
C UNK C 68 -34.58 -15.01 -15.36
N UNK C 69 -35.44 -14.90 -16.37
CA UNK C 69 -35.17 -14.03 -17.50
C UNK C 69 -35.12 -12.57 -17.07
N UNK C 70 -36.16 -12.11 -16.38
CA UNK C 70 -36.18 -10.73 -15.93
C UNK C 70 -35.16 -10.46 -14.85
N UNK C 71 -34.84 -11.47 -14.02
CA UNK C 71 -33.82 -11.27 -13.00
C UNK C 71 -32.44 -11.09 -13.62
N UNK C 72 -32.08 -11.93 -14.59
CA UNK C 72 -30.79 -11.78 -15.24
C UNK C 72 -30.78 -10.55 -16.14
N UNK C 73 -31.95 -10.12 -16.59
CA UNK C 73 -32.04 -8.88 -17.32
C UNK C 73 -31.70 -7.70 -16.42
N UNK C 74 -32.40 -7.59 -15.29
CA UNK C 74 -32.21 -6.48 -14.38
C UNK C 74 -30.92 -6.56 -13.59
N UNK C 75 -30.21 -7.69 -13.64
CA UNK C 75 -28.88 -7.75 -13.06
C UNK C 75 -27.94 -6.77 -13.75
N UNK C 76 -27.87 -6.85 -15.08
CA UNK C 76 -27.28 -5.75 -15.81
C UNK C 76 -28.25 -4.59 -15.80
N UNK C 77 -27.73 -3.41 -16.10
CA UNK C 77 -28.55 -2.20 -16.02
C UNK C 77 -29.20 -1.85 -17.34
N UNK C 78 -29.53 -2.84 -18.16
CA UNK C 78 -30.13 -2.61 -19.48
C UNK C 78 -31.56 -2.14 -19.25
N UNK C 79 -31.66 -0.85 -18.94
CA UNK C 79 -32.90 -0.30 -18.41
C UNK C 79 -33.99 -0.22 -19.46
N UNK C 80 -33.60 0.06 -20.70
CA UNK C 80 -34.57 -0.02 -21.78
C UNK C 80 -35.07 -1.43 -21.95
N UNK C 81 -34.17 -2.42 -21.82
CA UNK C 81 -34.61 -3.80 -21.86
C UNK C 81 -35.38 -4.17 -20.62
N UNK C 82 -35.13 -3.49 -19.50
CA UNK C 82 -35.96 -3.70 -18.33
C UNK C 82 -37.36 -3.19 -18.56
N UNK C 83 -37.49 -2.08 -19.27
CA UNK C 83 -38.81 -1.59 -19.67
C UNK C 83 -39.45 -2.54 -20.67
N UNK C 84 -38.63 -3.17 -21.51
CA UNK C 84 -39.15 -4.15 -22.44
C UNK C 84 -39.70 -5.35 -21.70
N UNK C 85 -39.00 -5.81 -20.68
CA UNK C 85 -39.49 -6.89 -19.84
C UNK C 85 -40.71 -6.47 -19.05
N UNK C 86 -40.80 -5.19 -18.73
CA UNK C 86 -42.00 -4.67 -18.07
C UNK C 86 -43.19 -4.72 -18.99
N UNK C 87 -43.00 -4.35 -20.25
CA UNK C 87 -44.07 -4.47 -21.23
C UNK C 87 -44.41 -5.93 -21.50
N UNK C 88 -43.41 -6.80 -21.39
CA UNK C 88 -43.64 -8.23 -21.56
C UNK C 88 -44.37 -8.83 -20.37
N UNK C 89 -44.20 -8.24 -19.19
CA UNK C 89 -44.80 -8.67 -17.94
C UNK C 89 -46.30 -8.42 -17.87
N UNK C 90 -46.92 -7.94 -18.95
CA UNK C 90 -48.35 -8.12 -19.14
C UNK C 90 -48.72 -9.59 -19.05
N UNK C 91 -47.85 -10.46 -19.57
CA UNK C 91 -47.93 -11.87 -19.22
C UNK C 91 -47.73 -12.07 -17.72
N UNK C 92 -46.63 -11.56 -17.18
CA UNK C 92 -46.29 -11.82 -15.79
C UNK C 92 -47.15 -11.00 -14.83
N UNK C 93 -34.00 -14.73 -2.93
CA UNK C 93 -34.56 -14.71 -4.27
C UNK C 93 -35.68 -13.69 -4.37
N UNK C 94 -35.36 -12.46 -4.75
CA UNK C 94 -36.35 -11.40 -4.82
C UNK C 94 -35.94 -10.33 -5.81
N UNK C 95 -36.93 -9.56 -6.26
CA UNK C 95 -36.70 -8.57 -7.32
C UNK C 95 -35.99 -7.34 -6.80
N UNK C 96 -36.54 -6.71 -5.75
CA UNK C 96 -35.88 -5.57 -5.13
C UNK C 96 -34.56 -5.95 -4.49
N UNK C 97 -34.40 -7.23 -4.13
CA UNK C 97 -33.09 -7.75 -3.78
C UNK C 97 -32.10 -7.57 -4.92
N UNK C 98 -32.52 -7.84 -6.17
CA UNK C 98 -31.62 -7.65 -7.30
C UNK C 98 -31.39 -6.17 -7.57
N UNK C 99 -32.40 -5.34 -7.28
CA UNK C 99 -32.23 -3.89 -7.36
C UNK C 99 -31.17 -3.41 -6.40
N UNK C 100 -31.07 -4.05 -5.25
CA UNK C 100 -29.92 -3.81 -4.38
C UNK C 100 -28.65 -4.39 -4.98
N UNK C 101 -28.73 -5.61 -5.52
CA UNK C 101 -27.59 -6.40 -5.96
C UNK C 101 -26.87 -5.81 -7.17
N UNK C 102 -27.46 -4.83 -7.83
CA UNK C 102 -26.69 -4.01 -8.76
C UNK C 102 -26.77 -2.52 -8.46
N UNK C 103 -27.63 -2.10 -7.52
CA UNK C 103 -27.73 -0.73 -7.02
C UNK C 103 -28.03 0.27 -8.14
N UNK C 104 -28.86 -0.15 -9.10
CA UNK C 104 -29.22 0.72 -10.23
C UNK C 104 -30.43 1.56 -9.83
N UNK C 105 -30.16 2.79 -9.37
CA UNK C 105 -31.18 3.63 -8.76
C UNK C 105 -32.25 4.06 -9.74
N UNK C 106 -31.90 4.23 -11.02
CA UNK C 106 -32.90 4.62 -12.01
C UNK C 106 -33.87 3.48 -12.29
N UNK C 107 -33.35 2.26 -12.42
CA UNK C 107 -34.22 1.11 -12.54
C UNK C 107 -34.97 0.85 -11.24
N UNK C 108 -34.40 1.25 -10.11
CA UNK C 108 -35.11 1.12 -8.84
C UNK C 108 -36.31 2.05 -8.80
N UNK C 109 -36.17 3.27 -9.32
CA UNK C 109 -37.32 4.15 -9.41
C UNK C 109 -38.29 3.69 -10.50
N UNK C 110 -37.80 2.98 -11.51
CA UNK C 110 -38.70 2.40 -12.49
C UNK C 110 -39.55 1.30 -11.89
N UNK C 111 -38.94 0.43 -11.09
CA UNK C 111 -39.69 -0.67 -10.49
C UNK C 111 -40.59 -0.17 -9.37
N UNK C 112 -40.09 0.73 -8.53
CA UNK C 112 -40.89 1.32 -7.48
C UNK C 112 -41.89 2.32 -8.02
N UNK C 113 -41.77 2.72 -9.27
CA UNK C 113 -42.88 3.38 -9.94
C UNK C 113 -44.06 2.43 -10.09
N UNK C 114 -43.78 1.15 -10.30
CA UNK C 114 -44.81 0.16 -10.14
C UNK C 114 -44.90 -0.24 -8.68
N UNK C 115 -45.76 -1.21 -8.38
CA UNK C 115 -46.01 -1.59 -7.00
C UNK C 115 -44.82 -2.37 -6.44
N UNK C 116 -44.30 -1.88 -5.31
CA UNK C 116 -43.15 -2.51 -4.70
C UNK C 116 -43.12 -2.17 -3.22
N UNK C 117 -42.38 -2.98 -2.46
CA UNK C 117 -42.19 -2.75 -1.03
C UNK C 117 -40.88 -3.38 -0.57
N UNK C 118 -37.62 -7.58 8.34
CA UNK C 118 -38.88 -8.17 7.95
C UNK C 118 -38.93 -9.66 8.29
N UNK C 119 -38.79 -9.99 9.57
CA UNK C 119 -38.82 -11.38 10.05
C UNK C 119 -40.07 -11.59 10.90
N UNK C 120 -41.14 -12.03 10.25
CA UNK C 120 -42.44 -12.16 10.90
C UNK C 120 -42.57 -13.57 11.47
N UNK C 121 -43.76 -13.86 12.02
CA UNK C 121 -44.10 -15.22 12.42
C UNK C 121 -44.18 -16.20 11.25
N UNK C 122 -44.40 -15.71 10.03
CA UNK C 122 -44.29 -16.56 8.85
C UNK C 122 -42.85 -16.99 8.59
N UNK C 123 -41.88 -16.22 9.09
CA UNK C 123 -40.49 -16.70 9.10
C UNK C 123 -40.32 -17.88 10.04
N UNK C 124 -41.08 -17.90 11.14
CA UNK C 124 -41.11 -19.11 11.97
C UNK C 124 -41.87 -20.22 11.29
N UNK C 125 -42.84 -19.87 10.44
CA UNK C 125 -43.54 -20.87 9.65
C UNK C 125 -42.63 -21.49 8.59
N UNK C 126 -41.61 -20.75 8.14
CA UNK C 126 -40.51 -21.35 7.40
C UNK C 126 -39.81 -22.32 8.34
N UNK C 127 -39.81 -23.60 7.97
CA UNK C 127 -39.61 -24.68 8.92
C UNK C 127 -38.16 -24.78 9.41
N UNK C 128 -37.75 -23.76 10.18
CA UNK C 128 -36.41 -23.63 10.76
C UNK C 128 -35.33 -23.74 9.70
N UNK C 129 -35.61 -23.18 8.52
CA UNK C 129 -34.73 -23.31 7.37
C UNK C 129 -33.56 -22.33 7.54
N UNK C 130 -32.49 -22.85 8.13
CA UNK C 130 -31.24 -22.12 8.39
C UNK C 130 -30.66 -21.54 7.11
N UNK C 131 -30.78 -22.27 6.00
CA UNK C 131 -30.40 -21.72 4.72
C UNK C 131 -31.30 -20.55 4.34
N UNK C 132 -32.60 -20.67 4.60
CA UNK C 132 -33.47 -19.51 4.36
C UNK C 132 -33.25 -18.46 5.44
N UNK C 133 -32.75 -18.85 6.60
CA UNK C 133 -32.36 -17.84 7.58
C UNK C 133 -31.17 -17.03 7.09
N UNK C 134 -30.20 -17.69 6.47
CA UNK C 134 -29.10 -16.99 5.85
C UNK C 134 -29.57 -16.19 4.65
N UNK C 135 -30.55 -16.72 3.91
CA UNK C 135 -31.15 -15.98 2.82
C UNK C 135 -31.89 -14.77 3.33
N UNK C 136 -32.48 -14.86 4.53
CA UNK C 136 -33.13 -13.71 5.13
C UNK C 136 -32.10 -12.70 5.58
N UNK C 137 -30.93 -13.17 6.00
CA UNK C 137 -29.84 -12.26 6.35
C UNK C 137 -29.38 -11.49 5.13
N UNK C 138 -29.20 -12.20 4.01
CA UNK C 138 -28.88 -11.55 2.74
C UNK C 138 -30.01 -10.64 2.30
N UNK C 139 -31.24 -11.01 2.60
CA UNK C 139 -32.38 -10.19 2.23
C UNK C 139 -32.44 -8.91 3.03
N UNK C 140 -32.07 -8.97 4.30
CA UNK C 140 -31.99 -7.75 5.09
C UNK C 140 -30.84 -6.89 4.60
N UNK C 141 -29.75 -7.52 4.15
CA UNK C 141 -28.65 -6.76 3.55
C UNK C 141 -29.06 -6.11 2.25
N UNK C 142 -30.00 -6.73 1.54
CA UNK C 142 -30.53 -6.10 0.35
C UNK C 142 -31.51 -4.99 0.69
N UNK C 143 -32.39 -5.23 1.65
CA UNK C 143 -33.50 -4.34 1.95
C UNK C 143 -33.08 -3.06 2.64
N UNK C 144 -31.83 -2.96 3.07
CA UNK C 144 -31.32 -1.70 3.60
C UNK C 144 -31.27 -0.63 2.52
N UNK C 145 -30.96 -1.03 1.28
CA UNK C 145 -31.21 -0.26 0.06
C UNK C 145 -30.46 1.07 0.04
N UNK C 146 -29.12 0.97 0.04
CA UNK C 146 -28.26 2.13 0.16
C UNK C 146 -28.39 3.08 -1.02
N UNK C 147 -28.81 2.58 -2.16
CA UNK C 147 -29.35 3.47 -3.17
C UNK C 147 -30.84 3.66 -2.98
N UNK C 148 -31.58 2.57 -2.85
CA UNK C 148 -33.03 2.65 -2.89
C UNK C 148 -33.64 3.05 -1.57
N UNK C 149 -32.86 3.63 -0.66
CA UNK C 149 -33.47 4.44 0.38
C UNK C 149 -34.09 5.69 -0.20
N UNK C 150 -33.60 6.13 -1.35
CA UNK C 150 -34.34 7.11 -2.13
C UNK C 150 -35.65 6.52 -2.59
N UNK C 151 -35.66 5.23 -2.92
CA UNK C 151 -36.91 4.58 -3.28
C UNK C 151 -37.74 4.20 -2.07
N UNK C 152 -37.27 4.46 -0.85
CA UNK C 152 -38.17 4.45 0.28
C UNK C 152 -39.09 5.68 0.22
N UNK C 153 -40.01 5.74 1.18
CA UNK C 153 -41.01 6.80 1.14
C UNK C 153 -40.41 8.16 1.46
N UNK C 154 -39.92 8.32 2.68
CA UNK C 154 -39.35 9.59 3.14
C UNK C 154 -38.54 9.31 4.40
N UNK C 155 -38.18 10.40 5.10
CA UNK C 155 -37.56 10.37 6.44
C UNK C 155 -36.25 9.60 6.43
N UNK C 156 -35.46 9.85 5.39
CA UNK C 156 -34.26 9.06 5.16
C UNK C 156 -33.22 9.28 6.24
N UNK C 157 -33.26 10.42 6.92
CA UNK C 157 -32.45 10.56 8.12
C UNK C 157 -33.01 9.70 9.24
N UNK C 158 -34.33 9.75 9.43
CA UNK C 158 -34.95 8.91 10.44
C UNK C 158 -34.84 7.45 10.06
N UNK C 159 -35.02 7.14 8.78
CA UNK C 159 -34.79 5.80 8.30
C UNK C 159 -33.33 5.40 8.43
N UNK C 160 -32.44 6.38 8.38
CA UNK C 160 -31.02 6.07 8.47
C UNK C 160 -30.63 5.70 9.88
N UNK C 161 -31.10 6.47 10.86
CA UNK C 161 -30.84 6.11 12.24
C UNK C 161 -31.60 4.84 12.62
N UNK C 162 -32.74 4.61 11.97
CA UNK C 162 -33.43 3.34 12.12
C UNK C 162 -32.58 2.20 11.60
N UNK C 163 -31.90 2.42 10.48
CA UNK C 163 -30.99 1.41 9.95
C UNK C 163 -29.79 1.23 10.84
N UNK C 164 -29.39 2.30 11.53
CA UNK C 164 -28.27 2.22 12.46
C UNK C 164 -28.62 1.34 13.65
N UNK C 165 -29.79 1.57 14.23
CA UNK C 165 -30.27 0.70 15.29
C UNK C 165 -30.55 -0.70 14.77
N UNK C 166 -30.97 -0.82 13.51
CA UNK C 166 -31.22 -2.13 12.92
C UNK C 166 -29.92 -2.89 12.73
N UNK C 167 -28.88 -2.20 12.30
CA UNK C 167 -27.57 -2.81 12.17
C UNK C 167 -26.97 -3.09 13.54
N UNK C 168 -27.35 -2.31 14.55
CA UNK C 168 -26.93 -2.62 15.90
C UNK C 168 -27.59 -3.91 16.38
N UNK C 169 -28.85 -4.09 16.05
CA UNK C 169 -29.53 -5.34 16.35
C UNK C 169 -28.91 -6.49 15.59
N UNK C 170 -28.47 -6.23 14.36
CA UNK C 170 -27.72 -7.24 13.61
C UNK C 170 -26.36 -7.48 14.24
N UNK C 171 -25.80 -6.47 14.90
CA UNK C 171 -24.53 -6.59 15.58
C UNK C 171 -24.68 -7.33 16.89
N UNK C 172 -25.89 -7.41 17.42
CA UNK C 172 -26.13 -8.26 18.58
C UNK C 172 -25.92 -9.72 18.23
N UNK C 173 -26.29 -10.12 17.03
CA UNK C 173 -25.94 -11.43 16.52
C UNK C 173 -24.59 -11.38 15.82
N UNK C 174 -24.05 -12.56 15.52
CA UNK C 174 -22.78 -12.62 14.81
C UNK C 174 -22.74 -13.76 13.80
N UNK C 175 -23.89 -14.09 13.20
CA UNK C 175 -23.93 -15.10 12.15
C UNK C 175 -23.13 -14.63 10.94
N UNK C 176 -23.41 -13.42 10.49
CA UNK C 176 -22.47 -12.66 9.67
C UNK C 176 -22.39 -11.27 10.27
N UNK C 177 -21.57 -11.11 11.31
CA UNK C 177 -21.33 -9.80 11.87
C UNK C 177 -20.44 -8.97 10.94
N UNK C 178 -19.65 -9.65 10.11
CA UNK C 178 -18.92 -8.96 9.07
C UNK C 178 -19.88 -8.32 8.07
N UNK C 179 -20.82 -9.10 7.56
CA UNK C 179 -21.79 -8.55 6.63
C UNK C 179 -22.74 -7.58 7.31
N UNK C 180 -23.00 -7.78 8.61
CA UNK C 180 -23.81 -6.83 9.35
C UNK C 180 -23.11 -5.49 9.47
N UNK C 181 -21.80 -5.52 9.74
CA UNK C 181 -21.02 -4.29 9.76
C UNK C 181 -20.92 -3.67 8.39
N UNK C 182 -20.94 -4.49 7.35
CA UNK C 182 -20.92 -3.96 5.98
C UNK C 182 -22.21 -3.22 5.68
N UNK C 183 -23.34 -3.79 6.05
CA UNK C 183 -24.61 -3.09 5.88
C UNK C 183 -24.67 -1.84 6.74
N UNK C 184 -24.07 -1.91 7.93
CA UNK C 184 -23.97 -0.75 8.79
C UNK C 184 -23.19 0.37 8.12
N UNK C 185 -22.09 -0.01 7.46
CA UNK C 185 -21.28 0.97 6.77
C UNK C 185 -22.02 1.56 5.59
N UNK C 186 -22.81 0.75 4.88
CA UNK C 186 -23.57 1.26 3.75
C UNK C 186 -24.62 2.26 4.21
N UNK C 187 -25.29 1.96 5.32
CA UNK C 187 -26.32 2.86 5.82
C UNK C 187 -25.73 4.16 6.32
N UNK C 188 -24.66 4.06 7.13
CA UNK C 188 -24.01 5.25 7.63
C UNK C 188 -23.38 6.04 6.50
N UNK C 189 -22.98 5.37 5.44
CA UNK C 189 -22.39 6.07 4.31
C UNK C 189 -23.44 6.85 3.54
N UNK C 190 -24.64 6.28 3.39
CA UNK C 190 -25.72 7.02 2.75
C UNK C 190 -26.12 8.22 3.60
N UNK C 191 -26.05 8.05 4.91
CA UNK C 191 -26.31 9.16 5.82
C UNK C 191 -25.27 10.25 5.67
N UNK C 192 -23.99 9.87 5.60
CA UNK C 192 -22.94 10.87 5.42
C UNK C 192 -23.01 11.50 4.05
N UNK C 193 -23.50 10.75 3.07
CA UNK C 193 -23.68 11.29 1.74
C UNK C 193 -24.76 12.34 1.71
N UNK C 194 -25.81 12.13 2.49
CA UNK C 194 -26.78 13.19 2.71
C UNK C 194 -26.14 14.35 3.44
N UNK C 195 -25.26 14.05 4.41
CA UNK C 195 -24.74 15.07 5.31
C UNK C 195 -23.82 16.05 4.58
N UNK C 196 -22.99 15.54 3.68
CA UNK C 196 -22.16 16.43 2.89
C UNK C 196 -22.92 17.07 1.75
N UNK C 197 -24.13 16.63 1.46
CA UNK C 197 -24.91 17.18 0.37
C UNK C 197 -25.54 18.52 0.72
N UNK C 198 -25.28 19.07 1.90
CA UNK C 198 -25.93 20.29 2.35
C UNK C 198 -25.36 21.49 1.60
N UNK C 199 -26.17 22.09 0.75
CA UNK C 199 -25.74 23.30 0.04
C UNK C 199 -25.78 24.51 0.98
N UNK C 200 -26.96 24.84 1.49
CA UNK C 200 -27.12 25.94 2.43
C UNK C 200 -27.49 25.40 3.80
N UNK C 201 -27.25 26.22 4.82
CA UNK C 201 -27.41 25.78 6.20
C UNK C 201 -28.86 25.62 6.59
N UNK C 202 -29.78 26.21 5.83
CA UNK C 202 -31.20 26.06 6.14
C UNK C 202 -31.64 24.61 5.96
N UNK C 203 -31.26 24.01 4.84
CA UNK C 203 -31.53 22.60 4.63
C UNK C 203 -30.76 21.74 5.62
N UNK C 204 -29.60 22.21 6.07
CA UNK C 204 -28.84 21.48 7.07
C UNK C 204 -29.57 21.44 8.40
N UNK C 205 -30.17 22.57 8.79
CA UNK C 205 -30.87 22.61 10.06
C UNK C 205 -32.18 21.86 9.99
N UNK C 206 -32.87 21.93 8.84
CA UNK C 206 -34.08 21.13 8.67
C UNK C 206 -33.76 19.65 8.65
N UNK C 207 -32.57 19.28 8.17
CA UNK C 207 -32.09 17.93 8.34
C UNK C 207 -31.81 17.65 9.81
N UNK C 208 -30.93 18.43 10.42
CA UNK C 208 -30.55 18.22 11.81
C UNK C 208 -31.62 18.84 12.71
N UNK C 209 -32.79 18.22 12.72
CA UNK C 209 -33.83 18.64 13.65
C UNK C 209 -33.43 18.33 15.08
N UNK C 210 -32.97 17.11 15.32
CA UNK C 210 -32.27 16.75 16.56
C UNK C 210 -31.13 15.84 16.16
N UNK C 211 -29.99 16.43 15.85
CA UNK C 211 -28.83 15.67 15.44
C UNK C 211 -28.20 14.88 16.58
N UNK C 212 -28.62 15.14 17.83
CA UNK C 212 -28.19 14.34 18.96
C UNK C 212 -28.66 12.90 18.86
N UNK C 213 -29.67 12.63 18.04
CA UNK C 213 -30.06 11.27 17.69
C UNK C 213 -28.93 10.49 17.05
N UNK C 214 -27.96 11.17 16.43
CA UNK C 214 -26.76 10.51 15.95
C UNK C 214 -25.98 9.89 17.10
N UNK C 215 -25.91 10.59 18.22
CA UNK C 215 -25.38 9.98 19.43
C UNK C 215 -26.30 8.86 19.92
N UNK C 216 -27.59 8.97 19.66
CA UNK C 216 -28.44 7.80 19.83
C UNK C 216 -28.12 6.76 18.78
N UNK C 217 -27.75 7.19 17.57
CA UNK C 217 -27.22 6.26 16.60
C UNK C 217 -25.84 5.78 17.02
N UNK C 218 -25.13 6.58 17.82
CA UNK C 218 -23.96 6.15 18.60
C UNK C 218 -22.82 5.66 17.72
N UNK C 219 -22.24 6.59 16.97
CA UNK C 219 -21.02 6.33 16.20
C UNK C 219 -20.22 7.63 16.11
N UNK C 220 -19.26 7.67 15.19
CA UNK C 220 -18.63 8.94 14.87
C UNK C 220 -19.57 9.80 14.03
N UNK C 221 -20.28 9.17 13.10
CA UNK C 221 -21.40 9.74 12.34
C UNK C 221 -21.01 10.94 11.50
N UNK C 222 -19.73 11.04 11.15
CA UNK C 222 -19.20 11.94 10.12
C UNK C 222 -19.52 13.41 10.40
N UNK C 223 -18.92 13.90 11.48
CA UNK C 223 -19.05 15.32 11.77
C UNK C 223 -18.24 16.13 10.75
N UNK C 224 -18.88 16.54 9.66
CA UNK C 224 -18.20 17.31 8.63
C UNK C 224 -18.32 18.80 8.88
N UNK C 225 -19.54 19.31 8.91
CA UNK C 225 -19.79 20.71 9.22
C UNK C 225 -20.35 20.81 10.64
N UNK C 226 -19.74 21.65 11.46
CA UNK C 226 -20.16 21.83 12.83
C UNK C 226 -20.27 23.29 13.16
N UNK C 227 -20.82 24.06 12.21
CA UNK C 227 -20.87 25.51 12.37
C UNK C 227 -21.92 25.92 13.41
N UNK C 228 -23.06 25.23 13.42
CA UNK C 228 -24.03 25.48 14.47
C UNK C 228 -23.51 24.99 15.81
N UNK C 229 -22.64 23.98 15.79
CA UNK C 229 -21.96 23.58 17.02
C UNK C 229 -20.99 24.65 17.46
N UNK C 230 -20.38 25.34 16.51
CA UNK C 230 -19.55 26.50 16.86
C UNK C 230 -20.42 27.62 17.40
N UNK C 231 -21.65 27.74 16.91
CA UNK C 231 -22.58 28.69 17.50
C UNK C 231 -22.94 28.28 18.91
N UNK C 232 -23.00 26.98 19.18
CA UNK C 232 -23.12 26.53 20.55
C UNK C 232 -21.82 26.75 21.31
N UNK C 233 -20.73 26.16 20.82
CA UNK C 233 -19.46 26.30 21.50
C UNK C 233 -18.76 27.56 21.03
N UNK C 234 -21.33 29.82 21.81
CA UNK C 234 -21.13 30.67 22.98
C UNK C 234 -21.33 29.89 24.27
N UNK C 235 -22.57 29.46 24.49
CA UNK C 235 -22.96 28.93 25.79
C UNK C 235 -22.39 27.54 26.04
N UNK C 236 -22.16 26.75 25.00
CA UNK C 236 -21.47 25.48 25.21
C UNK C 236 -20.00 25.71 25.51
N UNK C 237 -19.40 26.72 24.88
CA UNK C 237 -18.07 27.15 25.28
C UNK C 237 -18.09 27.72 26.69
N UNK C 238 -19.18 28.37 27.07
CA UNK C 238 -19.32 28.87 28.43
C UNK C 238 -19.40 27.73 29.43
N UNK C 239 -20.12 26.66 29.08
CA UNK C 239 -20.20 25.52 29.98
C UNK C 239 -18.89 24.75 30.02
N UNK C 240 -18.17 24.71 28.91
CA UNK C 240 -16.82 24.16 28.91
C UNK C 240 -15.89 24.98 29.80
N UNK C 241 -16.10 26.31 29.82
CA UNK C 241 -15.34 27.15 30.73
C UNK C 241 -15.72 26.89 32.18
N UNK C 242 -17.00 26.60 32.42
CA UNK C 242 -17.44 26.26 33.77
C UNK C 242 -16.79 24.96 34.23
N UNK C 243 -16.72 23.99 33.33
CA UNK C 243 -15.99 22.76 33.62
C UNK C 243 -14.51 23.01 33.79
N UNK C 244 -13.97 23.98 33.07
CA UNK C 244 -12.57 24.34 33.21
C UNK C 244 -12.31 24.96 34.58
N UNK C 245 -13.24 25.76 35.06
CA UNK C 245 -13.11 26.31 36.40
C UNK C 245 -13.27 25.24 37.46
N UNK C 246 -14.12 24.24 37.21
CA UNK C 246 -14.25 23.12 38.13
C UNK C 246 -12.96 22.31 38.18
N UNK C 247 -12.34 22.09 37.04
CA UNK C 247 -11.06 21.41 37.00
C UNK C 247 -9.97 22.26 37.63
N UNK C 248 -10.09 23.58 37.52
CA UNK C 248 -9.17 24.48 38.21
C UNK C 248 -9.32 24.37 39.71
N UNK C 249 -10.55 24.18 40.18
CA UNK C 249 -10.78 23.96 41.60
C UNK C 249 -10.21 22.63 42.05
N UNK C 250 -10.33 21.61 41.20
CA UNK C 250 -9.75 20.30 41.50
C UNK C 250 -8.23 20.38 41.59
N UNK C 251 -7.62 21.16 40.70
CA UNK C 251 -6.18 21.37 40.77
C UNK C 251 -5.82 22.20 42.00
N UNK C 252 -6.66 23.17 42.34
CA UNK C 252 -6.44 24.00 43.50
C UNK C 252 -6.58 23.23 44.80
N UNK C 253 -7.27 22.09 44.76
CA UNK C 253 -7.36 21.22 45.93
C UNK C 253 -6.02 20.62 46.34
N UNK C 254 -5.01 20.68 45.48
CA UNK C 254 -3.72 20.05 45.72
C UNK C 254 -2.75 20.94 46.49
N UNK C 255 -3.25 21.91 47.26
CA UNK C 255 -2.39 22.86 47.95
C UNK C 255 -2.05 22.41 49.36
N UNK C 256 -1.97 21.10 49.61
CA UNK C 256 -1.82 20.61 50.96
C UNK C 256 -0.43 20.87 51.55
N UNK C 257 0.54 21.20 50.72
CA UNK C 257 1.86 21.54 51.22
C UNK C 257 1.82 22.91 51.89
N UNK C 258 -9.29 25.13 56.71
CA UNK C 258 -8.25 25.32 55.71
C UNK C 258 -8.07 24.04 54.91
N UNK C 259 -7.23 23.15 55.43
CA UNK C 259 -7.17 21.81 54.87
C UNK C 259 -8.47 21.07 55.12
N UNK C 260 -9.09 21.33 56.28
CA UNK C 260 -10.47 20.89 56.47
C UNK C 260 -11.40 21.57 55.49
N UNK C 261 -11.16 22.85 55.21
CA UNK C 261 -11.95 23.53 54.19
C UNK C 261 -11.60 23.04 52.79
N UNK C 262 -10.36 22.58 52.60
CA UNK C 262 -10.01 21.95 51.33
C UNK C 262 -10.78 20.65 51.14
N UNK C 263 -10.86 19.85 52.21
CA UNK C 263 -11.69 18.65 52.20
C UNK C 263 -13.17 18.99 52.04
N UNK C 264 -13.56 20.16 52.52
CA UNK C 264 -14.94 20.60 52.33
C UNK C 264 -15.25 20.91 50.87
N UNK C 265 -14.33 21.59 50.18
CA UNK C 265 -14.52 21.83 48.74
C UNK C 265 -14.50 20.53 47.96
N UNK C 266 -13.67 19.58 48.43
CA UNK C 266 -13.64 18.26 47.82
C UNK C 266 -14.97 17.53 47.99
N UNK C 267 -15.53 17.56 49.20
CA UNK C 267 -16.81 16.91 49.45
C UNK C 267 -17.94 17.63 48.73
N UNK C 268 -17.77 18.94 48.48
CA UNK C 268 -18.72 19.68 47.66
C UNK C 268 -18.75 19.16 46.24
N UNK C 269 -17.56 18.96 45.65
CA UNK C 269 -17.51 18.39 44.30
C UNK C 269 -18.03 16.95 44.28
N UNK C 270 -17.78 16.20 45.36
CA UNK C 270 -18.24 14.81 45.43
C UNK C 270 -19.75 14.73 45.51
N UNK C 271 -20.37 15.57 46.34
CA UNK C 271 -21.83 15.61 46.42
C UNK C 271 -22.43 16.17 45.15
N UNK C 272 -21.70 17.04 44.44
CA UNK C 272 -22.15 17.51 43.14
C UNK C 272 -22.21 16.35 42.13
N UNK C 273 -21.19 15.50 42.12
CA UNK C 273 -21.21 14.34 41.25
C UNK C 273 -22.29 13.35 41.64
N UNK C 274 -22.50 13.19 42.95
CA UNK C 274 -23.54 12.28 43.43
C UNK C 274 -24.93 12.77 43.06
N UNK C 275 -25.15 14.09 43.13
CA UNK C 275 -26.41 14.64 42.67
C UNK C 275 -26.53 14.58 41.15
N UNK C 276 -25.39 14.63 40.45
CA UNK C 276 -25.42 14.54 39.00
C UNK C 276 -25.77 13.14 38.53
N UNK C 277 -25.46 12.12 39.32
CA UNK C 277 -25.69 10.74 38.91
C UNK C 277 -27.14 10.28 39.05
N UNK C 278 -28.11 11.18 39.23
CA UNK C 278 -29.49 10.76 39.48
C UNK C 278 -30.19 10.24 38.24
N UNK C 279 -29.66 10.53 37.05
CA UNK C 279 -30.25 10.03 35.82
C UNK C 279 -29.91 8.55 35.64
N UNK C 280 -19.61 6.68 30.04
CA UNK C 280 -19.58 7.10 31.43
C UNK C 280 -18.43 6.43 32.16
N UNK C 281 -17.42 6.02 31.39
CA UNK C 281 -16.29 5.29 31.95
C UNK C 281 -15.45 6.19 32.85
N UNK C 282 -15.04 7.34 32.32
CA UNK C 282 -14.36 8.33 33.16
C UNK C 282 -15.30 8.91 34.21
N UNK C 283 -16.61 8.92 33.93
CA UNK C 283 -17.58 9.31 34.96
C UNK C 283 -17.62 8.29 36.08
N UNK C 284 -17.50 7.00 35.73
CA UNK C 284 -17.38 5.98 36.75
C UNK C 284 -16.09 6.12 37.53
N UNK C 285 -15.03 6.54 36.85
CA UNK C 285 -13.77 6.83 37.53
C UNK C 285 -13.93 7.99 38.48
N UNK C 286 -14.71 9.00 38.09
CA UNK C 286 -14.96 10.14 38.96
C UNK C 286 -15.78 9.75 40.17
N UNK C 287 -16.76 8.87 39.97
CA UNK C 287 -17.56 8.39 41.09
C UNK C 287 -16.72 7.57 42.05
N UNK C 288 -15.82 6.75 41.51
CA UNK C 288 -14.90 6.01 42.35
C UNK C 288 -13.93 6.93 43.08
N UNK C 289 -13.52 8.01 42.44
CA UNK C 289 -12.64 8.98 43.07
C UNK C 289 -13.34 9.69 44.21
N UNK C 290 -14.61 10.04 44.00
CA UNK C 290 -15.41 10.64 45.06
C UNK C 290 -15.62 9.64 46.20
N UNK C 291 -15.75 8.36 45.86
CA UNK C 291 -15.88 7.34 46.88
C UNK C 291 -14.61 7.22 47.72
N UNK C 292 -13.45 7.26 47.05
CA UNK C 292 -12.18 7.21 47.76
C UNK C 292 -11.99 8.44 48.63
N UNK C 293 -12.42 9.60 48.13
CA UNK C 293 -12.37 10.82 48.90
C UNK C 293 -13.27 10.74 50.12
N UNK C 294 -14.46 10.18 49.96
CA UNK C 294 -15.40 10.07 51.07
C UNK C 294 -14.90 9.09 52.11
N UNK C 295 -14.26 8.01 51.67
CA UNK C 295 -13.69 7.05 52.60
C UNK C 295 -12.53 7.65 53.38
N UNK C 296 -11.69 8.43 52.70
CA UNK C 296 -10.59 9.11 53.37
C UNK C 296 -11.11 10.14 54.37
N UNK C 297 -12.16 10.85 54.01
CA UNK C 297 -12.75 11.83 54.92
C UNK C 297 -13.38 11.16 56.12
N UNK C 298 -14.02 10.01 55.90
CA UNK C 298 -14.61 9.28 57.03
C UNK C 298 -13.53 8.73 57.94
N UNK C 299 -12.42 8.28 57.37
CA UNK C 299 -11.33 7.76 58.18
C UNK C 299 -10.66 8.87 58.97
N UNK C 300 -10.50 10.04 58.35
CA UNK C 300 -9.97 11.19 59.07
C UNK C 300 -10.93 11.68 60.15
N UNK C 301 -12.24 11.56 59.90
CA UNK C 301 -13.22 11.96 60.90
C UNK C 301 -13.20 11.01 62.09
N UNK C 302 -13.03 9.72 61.83
CA UNK C 302 -12.87 8.75 62.90
C UNK C 302 -11.59 9.01 63.68
N UNK C 303 -10.54 9.40 62.97
CA UNK C 303 -9.29 9.77 63.63
C UNK C 303 -9.44 11.01 64.49
N UNK C 304 -10.23 11.98 64.03
CA UNK C 304 -10.44 13.19 64.83
C UNK C 304 -11.36 12.91 66.02
N UNK C 305 -12.31 12.00 65.85
CA UNK C 305 -13.19 11.64 66.96
C UNK C 305 -12.43 10.87 68.03
N UNK C 306 -11.53 9.97 67.61
CA UNK C 306 -10.67 9.30 68.58
C UNK C 306 -9.66 10.26 69.17
N UNK C 307 -9.28 11.30 68.43
CA UNK C 307 -8.31 12.27 68.93
C UNK C 307 -8.95 13.21 69.94
N UNK C 308 -10.14 13.72 69.63
CA UNK C 308 -10.85 14.63 70.51
C UNK C 308 -11.72 13.89 71.53
N UNK C 309 -11.46 12.60 71.75
CA UNK C 309 -12.29 11.82 72.66
C UNK C 309 -12.05 12.22 74.11
N UNK C 310 -10.84 12.03 74.61
CA UNK C 310 -10.55 12.37 75.98
C UNK C 310 -10.29 13.86 76.12
N UNK C 311 -10.10 14.28 77.36
CA UNK C 311 -9.80 15.67 77.65
C UNK C 311 -8.94 15.76 78.90
N UNK C 312 -2.79 3.10 64.39
CA UNK C 312 -2.54 2.50 63.09
C UNK C 312 -3.61 2.91 62.09
N UNK C 313 -4.73 3.41 62.61
CA UNK C 313 -5.85 3.79 61.75
C UNK C 313 -5.57 5.09 61.01
N UNK C 314 -4.75 5.97 61.60
CA UNK C 314 -4.39 7.22 60.94
C UNK C 314 -3.56 6.96 59.68
N UNK C 315 -2.77 5.89 59.70
CA UNK C 315 -2.08 5.47 58.49
C UNK C 315 -3.06 5.06 57.42
N UNK C 316 -4.14 4.38 57.81
CA UNK C 316 -5.17 4.03 56.85
C UNK C 316 -5.90 5.26 56.32
N UNK C 317 -6.08 6.27 57.17
CA UNK C 317 -6.69 7.52 56.74
C UNK C 317 -5.83 8.22 55.70
N UNK C 318 -4.51 8.30 55.97
CA UNK C 318 -3.60 8.91 55.03
C UNK C 318 -3.48 8.09 53.74
N UNK C 319 -3.62 6.78 53.84
CA UNK C 319 -3.53 5.92 52.67
C UNK C 319 -4.73 6.13 51.75
N UNK C 320 -5.93 6.18 52.33
CA UNK C 320 -7.10 6.48 51.52
C UNK C 320 -7.05 7.89 50.95
N UNK C 321 -6.43 8.82 51.69
CA UNK C 321 -6.20 10.17 51.18
C UNK C 321 -5.29 10.15 49.96
N UNK C 322 -4.22 9.37 50.02
CA UNK C 322 -3.30 9.31 48.90
C UNK C 322 -3.93 8.60 47.71
N UNK C 323 -4.75 7.58 47.98
CA UNK C 323 -5.44 6.87 46.91
C UNK C 323 -6.41 7.78 46.19
N UNK C 324 -7.17 8.56 46.95
CA UNK C 324 -8.05 9.54 46.34
C UNK C 324 -7.28 10.63 45.64
N UNK C 325 -6.08 10.97 46.12
CA UNK C 325 -5.27 11.98 45.45
C UNK C 325 -4.81 11.50 44.09
N UNK C 326 -4.39 10.23 44.03
CA UNK C 326 -4.03 9.63 42.76
C UNK C 326 -5.25 9.54 41.83
N UNK C 327 -6.40 9.18 42.39
CA UNK C 327 -7.62 9.09 41.61
C UNK C 327 -8.05 10.45 41.09
N UNK C 328 -7.78 11.51 41.85
CA UNK C 328 -8.14 12.84 41.41
C UNK C 328 -7.19 13.33 40.33
N UNK C 329 -5.92 12.97 40.43
CA UNK C 329 -5.00 13.25 39.34
C UNK C 329 -5.43 12.54 38.06
N UNK C 330 -5.91 11.30 38.21
CA UNK C 330 -6.45 10.56 37.08
C UNK C 330 -7.68 11.23 36.50
N UNK C 331 -8.58 11.71 37.36
CA UNK C 331 -9.78 12.38 36.88
C UNK C 331 -9.45 13.70 36.21
N UNK C 332 -8.41 14.39 36.71
CA UNK C 332 -7.96 15.63 36.08
C UNK C 332 -7.39 15.36 34.70
N UNK C 333 -6.73 14.22 34.54
CA UNK C 333 -6.36 13.81 33.19
C UNK C 333 -7.59 13.44 32.37
N UNK C 334 -8.65 12.95 33.02
CA UNK C 334 -9.77 12.33 32.33
C UNK C 334 -10.74 13.32 31.71
N UNK C 335 -10.34 14.56 31.46
CA UNK C 335 -11.23 15.52 30.83
C UNK C 335 -10.52 16.41 29.83
N UNK C 336 -9.53 15.88 29.10
CA UNK C 336 -8.70 16.74 28.27
C UNK C 336 -9.35 17.10 26.94
N UNK C 337 -9.51 16.10 26.07
CA UNK C 337 -9.82 16.28 24.64
C UNK C 337 -8.91 17.34 24.00
N UNK C 338 -7.60 17.17 24.23
CA UNK C 338 -6.62 18.23 23.99
C UNK C 338 -6.15 18.23 22.54
N UNK C 339 -6.34 19.38 21.87
CA UNK C 339 -5.85 19.68 20.52
C UNK C 339 -6.38 18.73 19.46
N UNK C 340 -7.46 18.00 19.78
CA UNK C 340 -7.93 16.82 19.03
C UNK C 340 -6.79 15.87 18.72
N UNK C 341 -5.92 15.66 19.71
CA UNK C 341 -4.64 15.04 19.45
C UNK C 341 -4.43 13.76 20.23
N UNK C 342 -4.66 13.78 21.53
CA UNK C 342 -4.25 12.68 22.40
C UNK C 342 -5.32 11.61 22.52
N UNK C 343 -6.13 11.42 21.48
CA UNK C 343 -7.26 10.52 21.60
C UNK C 343 -6.87 9.06 21.52
N UNK C 344 -5.89 8.72 20.67
CA UNK C 344 -5.81 7.37 20.15
C UNK C 344 -5.15 6.38 21.11
N UNK C 345 -4.38 6.87 22.09
CA UNK C 345 -3.60 5.98 22.93
C UNK C 345 -4.45 5.10 23.83
N UNK C 346 -5.67 5.53 24.16
CA UNK C 346 -6.56 4.65 24.89
C UNK C 346 -7.05 3.50 24.00
N UNK C 347 -7.29 3.79 22.73
CA UNK C 347 -7.63 2.74 21.78
C UNK C 347 -6.47 1.79 21.60
N UNK C 348 -5.25 2.31 21.71
CA UNK C 348 -4.09 1.43 21.78
C UNK C 348 -4.10 0.62 23.07
N UNK C 349 -4.54 1.23 24.17
CA UNK C 349 -4.43 0.59 25.48
C UNK C 349 -5.42 -0.53 25.65
N UNK C 350 -6.53 -0.50 24.89
CA UNK C 350 -7.61 -1.46 25.07
C UNK C 350 -7.17 -2.89 24.72
N UNK C 351 -6.79 -3.10 23.46
CA UNK C 351 -6.29 -4.41 23.05
C UNK C 351 -4.96 -4.75 23.71
N UNK C 352 -4.22 -3.74 24.16
CA UNK C 352 -3.05 -3.98 24.97
C UNK C 352 -3.41 -4.67 26.28
N UNK C 353 -4.44 -4.15 26.96
CA UNK C 353 -4.92 -4.80 28.17
C UNK C 353 -5.52 -6.16 27.87
N UNK C 354 -6.05 -6.34 26.65
CA UNK C 354 -6.52 -7.66 26.23
C UNK C 354 -5.37 -8.66 26.16
N UNK C 355 -4.26 -8.27 25.54
CA UNK C 355 -3.10 -9.15 25.46
C UNK C 355 -2.45 -9.34 26.82
N UNK C 356 -2.62 -8.35 27.70
CA UNK C 356 -2.05 -8.41 29.05
C UNK C 356 -2.64 -9.54 29.87
N UNK C 357 -3.82 -10.02 29.50
CA UNK C 357 -4.42 -11.17 30.18
C UNK C 357 -3.61 -12.43 29.97
N UNK C 358 -3.27 -12.74 28.72
CA UNK C 358 -2.43 -13.90 28.46
C UNK C 358 -1.04 -13.71 29.01
N UNK C 359 -0.56 -12.46 29.00
CA UNK C 359 0.69 -12.13 29.67
C UNK C 359 0.64 -12.46 31.15
N UNK C 360 -0.47 -12.11 31.81
CA UNK C 360 -0.63 -12.40 33.22
C UNK C 360 -0.84 -13.88 33.47
N UNK C 361 -1.39 -14.60 32.50
CA UNK C 361 -1.56 -16.05 32.64
C UNK C 361 -0.21 -16.75 32.69
N UNK C 362 0.66 -16.37 31.76
CA UNK C 362 2.02 -16.90 31.82
C UNK C 362 2.77 -16.43 33.06
N UNK C 363 2.49 -15.20 33.51
CA UNK C 363 3.11 -14.70 34.73
C UNK C 363 2.65 -15.50 35.93
N UNK C 364 1.39 -15.93 35.93
CA UNK C 364 0.88 -16.75 37.00
C UNK C 364 1.52 -18.13 36.96
N UNK C 365 1.77 -18.64 35.75
CA UNK C 365 2.47 -19.91 35.61
C UNK C 365 3.88 -19.83 36.19
N UNK C 366 4.59 -18.75 35.90
CA UNK C 366 5.94 -18.60 36.43
C UNK C 366 5.94 -18.34 37.93
N UNK C 367 4.95 -17.60 38.43
CA UNK C 367 4.87 -17.33 39.86
C UNK C 367 4.57 -18.60 40.63
N UNK C 368 3.74 -19.47 40.05
CA UNK C 368 3.52 -20.79 40.64
C UNK C 368 4.78 -21.63 40.57
N UNK C 369 5.54 -21.48 39.49
CA UNK C 369 6.82 -22.17 39.38
C UNK C 369 7.81 -21.69 40.43
N UNK C 370 7.65 -20.48 40.93
CA UNK C 370 8.52 -19.95 41.96
C UNK C 370 8.28 -20.54 43.36
N UNK C 371 7.59 -21.68 43.48
CA UNK C 371 7.26 -22.22 44.79
C UNK C 371 8.47 -22.77 45.52
N UNK C 372 9.53 -23.12 44.81
CA UNK C 372 10.69 -23.72 45.44
C UNK C 372 11.47 -22.73 46.30
N UNK C 373 13.36 -16.56 48.77
CA UNK C 373 12.55 -15.76 47.85
C UNK C 373 11.64 -16.66 47.02
N UNK C 374 10.65 -17.26 47.68
CA UNK C 374 9.75 -18.18 46.99
C UNK C 374 8.29 -17.86 47.24
N UNK C 375 7.97 -17.31 48.41
CA UNK C 375 6.58 -17.16 48.81
C UNK C 375 5.91 -15.97 48.12
N UNK C 376 6.39 -14.76 48.40
CA UNK C 376 5.89 -13.55 47.75
C UNK C 376 6.76 -13.13 46.60
N UNK C 377 7.41 -14.10 45.95
CA UNK C 377 8.31 -13.81 44.84
C UNK C 377 7.58 -13.42 43.57
N UNK C 378 6.25 -13.47 43.55
CA UNK C 378 5.50 -12.84 42.47
C UNK C 378 5.73 -11.35 42.45
N UNK C 379 5.93 -10.76 43.63
CA UNK C 379 6.37 -9.37 43.70
C UNK C 379 7.76 -9.21 43.10
N UNK C 380 8.65 -10.18 43.35
CA UNK C 380 9.99 -10.12 42.77
C UNK C 380 9.93 -10.21 41.26
N UNK C 381 9.01 -11.01 40.73
CA UNK C 381 8.83 -11.10 39.29
C UNK C 381 8.24 -9.84 38.72
N UNK C 382 7.29 -9.22 39.45
CA UNK C 382 6.65 -8.02 38.95
C UNK C 382 7.61 -6.85 38.91
N UNK C 383 8.48 -6.75 39.92
CA UNK C 383 9.54 -5.76 39.85
C UNK C 383 10.66 -6.18 38.91
N UNK C 384 10.74 -7.47 38.59
CA UNK C 384 11.85 -7.96 37.80
C UNK C 384 11.76 -7.61 36.32
N UNK C 385 10.66 -7.00 35.87
CA UNK C 385 10.56 -6.58 34.47
C UNK C 385 11.61 -5.55 34.12
N UNK C 386 12.00 -4.73 35.09
CA UNK C 386 13.20 -3.93 34.99
C UNK C 386 14.17 -4.21 36.12
N UNK C 387 13.95 -5.31 36.86
CA UNK C 387 14.71 -5.70 38.05
C UNK C 387 14.79 -4.59 39.09
N UNK C 388 23.38 -25.95 44.90
CA UNK C 388 23.50 -27.33 44.44
C UNK C 388 23.21 -27.41 42.95
N UNK C 389 22.65 -28.53 42.52
CA UNK C 389 22.03 -28.58 41.20
C UNK C 389 20.71 -27.82 41.19
N UNK C 390 20.17 -27.54 42.36
CA UNK C 390 19.08 -26.58 42.47
C UNK C 390 19.51 -25.20 42.06
N UNK C 391 20.80 -24.88 42.19
CA UNK C 391 21.29 -23.62 41.63
C UNK C 391 21.24 -23.66 40.12
N UNK C 392 21.52 -24.81 39.51
CA UNK C 392 21.33 -24.96 38.08
C UNK C 392 19.84 -24.89 37.73
N UNK C 393 18.99 -25.37 38.63
CA UNK C 393 17.55 -25.22 38.43
C UNK C 393 17.14 -23.76 38.49
N UNK C 394 17.77 -22.98 39.36
CA UNK C 394 17.49 -21.55 39.42
C UNK C 394 18.01 -20.83 38.20
N UNK C 395 19.10 -21.32 37.62
CA UNK C 395 19.56 -20.80 36.35
C UNK C 395 18.55 -21.09 35.25
N UNK C 396 18.00 -22.29 35.25
CA UNK C 396 16.92 -22.61 34.31
C UNK C 396 15.69 -21.79 34.60
N UNK C 397 15.48 -21.41 35.85
CA UNK C 397 14.34 -20.58 36.21
C UNK C 397 14.49 -19.18 35.66
N UNK C 398 15.68 -18.61 35.81
CA UNK C 398 15.95 -17.31 35.20
C UNK C 398 15.91 -17.40 33.68
N UNK C 399 16.26 -18.57 33.13
CA UNK C 399 16.10 -18.80 31.70
C UNK C 399 14.63 -18.77 31.30
N UNK C 400 13.78 -19.33 32.14
CA UNK C 400 12.34 -19.24 31.90
C UNK C 400 11.86 -17.80 32.02
N UNK C 401 12.44 -17.05 32.94
CA UNK C 401 12.09 -15.64 33.09
C UNK C 401 12.48 -14.86 31.84
N UNK C 402 13.65 -15.15 31.30
CA UNK C 402 14.05 -14.49 30.08
C UNK C 402 13.25 -14.98 28.89
N UNK C 403 12.78 -16.23 28.93
CA UNK C 403 11.88 -16.69 27.90
C UNK C 403 10.55 -15.95 27.97
N UNK C 404 10.13 -15.62 29.18
CA UNK C 404 8.97 -14.76 29.35
C UNK C 404 9.25 -13.37 28.84
N UNK C 405 10.49 -12.91 28.96
CA UNK C 405 10.86 -11.62 28.37
C UNK C 405 10.80 -11.69 26.86
N UNK C 406 11.17 -12.83 26.30
CA UNK C 406 11.03 -13.04 24.86
C UNK C 406 9.57 -13.03 24.47
N UNK C 407 8.72 -13.58 25.34
CA UNK C 407 7.29 -13.49 25.11
C UNK C 407 6.79 -12.06 25.19
N UNK C 408 7.40 -11.26 26.06
CA UNK C 408 7.05 -9.85 26.14
C UNK C 408 7.45 -9.13 24.87
N UNK C 409 8.59 -9.52 24.32
CA UNK C 409 9.02 -9.01 23.02
C UNK C 409 8.03 -9.40 21.95
N UNK C 410 7.51 -10.63 22.04
CA UNK C 410 6.49 -11.08 21.09
C UNK C 410 5.21 -10.27 21.25
N UNK C 411 4.88 -9.90 22.48
CA UNK C 411 3.67 -9.12 22.71
C UNK C 411 3.82 -7.71 22.16
N UNK C 412 5.01 -7.12 22.33
CA UNK C 412 5.26 -5.82 21.74
C UNK C 412 5.28 -5.91 20.22
N UNK C 413 5.78 -7.02 19.69
CA UNK C 413 5.77 -7.23 18.25
C UNK C 413 4.36 -7.37 17.72
N UNK C 414 3.50 -8.04 18.48
CA UNK C 414 2.11 -8.18 18.07
C UNK C 414 1.38 -6.86 18.19
N UNK C 415 1.72 -6.05 19.18
CA UNK C 415 1.13 -4.73 19.29
C UNK C 415 1.57 -3.86 18.13
N UNK C 416 2.82 -4.00 17.72
CA UNK C 416 3.29 -3.30 16.53
C UNK C 416 2.60 -3.82 15.29
N UNK C 417 2.31 -5.11 15.26
CA UNK C 417 1.54 -5.70 14.16
C UNK C 417 0.13 -5.15 14.14
N UNK C 418 -0.43 -4.88 15.32
CA UNK C 418 -1.72 -4.21 15.41
C UNK C 418 -1.62 -2.79 14.91
N UNK C 419 -0.49 -2.15 15.18
CA UNK C 419 -0.26 -0.80 14.68
C UNK C 419 -0.14 -0.78 13.16
N UNK C 420 0.34 -1.88 12.57
CA UNK C 420 0.33 -2.00 11.13
C UNK C 420 -1.09 -2.03 10.58
N UNK C 421 -2.01 -2.62 11.34
CA UNK C 421 -3.40 -2.55 10.97
C UNK C 421 -3.95 -1.17 11.29
N UNK C 422 -7.83 10.93 9.44
CA UNK C 422 -8.56 9.71 9.70
C UNK C 422 -8.94 9.62 11.16
N UNK C 423 -7.94 9.46 12.03
CA UNK C 423 -8.21 9.47 13.46
C UNK C 423 -8.49 10.87 13.97
N UNK C 424 -8.14 11.89 13.21
CA UNK C 424 -8.55 13.25 13.52
C UNK C 424 -10.06 13.38 13.47
N UNK C 425 -10.73 12.62 12.61
CA UNK C 425 -12.18 12.55 12.63
C UNK C 425 -12.68 11.96 13.93
N UNK C 426 -11.99 10.94 14.44
CA UNK C 426 -12.37 10.36 15.71
C UNK C 426 -12.18 11.34 16.85
N UNK C 427 -11.06 12.05 16.85
CA UNK C 427 -10.80 13.03 17.90
C UNK C 427 -11.74 14.22 17.79
N UNK C 428 -12.09 14.59 16.56
CA UNK C 428 -13.03 15.67 16.36
C UNK C 428 -14.43 15.27 16.82
N UNK C 429 -14.82 14.02 16.56
CA UNK C 429 -16.12 13.55 17.01
C UNK C 429 -16.15 13.40 18.52
N UNK C 430 -15.04 13.01 19.11
CA UNK C 430 -15.01 12.84 20.55
C UNK C 430 -15.04 14.17 21.26
N UNK C 431 -14.18 15.11 20.84
CA UNK C 431 -14.21 16.44 21.41
C UNK C 431 -15.48 17.18 21.05
N UNK C 432 -16.09 16.81 19.92
CA UNK C 432 -17.39 17.34 19.57
C UNK C 432 -18.45 16.80 20.51
N UNK C 433 -18.32 15.54 20.90
CA UNK C 433 -19.23 14.99 21.89
C UNK C 433 -19.01 15.64 23.23
N UNK C 434 -17.78 16.04 23.52
CA UNK C 434 -17.50 16.78 24.74
C UNK C 434 -18.16 18.15 24.71
N UNK C 435 -18.01 18.87 23.59
CA UNK C 435 -18.64 20.16 23.45
C UNK C 435 -20.16 20.03 23.40
N UNK C 436 -20.65 18.91 22.90
CA UNK C 436 -22.09 18.68 22.87
C UNK C 436 -22.61 18.32 24.24
N UNK C 437 -21.79 17.68 25.07
CA UNK C 437 -22.17 17.48 26.46
C UNK C 437 -22.14 18.79 27.22
N UNK C 438 -21.23 19.69 26.85
CA UNK C 438 -21.27 21.03 27.40
C UNK C 438 -22.51 21.77 26.93
N UNK C 439 -22.92 21.51 25.68
CA UNK C 439 -24.15 22.08 25.18
C UNK C 439 -25.36 21.48 25.88
N UNK C 440 -25.27 20.19 26.22
CA UNK C 440 -26.32 19.53 26.97
C UNK C 440 -26.40 20.07 28.39
N UNK C 441 -25.25 20.42 28.96
CA UNK C 441 -25.22 21.16 30.21
C UNK C 441 -25.84 22.54 30.05
N UNK C 442 -25.66 23.14 28.87
CA UNK C 442 -26.31 24.41 28.58
C UNK C 442 -27.78 24.23 28.21
N UNK C 443 -28.10 23.18 27.47
CA UNK C 443 -29.49 22.91 27.12
C UNK C 443 -30.08 21.91 28.10
N UNK C 444 -45.70 21.19 3.64
CA UNK C 444 -44.85 20.41 2.78
C UNK C 444 -43.57 21.15 2.47
N UNK C 445 -43.34 22.25 3.18
CA UNK C 445 -42.16 23.08 2.91
C UNK C 445 -40.89 22.40 3.39
N UNK C 446 -40.94 21.81 4.59
CA UNK C 446 -39.85 20.94 5.02
C UNK C 446 -39.77 19.72 4.11
N UNK C 447 -40.92 19.23 3.66
CA UNK C 447 -40.93 18.17 2.66
C UNK C 447 -40.39 18.66 1.33
N UNK C 448 -40.61 19.94 0.99
CA UNK C 448 -40.03 20.48 -0.23
C UNK C 448 -38.52 20.57 -0.12
N UNK C 449 -38.03 20.94 1.06
CA UNK C 449 -36.59 21.01 1.27
C UNK C 449 -35.97 19.63 1.20
N UNK C 450 -36.62 18.64 1.82
CA UNK C 450 -36.14 17.27 1.73
C UNK C 450 -36.22 16.74 0.31
N UNK C 451 -37.21 17.20 -0.45
CA UNK C 451 -37.33 16.78 -1.84
C UNK C 451 -36.19 17.33 -2.68
N UNK C 452 -35.88 18.61 -2.51
CA UNK C 452 -34.76 19.22 -3.22
C UNK C 452 -33.45 18.56 -2.82
N UNK C 453 -33.32 18.21 -1.53
CA UNK C 453 -32.13 17.54 -1.05
C UNK C 453 -31.99 16.15 -1.65
N UNK C 454 -33.10 15.42 -1.73
CA UNK C 454 -33.06 14.07 -2.27
C UNK C 454 -32.73 14.08 -3.74
N UNK C 455 -33.29 15.03 -4.48
CA UNK C 455 -33.02 15.12 -5.91
C UNK C 455 -31.56 15.49 -6.16
N UNK C 456 -31.03 16.43 -5.37
CA UNK C 456 -29.64 16.82 -5.52
C UNK C 456 -28.71 15.66 -5.19
N UNK C 457 -29.05 14.91 -4.13
CA UNK C 457 -28.22 13.77 -3.73
C UNK C 457 -28.27 12.67 -4.78
N UNK C 458 -29.43 12.46 -5.38
CA UNK C 458 -29.56 11.42 -6.40
C UNK C 458 -28.80 11.78 -7.66
N UNK C 459 -28.96 13.02 -8.13
CA UNK C 459 -28.29 13.43 -9.37
C UNK C 459 -26.79 13.46 -9.18
N UNK C 460 -26.34 14.02 -8.06
CA UNK C 460 -24.91 14.02 -7.77
C UNK C 460 -24.38 12.62 -7.61
N UNK C 461 -25.19 11.70 -7.10
CA UNK C 461 -24.72 10.34 -6.91
C UNK C 461 -24.54 9.63 -8.23
N UNK C 462 -25.50 9.79 -9.14
CA UNK C 462 -25.37 9.15 -10.45
C UNK C 462 -24.19 9.73 -11.21
N UNK C 463 -23.98 11.04 -11.09
CA UNK C 463 -22.85 11.66 -11.74
C UNK C 463 -21.54 11.24 -11.09
N UNK C 464 -21.58 10.89 -9.82
CA UNK C 464 -20.38 10.36 -9.19
C UNK C 464 -20.06 8.98 -9.73
N UNK C 465 -21.05 8.12 -9.77
CA UNK C 465 -20.81 6.73 -10.13
C UNK C 465 -20.41 6.58 -11.59
N UNK C 466 -20.84 7.50 -12.44
CA UNK C 466 -20.40 7.42 -13.82
C UNK C 466 -18.95 7.79 -14.01
N UNK C 467 -18.35 8.50 -13.06
CA UNK C 467 -17.01 9.05 -13.23
C UNK C 467 -15.92 7.99 -13.09
N UNK C 468 -16.24 6.83 -12.55
CA UNK C 468 -15.21 5.87 -12.16
C UNK C 468 -14.81 5.01 -13.36
N UNK C 469 -13.97 4.03 -13.09
CA UNK C 469 -13.45 3.16 -14.14
C UNK C 469 -14.51 2.31 -14.78
N UNK C 470 -14.30 2.04 -16.08
CA UNK C 470 -15.20 1.21 -16.84
C UNK C 470 -14.92 -0.26 -16.55
N UNK C 471 -15.72 -1.13 -17.14
CA UNK C 471 -15.54 -2.57 -16.98
C UNK C 471 -15.76 -3.26 -18.30
N UNK C 472 -15.07 -4.39 -18.46
CA UNK C 472 -14.91 -5.04 -19.76
C UNK C 472 -16.21 -5.51 -20.35
N UNK C 473 -17.21 -5.75 -19.51
CA UNK C 473 -18.50 -6.19 -19.98
C UNK C 473 -19.13 -5.15 -20.89
N UNK C 474 -18.92 -3.88 -20.57
CA UNK C 474 -19.39 -2.83 -21.44
C UNK C 474 -18.71 -2.90 -22.80
N UNK C 475 -17.43 -3.25 -22.80
CA UNK C 475 -16.72 -3.40 -24.06
C UNK C 475 -17.27 -4.57 -24.84
N UNK C 476 -17.66 -5.62 -24.13
CA UNK C 476 -18.30 -6.76 -24.79
C UNK C 476 -19.61 -6.34 -25.44
N UNK C 477 -20.37 -5.52 -24.73
CA UNK C 477 -21.65 -5.05 -25.27
C UNK C 477 -21.44 -4.16 -26.48
N UNK C 478 -20.42 -3.32 -26.43
CA UNK C 478 -20.17 -2.43 -27.53
C UNK C 478 -19.71 -3.18 -28.77
N UNK C 479 -18.82 -4.15 -28.59
CA UNK C 479 -18.38 -4.96 -29.72
C UNK C 479 -19.52 -5.80 -30.25
N UNK C 480 -20.39 -6.24 -29.36
CA UNK C 480 -21.60 -6.94 -29.79
C UNK C 480 -22.48 -6.04 -30.61
N UNK C 481 -22.59 -4.77 -30.22
CA UNK C 481 -23.51 -3.88 -30.91
C UNK C 481 -22.97 -3.48 -32.27
N UNK C 482 -21.66 -3.31 -32.35
CA UNK C 482 -21.07 -3.05 -33.65
C UNK C 482 -21.20 -4.25 -34.55
N UNK C 483 -21.06 -5.44 -33.98
CA UNK C 483 -21.34 -6.65 -34.75
C UNK C 483 -22.80 -6.72 -35.15
N UNK C 484 -23.69 -6.14 -34.34
CA UNK C 484 -25.09 -6.19 -34.68
C UNK C 484 -25.42 -5.23 -35.79
N UNK C 485 -24.72 -4.11 -35.87
CA UNK C 485 -24.90 -3.25 -37.02
C UNK C 485 -24.32 -3.91 -38.26
N UNK C 486 -23.18 -4.59 -38.11
CA UNK C 486 -22.50 -5.16 -39.27
C UNK C 486 -23.27 -6.34 -39.83
N UNK C 487 -23.77 -7.21 -38.94
CA UNK C 487 -24.72 -8.21 -39.36
C UNK C 487 -26.02 -7.56 -39.80
N UNK C 488 -26.36 -6.41 -39.22
CA UNK C 488 -27.63 -5.78 -39.53
C UNK C 488 -27.56 -5.10 -40.88
N UNK C 489 -26.53 -4.30 -41.10
CA UNK C 489 -26.35 -3.65 -42.40
C UNK C 489 -25.97 -4.72 -43.40
N UNK C 490 -26.82 -4.92 -44.39
CA UNK C 490 -26.66 -6.02 -45.31
C UNK C 490 -27.31 -5.67 -46.64
N UNK D 1 -49.06 11.58 -21.79
CA UNK D 1 -47.63 11.75 -22.04
C UNK D 1 -47.17 10.80 -23.13
N UNK D 2 -48.09 10.43 -24.02
CA UNK D 2 -47.75 9.51 -25.09
C UNK D 2 -46.89 10.20 -26.15
N UNK D 3 -47.22 11.45 -26.48
CA UNK D 3 -46.31 12.26 -27.26
C UNK D 3 -45.03 12.51 -26.48
N UNK D 4 -45.14 12.68 -25.17
CA UNK D 4 -43.96 12.74 -24.33
C UNK D 4 -43.24 11.41 -24.27
N UNK D 5 -43.97 10.30 -24.43
CA UNK D 5 -43.30 9.00 -24.48
C UNK D 5 -42.47 8.86 -25.74
N UNK D 6 -43.05 9.24 -26.89
CA UNK D 6 -42.30 9.22 -28.13
C UNK D 6 -41.15 10.22 -28.10
N UNK D 7 -41.35 11.36 -27.43
CA UNK D 7 -40.29 12.34 -27.35
C UNK D 7 -39.17 11.87 -26.43
N UNK D 8 -39.52 11.23 -25.32
CA UNK D 8 -38.53 10.73 -24.39
C UNK D 8 -37.77 9.57 -24.99
N UNK D 9 -38.44 8.78 -25.82
CA UNK D 9 -37.75 7.75 -26.57
C UNK D 9 -36.80 8.37 -27.59
N UNK D 10 -37.27 9.38 -28.34
CA UNK D 10 -36.45 9.99 -29.38
C UNK D 10 -35.31 10.80 -28.80
N UNK D 11 -35.38 11.15 -27.53
CA UNK D 11 -34.31 11.84 -26.86
C UNK D 11 -33.33 10.89 -26.21
N UNK D 12 -33.83 9.89 -25.49
CA UNK D 12 -32.98 9.08 -24.62
C UNK D 12 -32.05 8.16 -25.39
N UNK D 13 -32.30 7.96 -26.67
CA UNK D 13 -31.31 7.37 -27.56
C UNK D 13 -30.97 8.30 -28.72
N UNK D 14 -31.41 9.57 -28.63
CA UNK D 14 -31.12 10.63 -29.60
C UNK D 14 -31.63 10.29 -31.01
N UNK D 15 -32.86 9.81 -31.11
CA UNK D 15 -33.43 9.46 -32.42
C UNK D 15 -33.76 10.75 -33.15
N UNK D 16 -32.79 11.21 -33.95
CA UNK D 16 -32.83 12.55 -34.49
C UNK D 16 -33.84 12.70 -35.60
N UNK D 17 -34.06 11.65 -36.39
CA UNK D 17 -35.11 11.70 -37.39
C UNK D 17 -36.48 11.73 -36.74
N UNK D 18 -36.62 11.00 -35.63
CA UNK D 18 -37.86 11.05 -34.88
C UNK D 18 -38.07 12.41 -34.25
N UNK D 19 -36.99 13.06 -33.81
CA UNK D 19 -37.12 14.42 -33.30
C UNK D 19 -37.43 15.39 -34.41
N UNK D 20 -36.94 15.12 -35.62
CA UNK D 20 -37.27 15.95 -36.76
C UNK D 20 -38.73 15.82 -37.12
N UNK D 21 -39.28 14.61 -37.00
CA UNK D 21 -40.72 14.45 -37.15
C UNK D 21 -41.46 15.14 -36.02
N UNK D 22 -40.87 15.11 -34.82
CA UNK D 22 -41.45 15.77 -33.65
C UNK D 22 -41.42 17.28 -33.78
N UNK D 23 -40.58 17.82 -34.65
CA UNK D 23 -40.63 19.25 -34.92
C UNK D 23 -41.91 19.65 -35.62
N UNK D 24 -42.51 18.74 -36.38
CA UNK D 24 -43.78 19.04 -37.03
C UNK D 24 -44.97 18.83 -36.12
N UNK D 25 -44.79 18.19 -34.96
CA UNK D 25 -45.87 17.91 -34.03
C UNK D 25 -45.90 18.97 -32.92
N UNK D 26 -46.77 18.80 -31.94
CA UNK D 26 -46.90 19.74 -30.81
C UNK D 26 -46.75 19.01 -29.49
N UNK D 27 -45.83 19.47 -28.65
CA UNK D 27 -45.54 18.79 -27.38
C UNK D 27 -45.17 19.82 -26.33
N UNK D 28 -46.01 19.96 -25.31
CA UNK D 28 -45.71 20.89 -24.22
C UNK D 28 -44.65 20.35 -23.28
N UNK D 29 -44.35 19.05 -23.35
CA UNK D 29 -43.27 18.48 -22.57
C UNK D 29 -41.89 18.90 -23.08
N UNK D 30 -41.84 19.62 -24.20
CA UNK D 30 -40.68 20.41 -24.56
C UNK D 30 -40.32 21.41 -23.48
N UNK D 31 -41.29 21.83 -22.66
CA UNK D 31 -40.99 22.49 -21.39
C UNK D 31 -40.64 21.39 -20.37
N UNK D 32 -39.48 20.76 -20.60
CA UNK D 32 -38.69 20.06 -19.57
C UNK D 32 -39.40 18.97 -18.77
N UNK D 33 -40.47 18.40 -19.31
CA UNK D 33 -41.24 17.38 -18.59
C UNK D 33 -40.71 16.01 -19.01
N UNK D 34 -39.93 15.38 -18.14
CA UNK D 34 -39.34 14.09 -18.45
C UNK D 34 -39.82 12.99 -17.51
N UNK D 35 -39.67 13.16 -16.21
CA UNK D 35 -40.12 12.16 -15.24
C UNK D 35 -40.51 12.90 -13.97
N UNK D 36 -40.68 12.17 -12.88
CA UNK D 36 -40.59 12.82 -11.58
C UNK D 36 -39.16 13.13 -11.20
N UNK D 37 -38.20 12.56 -11.93
CA UNK D 37 -36.79 12.92 -11.89
C UNK D 37 -36.40 13.66 -13.15
N UNK D 38 -37.31 14.48 -13.66
CA UNK D 38 -37.12 15.24 -14.89
C UNK D 38 -35.89 16.14 -14.84
N UNK D 39 -34.88 15.80 -15.62
CA UNK D 39 -33.64 16.56 -15.63
C UNK D 39 -33.60 17.62 -16.71
N UNK D 40 -34.66 18.43 -16.79
CA UNK D 40 -34.83 19.51 -17.78
C UNK D 40 -34.75 18.96 -19.21
N UNK D 41 -35.82 18.22 -19.55
CA UNK D 41 -35.86 17.23 -20.63
C UNK D 41 -35.20 17.66 -21.94
N UNK D 42 -35.29 18.94 -22.27
CA UNK D 42 -34.54 19.45 -23.42
C UNK D 42 -33.04 19.39 -23.17
N UNK D 43 -32.59 19.99 -22.06
CA UNK D 43 -31.18 19.92 -21.71
C UNK D 43 -30.76 18.50 -21.36
N UNK D 44 -31.71 17.68 -20.87
CA UNK D 44 -31.42 16.28 -20.61
C UNK D 44 -31.14 15.53 -21.91
N UNK D 45 -31.89 15.85 -22.95
CA UNK D 45 -31.56 15.33 -24.26
C UNK D 45 -30.24 15.88 -24.76
N UNK D 46 -29.94 17.13 -24.40
CA UNK D 46 -28.75 17.77 -24.92
C UNK D 46 -27.48 17.20 -24.30
N UNK D 47 -27.54 16.83 -23.03
CA UNK D 47 -26.32 16.47 -22.32
C UNK D 47 -25.77 15.13 -22.73
N UNK D 48 -26.59 14.26 -23.32
CA UNK D 48 -26.03 13.13 -24.03
C UNK D 48 -25.27 13.66 -25.22
N UNK D 49 -24.00 13.28 -25.32
CA UNK D 49 -23.01 13.96 -26.16
C UNK D 49 -23.29 13.85 -27.65
N UNK D 50 -24.38 13.21 -28.05
CA UNK D 50 -24.89 13.40 -29.39
C UNK D 50 -25.38 14.83 -29.36
N UNK D 51 -24.60 15.73 -29.95
CA UNK D 51 -24.92 17.14 -29.93
C UNK D 51 -25.70 17.50 -31.17
N UNK D 52 -25.95 16.55 -32.06
CA UNK D 52 -26.72 16.83 -33.26
C UNK D 52 -28.16 17.13 -32.90
N UNK D 53 -28.78 16.26 -32.09
CA UNK D 53 -30.13 16.51 -31.64
C UNK D 53 -30.19 17.70 -30.70
N UNK D 54 -29.11 17.95 -29.97
CA UNK D 54 -29.02 19.15 -29.15
C UNK D 54 -29.07 20.40 -30.01
N UNK D 55 -28.36 20.38 -31.14
CA UNK D 55 -28.41 21.52 -32.06
C UNK D 55 -29.76 21.63 -32.73
N UNK D 56 -30.40 20.49 -32.98
CA UNK D 56 -31.72 20.49 -33.61
C UNK D 56 -32.76 21.12 -32.70
N UNK D 57 -32.72 20.77 -31.42
CA UNK D 57 -33.57 21.46 -30.46
C UNK D 57 -33.13 22.90 -30.28
N UNK D 58 -31.83 23.17 -30.46
CA UNK D 58 -31.33 24.52 -30.34
C UNK D 58 -31.75 25.40 -31.51
N UNK D 59 -32.23 24.80 -32.60
CA UNK D 59 -32.76 25.58 -33.71
C UNK D 59 -34.00 26.36 -33.31
N UNK D 60 -34.78 25.82 -32.37
CA UNK D 60 -35.90 26.56 -31.81
C UNK D 60 -36.07 26.05 -30.38
N UNK D 61 -35.61 26.84 -29.42
CA UNK D 61 -35.55 26.44 -28.02
C UNK D 61 -36.27 27.45 -27.13
N UNK D 62 -37.50 27.79 -27.51
CA UNK D 62 -38.25 28.85 -26.83
C UNK D 62 -38.73 28.45 -25.44
N UNK D 63 -38.67 27.16 -25.10
CA UNK D 63 -39.09 26.70 -23.77
C UNK D 63 -38.03 25.72 -23.27
N UNK D 64 -37.01 26.25 -22.59
CA UNK D 64 -35.94 25.40 -22.07
C UNK D 64 -35.26 26.11 -20.92
N UNK D 65 -34.60 25.32 -20.08
CA UNK D 65 -33.69 25.90 -19.11
C UNK D 65 -32.46 26.43 -19.84
N UNK D 66 -31.85 27.46 -19.27
CA UNK D 66 -30.67 28.05 -19.89
C UNK D 66 -29.43 27.99 -19.01
N UNK D 67 -29.51 28.50 -17.78
CA UNK D 67 -28.32 28.64 -16.94
C UNK D 67 -27.83 27.27 -16.48
N UNK D 68 -28.75 26.48 -15.92
CA UNK D 68 -28.41 25.11 -15.52
C UNK D 68 -28.10 24.24 -16.73
N UNK D 69 -28.68 24.57 -17.89
CA UNK D 69 -28.41 23.83 -19.11
C UNK D 69 -26.96 23.97 -19.52
N UNK D 70 -26.48 25.21 -19.63
CA UNK D 70 -25.10 25.43 -20.04
C UNK D 70 -24.12 24.99 -18.96
N UNK D 71 -24.52 25.07 -17.69
CA UNK D 71 -23.64 24.61 -16.62
C UNK D 71 -23.45 23.10 -16.68
N UNK D 72 -24.54 22.34 -16.84
CA UNK D 72 -24.41 20.89 -16.94
C UNK D 72 -23.79 20.49 -18.26
N UNK D 73 -23.91 21.34 -19.27
CA UNK D 73 -23.21 21.11 -20.52
C UNK D 73 -21.72 21.21 -20.32
N UNK D 74 -21.26 22.32 -19.77
CA UNK D 74 -19.83 22.56 -19.59
C UNK D 74 -19.22 21.75 -18.46
N UNK D 75 -20.04 21.08 -17.65
CA UNK D 75 -19.50 20.15 -16.67
C UNK D 75 -18.79 19.00 -17.37
N UNK D 76 -19.47 18.35 -18.30
CA UNK D 76 -18.73 17.50 -19.23
C UNK D 76 -17.98 18.38 -20.20
N UNK D 77 -16.99 17.80 -20.85
CA UNK D 77 -16.12 18.56 -21.73
C UNK D 77 -16.59 18.57 -23.17
N UNK D 78 -17.90 18.50 -23.40
CA UNK D 78 -18.46 18.45 -24.75
C UNK D 78 -18.29 19.83 -25.37
N UNK D 79 -17.08 20.08 -25.85
CA UNK D 79 -16.64 21.42 -26.18
C UNK D 79 -17.33 21.93 -27.43
N UNK D 80 -17.60 21.04 -28.39
CA UNK D 80 -18.39 21.43 -29.54
C UNK D 80 -19.79 21.80 -29.10
N UNK D 81 -20.35 21.06 -28.16
CA UNK D 81 -21.65 21.42 -27.62
C UNK D 81 -21.55 22.67 -26.77
N UNK D 82 -20.39 22.93 -26.17
CA UNK D 82 -20.21 24.19 -25.47
C UNK D 82 -20.22 25.36 -26.45
N UNK D 83 -19.63 25.16 -27.63
CA UNK D 83 -19.72 26.16 -28.67
C UNK D 83 -21.14 26.29 -29.18
N UNK D 84 -21.88 25.20 -29.19
CA UNK D 84 -23.29 25.24 -29.57
C UNK D 84 -24.09 26.07 -28.58
N UNK D 85 -23.82 25.87 -27.29
CA UNK D 85 -24.47 26.69 -26.26
C UNK D 85 -24.02 28.13 -26.34
N UNK D 86 -22.79 28.37 -26.81
CA UNK D 86 -22.33 29.73 -27.02
C UNK D 86 -23.08 30.40 -28.16
N UNK D 87 -23.32 29.66 -29.24
CA UNK D 87 -24.14 30.19 -30.32
C UNK D 87 -25.59 30.37 -29.88
N UNK D 88 -26.04 29.53 -28.96
CA UNK D 88 -27.39 29.66 -28.42
C UNK D 88 -27.50 30.84 -27.48
N UNK D 89 -26.40 31.20 -26.83
CA UNK D 89 -26.33 32.29 -25.86
C UNK D 89 -26.42 33.67 -26.50
N UNK D 90 -26.67 33.75 -27.82
CA UNK D 90 -27.25 34.95 -28.40
C UNK D 90 -28.54 35.32 -27.69
N UNK D 91 -29.33 34.31 -27.30
CA UNK D 91 -30.37 34.53 -26.32
C UNK D 91 -29.79 35.00 -25.00
N UNK D 92 -28.85 34.25 -24.45
CA UNK D 92 -28.32 34.57 -23.12
C UNK D 92 -27.38 35.76 -23.14
N UNK D 93 -21.86 29.20 -7.18
CA UNK D 93 -22.61 29.11 -8.41
C UNK D 93 -22.06 30.08 -9.46
N UNK D 94 -21.11 29.61 -10.28
CA UNK D 94 -20.47 30.49 -11.25
C UNK D 94 -19.93 29.67 -12.43
N UNK D 95 -19.72 30.37 -13.55
CA UNK D 95 -19.33 29.70 -14.78
C UNK D 95 -17.86 29.29 -14.76
N UNK D 96 -16.97 30.25 -14.50
CA UNK D 96 -15.55 29.93 -14.38
C UNK D 96 -15.26 29.03 -13.21
N UNK D 97 -16.14 29.04 -12.20
CA UNK D 97 -16.11 28.02 -11.17
C UNK D 97 -16.28 26.63 -11.76
N UNK D 98 -17.19 26.47 -12.72
CA UNK D 98 -17.34 25.15 -13.35
C UNK D 98 -16.16 24.83 -14.25
N UNK D 99 -15.56 25.86 -14.85
CA UNK D 99 -14.34 25.68 -15.61
C UNK D 99 -13.21 25.15 -14.73
N UNK D 100 -13.19 25.57 -13.47
CA UNK D 100 -12.31 24.92 -12.51
C UNK D 100 -12.79 23.51 -12.19
N UNK D 101 -14.10 23.36 -11.99
CA UNK D 101 -14.70 22.13 -11.48
C UNK D 101 -14.61 20.96 -12.44
N UNK D 102 -14.23 21.18 -13.70
CA UNK D 102 -13.79 20.10 -14.55
C UNK D 102 -12.40 20.31 -15.13
N UNK D 103 -11.80 21.49 -14.96
CA UNK D 103 -10.43 21.79 -15.33
C UNK D 103 -10.18 21.57 -16.82
N UNK D 104 -11.17 21.89 -17.65
CA UNK D 104 -11.06 21.73 -19.10
C UNK D 104 -10.43 22.98 -19.69
N UNK D 105 -9.11 22.94 -19.89
CA UNK D 105 -8.34 24.13 -20.25
C UNK D 105 -8.71 24.66 -21.63
N UNK D 106 -9.08 23.80 -22.56
CA UNK D 106 -9.45 24.26 -23.89
C UNK D 106 -10.78 25.00 -23.87
N UNK D 107 -11.74 24.47 -23.13
CA UNK D 107 -12.99 25.19 -22.94
C UNK D 107 -12.77 26.43 -22.10
N UNK D 108 -11.76 26.42 -21.23
CA UNK D 108 -11.44 27.62 -20.46
C UNK D 108 -10.92 28.72 -21.37
N UNK D 109 -10.09 28.37 -22.36
CA UNK D 109 -9.65 29.36 -23.32
C UNK D 109 -10.77 29.75 -24.27
N UNK D 110 -11.74 28.86 -24.47
CA UNK D 110 -12.91 29.23 -25.27
C UNK D 110 -13.76 30.27 -24.54
N UNK D 111 -13.98 30.07 -23.24
CA UNK D 111 -14.81 31.01 -22.49
C UNK D 111 -14.06 32.30 -22.24
N UNK D 112 -12.78 32.22 -21.87
CA UNK D 112 -11.98 33.40 -21.68
C UNK D 112 -11.61 34.08 -23.00
N UNK D 113 -11.85 33.41 -24.12
CA UNK D 113 -11.84 34.13 -25.39
C UNK D 113 -13.01 35.10 -25.43
N UNK D 114 -14.13 34.76 -24.82
CA UNK D 114 -15.15 35.75 -24.56
C UNK D 114 -14.81 36.49 -23.27
N UNK D 115 -15.69 37.39 -22.86
CA UNK D 115 -15.42 38.21 -21.69
C UNK D 115 -15.53 37.40 -20.41
N UNK D 116 -14.48 37.42 -19.61
CA UNK D 116 -14.45 36.65 -18.38
C UNK D 116 -13.46 37.29 -17.41
N UNK D 117 -13.61 36.96 -16.14
CA UNK D 117 -12.70 37.40 -15.10
C UNK D 117 -12.71 36.44 -13.93
N UNK D 118 -11.30 37.43 -3.69
CA UNK D 118 -12.29 38.39 -4.15
C UNK D 118 -13.41 38.58 -3.13
N UNK D 119 -13.05 39.02 -1.92
CA UNK D 119 -14.01 39.25 -0.84
C UNK D 119 -14.09 40.75 -0.54
N UNK D 120 -15.01 41.41 -1.21
CA UNK D 120 -15.12 42.88 -1.13
C UNK D 120 -16.07 43.24 0.00
N UNK D 121 -16.34 44.54 0.13
CA UNK D 121 -17.39 45.02 1.04
C UNK D 121 -18.80 44.58 0.62
N UNK D 122 -19.00 44.24 -0.65
CA UNK D 122 -20.25 43.62 -1.06
C UNK D 122 -20.40 42.22 -0.50
N UNK D 123 -19.29 41.56 -0.15
CA UNK D 123 -19.37 40.32 0.61
C UNK D 123 -19.89 40.58 2.02
N UNK D 124 -19.57 41.74 2.60
CA UNK D 124 -20.20 42.13 3.85
C UNK D 124 -21.66 42.52 3.62
N UNK D 125 -21.99 43.02 2.43
CA UNK D 125 -23.38 43.29 2.11
C UNK D 125 -24.19 42.01 1.95
N UNK D 126 -23.53 40.90 1.61
CA UNK D 126 -24.14 39.58 1.77
C UNK D 126 -24.36 39.36 3.26
N UNK D 127 -25.62 39.20 3.65
CA UNK D 127 -26.03 39.43 5.03
C UNK D 127 -25.54 38.35 5.99
N UNK D 128 -24.22 38.32 6.19
CA UNK D 128 -23.53 37.38 7.07
C UNK D 128 -23.87 35.93 6.72
N UNK D 129 -24.01 35.67 5.42
CA UNK D 129 -24.45 34.37 4.94
C UNK D 129 -23.27 33.40 4.99
N UNK D 130 -23.18 32.69 6.11
CA UNK D 130 -22.16 31.70 6.38
C UNK D 130 -22.12 30.61 5.33
N UNK D 131 -23.30 30.23 4.83
CA UNK D 131 -23.34 29.32 3.70
C UNK D 131 -22.75 29.96 2.45
N UNK D 132 -23.02 31.24 2.22
CA UNK D 132 -22.36 31.93 1.12
C UNK D 132 -20.91 32.21 1.45
N UNK D 133 -20.56 32.26 2.74
CA UNK D 133 -19.16 32.35 3.09
C UNK D 133 -18.42 31.07 2.73
N UNK D 134 -19.06 29.93 2.98
CA UNK D 134 -18.49 28.66 2.54
C UNK D 134 -18.48 28.55 1.02
N UNK D 135 -19.52 29.10 0.39
CA UNK D 135 -19.54 29.17 -1.06
C UNK D 135 -18.44 30.07 -1.59
N UNK D 136 -18.10 31.11 -0.85
CA UNK D 136 -16.98 31.97 -1.23
C UNK D 136 -15.66 31.24 -1.04
N UNK D 137 -15.59 30.38 -0.03
CA UNK D 137 -14.40 29.56 0.16
C UNK D 137 -14.22 28.60 -1.01
N UNK D 138 -15.31 27.95 -1.42
CA UNK D 138 -15.28 27.11 -2.61
C UNK D 138 -14.98 27.92 -3.86
N UNK D 139 -15.44 29.17 -3.88
CA UNK D 139 -15.20 30.02 -5.03
C UNK D 139 -13.74 30.43 -5.12
N UNK D 140 -13.09 30.66 -3.97
CA UNK D 140 -11.67 30.93 -3.97
C UNK D 140 -10.89 29.70 -4.37
N UNK D 141 -11.39 28.51 -3.99
CA UNK D 141 -10.77 27.27 -4.43
C UNK D 141 -10.94 27.06 -5.92
N UNK D 142 -12.02 27.59 -6.49
CA UNK D 142 -12.17 27.55 -7.93
C UNK D 142 -11.28 28.57 -8.62
N UNK D 143 -11.24 29.79 -8.08
CA UNK D 143 -10.61 30.92 -8.74
C UNK D 143 -9.09 30.86 -8.73
N UNK D 144 -8.50 29.92 -7.98
CA UNK D 144 -7.07 29.71 -8.06
C UNK D 144 -6.66 29.19 -9.43
N UNK D 145 -7.51 28.35 -10.04
CA UNK D 145 -7.49 28.05 -11.48
C UNK D 145 -6.19 27.36 -11.91
N UNK D 146 -5.98 26.16 -11.36
CA UNK D 146 -4.72 25.45 -11.56
C UNK D 146 -4.50 25.05 -13.02
N UNK D 147 -5.58 24.91 -13.78
CA UNK D 147 -5.41 24.96 -15.22
C UNK D 147 -5.51 26.37 -15.72
N UNK D 148 -6.54 27.09 -15.33
CA UNK D 148 -6.84 28.37 -15.95
C UNK D 148 -6.02 29.52 -15.38
N UNK D 149 -4.92 29.22 -14.69
CA UNK D 149 -3.88 30.23 -14.54
C UNK D 149 -3.23 30.53 -15.88
N UNK D 150 -3.28 29.58 -16.81
CA UNK D 150 -3.00 29.89 -18.21
C UNK D 150 -4.03 30.88 -18.74
N UNK D 151 -5.28 30.73 -18.32
CA UNK D 151 -6.29 31.69 -18.70
C UNK D 151 -6.24 32.97 -17.89
N UNK D 152 -5.33 33.09 -16.92
CA UNK D 152 -5.02 34.40 -16.39
C UNK D 152 -4.22 35.20 -17.42
N UNK D 153 -3.92 36.45 -17.08
CA UNK D 153 -3.28 37.34 -18.02
C UNK D 153 -1.83 36.94 -18.28
N UNK D 154 -1.00 37.04 -17.25
CA UNK D 154 0.42 36.73 -17.36
C UNK D 154 0.97 36.56 -15.95
N UNK D 155 2.31 36.54 -15.85
CA UNK D 155 3.06 36.58 -14.58
C UNK D 155 2.70 35.40 -13.70
N UNK D 156 2.62 34.23 -14.33
CA UNK D 156 2.12 33.04 -13.63
C UNK D 156 3.06 32.59 -12.53
N UNK D 157 4.34 32.93 -12.64
CA UNK D 157 5.22 32.73 -11.49
C UNK D 157 4.88 33.72 -10.39
N UNK D 158 4.70 34.99 -10.76
CA UNK D 158 4.32 35.99 -9.79
C UNK D 158 2.93 35.73 -9.26
N UNK D 159 2.02 35.32 -10.15
CA UNK D 159 0.70 34.91 -9.72
C UNK D 159 0.78 33.65 -8.86
N UNK D 160 1.78 32.82 -9.08
CA UNK D 160 1.90 31.59 -8.33
C UNK D 160 2.34 31.86 -6.91
N UNK D 161 3.34 32.71 -6.74
CA UNK D 161 3.75 33.10 -5.40
C UNK D 161 2.69 33.95 -4.72
N UNK D 162 1.91 34.68 -5.52
CA UNK D 162 0.74 35.36 -5.00
C UNK D 162 -0.28 34.37 -4.47
N UNK D 163 -0.47 33.26 -5.18
CA UNK D 163 -1.36 32.21 -4.73
C UNK D 163 -0.80 31.52 -3.50
N UNK D 164 0.53 31.47 -3.39
CA UNK D 164 1.16 30.88 -2.22
C UNK D 164 0.89 31.71 -0.99
N UNK D 165 1.09 33.02 -1.09
CA UNK D 165 0.73 33.91 0.00
C UNK D 165 -0.77 33.93 0.24
N UNK D 166 -1.57 33.75 -0.82
CA UNK D 166 -3.01 33.72 -0.67
C UNK D 166 -3.44 32.46 0.07
N UNK D 167 -2.83 31.34 -0.24
CA UNK D 167 -3.09 30.11 0.47
C UNK D 167 -2.54 30.17 1.88
N UNK D 168 -1.49 30.95 2.10
CA UNK D 168 -1.01 31.18 3.46
C UNK D 168 -2.04 31.97 4.26
N UNK D 169 -2.65 32.97 3.62
CA UNK D 169 -3.73 33.71 4.26
C UNK D 169 -4.93 32.80 4.51
N UNK D 170 -5.18 31.86 3.61
CA UNK D 170 -6.21 30.87 3.86
C UNK D 170 -5.79 29.92 4.97
N UNK D 171 -4.50 29.71 5.13
CA UNK D 171 -3.99 28.88 6.20
C UNK D 171 -4.02 29.59 7.54
N UNK D 172 -4.13 30.91 7.53
CA UNK D 172 -4.36 31.63 8.77
C UNK D 172 -5.72 31.27 9.36
N UNK D 173 -6.71 31.08 8.51
CA UNK D 173 -7.99 30.54 8.96
C UNK D 173 -7.96 29.01 8.88
N UNK D 174 -8.97 28.40 9.48
CA UNK D 174 -9.07 26.95 9.44
C UNK D 174 -10.51 26.47 9.28
N UNK D 175 -11.33 27.24 8.57
CA UNK D 175 -12.70 26.80 8.28
C UNK D 175 -12.67 25.55 7.42
N UNK D 176 -11.93 25.61 6.34
CA UNK D 176 -11.45 24.40 5.65
C UNK D 176 -9.96 24.60 5.41
N UNK D 177 -9.16 24.32 6.44
CA UNK D 177 -7.71 24.36 6.25
C UNK D 177 -7.25 23.16 5.44
N UNK D 178 -8.02 22.07 5.45
CA UNK D 178 -7.76 20.95 4.57
C UNK D 178 -7.91 21.37 3.12
N UNK D 179 -9.03 22.01 2.79
CA UNK D 179 -9.24 22.47 1.42
C UNK D 179 -8.31 23.62 1.07
N UNK D 180 -7.94 24.42 2.07
CA UNK D 180 -6.97 25.48 1.83
C UNK D 180 -5.60 24.89 1.49
N UNK D 181 -5.19 23.84 2.20
CA UNK D 181 -3.95 23.17 1.86
C UNK D 181 -4.05 22.47 0.52
N UNK D 182 -5.25 22.02 0.15
CA UNK D 182 -5.45 21.41 -1.16
C UNK D 182 -5.25 22.43 -2.28
N UNK D 183 -5.82 23.62 -2.10
CA UNK D 183 -5.61 24.68 -3.08
C UNK D 183 -4.16 25.12 -3.11
N UNK D 184 -3.51 25.10 -1.93
CA UNK D 184 -2.09 25.39 -1.85
C UNK D 184 -1.28 24.39 -2.66
N UNK D 185 -1.64 23.13 -2.55
CA UNK D 185 -0.96 22.08 -3.29
C UNK D 185 -1.19 22.24 -4.79
N UNK D 186 -2.39 22.63 -5.19
CA UNK D 186 -2.67 22.82 -6.62
C UNK D 186 -1.86 23.96 -7.18
N UNK D 187 -1.74 25.05 -6.43
CA UNK D 187 -0.99 26.21 -6.90
C UNK D 187 0.50 25.88 -6.97
N UNK D 188 1.05 25.30 -5.92
CA UNK D 188 2.45 24.94 -5.92
C UNK D 188 2.74 23.87 -6.95
N UNK D 189 1.75 23.03 -7.27
CA UNK D 189 1.95 22.01 -8.27
C UNK D 189 2.00 22.62 -9.66
N UNK D 190 1.17 23.62 -9.93
CA UNK D 190 1.25 24.32 -11.21
C UNK D 190 2.57 25.05 -11.33
N UNK D 191 3.06 25.58 -10.22
CA UNK D 191 4.37 26.20 -10.22
C UNK D 191 5.47 25.20 -10.52
N UNK D 192 5.42 24.02 -9.89
CA UNK D 192 6.43 23.01 -10.15
C UNK D 192 6.31 22.46 -11.56
N UNK D 193 5.09 22.47 -12.11
CA UNK D 193 4.87 22.04 -13.47
C UNK D 193 5.50 23.02 -14.45
N UNK D 194 5.44 24.31 -14.12
CA UNK D 194 6.22 25.26 -14.89
C UNK D 194 7.71 25.01 -14.70
N UNK D 195 8.11 24.66 -13.47
CA UNK D 195 9.53 24.58 -13.14
C UNK D 195 10.22 23.44 -13.86
N UNK D 196 9.56 22.31 -13.97
CA UNK D 196 10.14 21.20 -14.74
C UNK D 196 9.98 21.38 -16.23
N UNK D 197 9.17 22.35 -16.66
CA UNK D 197 8.95 22.56 -18.08
C UNK D 197 10.09 23.29 -18.76
N UNK D 198 11.18 23.58 -18.04
CA UNK D 198 12.28 24.36 -18.58
C UNK D 198 13.08 23.52 -19.56
N UNK D 199 13.01 23.87 -20.85
CA UNK D 199 13.80 23.19 -21.86
C UNK D 199 15.25 23.63 -21.80
N UNK D 200 15.51 24.92 -22.03
CA UNK D 200 16.84 25.48 -21.95
C UNK D 200 16.95 26.41 -20.75
N UNK D 201 18.18 26.64 -20.32
CA UNK D 201 18.42 27.39 -19.09
C UNK D 201 18.13 28.87 -19.25
N UNK D 202 18.05 29.37 -20.49
CA UNK D 202 17.75 30.78 -20.71
C UNK D 202 16.33 31.09 -20.25
N UNK D 203 15.38 30.25 -20.64
CA UNK D 203 14.02 30.40 -20.15
C UNK D 203 13.92 30.14 -18.66
N UNK D 204 14.81 29.30 -18.14
CA UNK D 204 14.84 29.05 -16.70
C UNK D 204 15.27 30.30 -15.94
N UNK D 205 16.26 31.00 -16.45
CA UNK D 205 16.74 32.20 -15.77
C UNK D 205 15.76 33.34 -15.91
N UNK D 206 15.11 33.45 -17.08
CA UNK D 206 14.08 34.46 -17.26
C UNK D 206 12.89 34.17 -16.36
N UNK D 207 12.63 32.89 -16.09
CA UNK D 207 11.67 32.53 -15.06
C UNK D 207 12.19 32.92 -13.69
N UNK D 208 13.35 32.40 -13.31
CA UNK D 208 13.91 32.68 -12.00
C UNK D 208 14.62 34.03 -12.03
N UNK D 209 13.82 35.09 -12.13
CA UNK D 209 14.37 36.43 -12.04
C UNK D 209 14.88 36.69 -10.62
N UNK D 210 14.06 36.39 -9.63
CA UNK D 210 14.50 36.32 -8.24
C UNK D 210 13.79 35.10 -7.64
N UNK D 211 14.44 33.95 -7.76
CA UNK D 211 13.86 32.71 -7.23
C UNK D 211 13.87 32.66 -5.72
N UNK D 212 14.59 33.59 -5.07
CA UNK D 212 14.54 33.70 -3.62
C UNK D 212 13.16 34.06 -3.10
N UNK D 213 12.31 34.61 -3.97
CA UNK D 213 10.91 34.81 -3.66
C UNK D 213 10.19 33.50 -3.31
N UNK D 214 10.71 32.37 -3.79
CA UNK D 214 10.21 31.07 -3.35
C UNK D 214 10.40 30.88 -1.87
N UNK D 215 11.54 31.32 -1.35
CA UNK D 215 11.71 31.37 0.09
C UNK D 215 10.79 32.41 0.71
N UNK D 216 10.44 33.45 -0.03
CA UNK D 216 9.34 34.29 0.40
C UNK D 216 8.03 33.53 0.28
N UNK D 217 7.92 32.68 -0.74
CA UNK D 217 6.79 31.77 -0.79
C UNK D 217 6.90 30.70 0.29
N UNK D 218 8.12 30.42 0.75
CA UNK D 218 8.40 29.72 2.00
C UNK D 218 7.84 28.30 2.02
N UNK D 219 8.41 27.45 1.17
CA UNK D 219 8.11 26.02 1.17
C UNK D 219 9.35 25.27 0.73
N UNK D 220 9.18 24.01 0.36
CA UNK D 220 10.26 23.30 -0.32
C UNK D 220 10.38 23.77 -1.77
N UNK D 221 9.23 24.00 -2.41
CA UNK D 221 9.09 24.67 -3.70
C UNK D 221 9.81 23.95 -4.84
N UNK D 222 10.03 22.64 -4.68
CA UNK D 222 10.43 21.72 -5.74
C UNK D 222 11.74 22.15 -6.41
N UNK D 223 12.81 22.08 -5.63
CA UNK D 223 14.12 22.33 -6.21
C UNK D 223 14.51 21.16 -7.10
N UNK D 224 14.20 21.25 -8.40
CA UNK D 224 14.53 20.18 -9.34
C UNK D 224 15.89 20.41 -9.98
N UNK D 225 16.05 21.52 -10.68
CA UNK D 225 17.33 21.89 -11.27
C UNK D 225 17.95 23.00 -10.45
N UNK D 226 19.19 22.82 -10.04
CA UNK D 226 19.89 23.81 -9.24
C UNK D 226 21.27 24.05 -9.81
N UNK D 227 21.35 24.12 -11.13
CA UNK D 227 22.65 24.25 -11.79
C UNK D 227 23.22 25.65 -11.61
N UNK D 228 22.38 26.67 -11.67
CA UNK D 228 22.86 28.01 -11.36
C UNK D 228 23.21 28.13 -9.88
N UNK D 229 22.53 27.35 -9.04
CA UNK D 229 22.94 27.26 -7.64
C UNK D 229 24.29 26.60 -7.51
N UNK D 230 24.57 25.62 -8.36
CA UNK D 230 25.90 25.05 -8.40
C UNK D 230 26.91 26.06 -8.90
N UNK D 231 26.49 26.95 -9.80
CA UNK D 231 27.36 28.06 -10.20
C UNK D 231 27.61 29.00 -9.03
N UNK D 232 26.61 29.17 -8.17
CA UNK D 232 26.84 29.87 -6.93
C UNK D 232 27.69 29.04 -5.98
N UNK D 233 27.21 27.85 -5.64
CA UNK D 233 27.95 27.01 -4.72
C UNK D 233 28.97 26.17 -5.47
N UNK D 234 30.65 28.82 -7.03
CA UNK D 234 31.97 29.17 -6.52
C UNK D 234 31.88 29.92 -5.20
N UNK D 235 31.31 31.13 -5.26
CA UNK D 235 31.39 32.05 -4.14
C UNK D 235 30.46 31.64 -2.99
N UNK D 236 29.35 30.97 -3.29
CA UNK D 236 28.53 30.44 -2.21
C UNK D 236 29.22 29.26 -1.55
N UNK D 237 29.92 28.45 -2.34
CA UNK D 237 30.78 27.42 -1.76
C UNK D 237 31.93 28.06 -0.99
N UNK D 238 32.40 29.22 -1.45
CA UNK D 238 33.43 29.94 -0.73
C UNK D 238 32.92 30.45 0.61
N UNK D 239 31.69 30.95 0.64
CA UNK D 239 31.11 31.40 1.89
C UNK D 239 30.79 30.24 2.82
N UNK D 240 30.40 29.10 2.26
CA UNK D 240 30.25 27.89 3.05
C UNK D 240 31.58 27.45 3.64
N UNK D 241 32.67 27.65 2.89
CA UNK D 241 33.99 27.37 3.42
C UNK D 241 34.37 28.36 4.51
N UNK D 242 33.93 29.61 4.38
CA UNK D 242 34.17 30.59 5.44
C UNK D 242 33.45 30.22 6.71
N UNK D 243 32.21 29.76 6.55
CA UNK D 243 31.47 29.23 7.69
C UNK D 243 32.12 27.98 8.26
N UNK D 244 32.73 27.17 7.38
CA UNK D 244 33.43 25.98 7.83
C UNK D 244 34.65 26.35 8.65
N UNK D 245 35.35 27.40 8.24
CA UNK D 245 36.48 27.88 9.02
C UNK D 245 36.03 28.48 10.34
N UNK D 246 34.86 29.13 10.35
CA UNK D 246 34.32 29.65 11.61
C UNK D 246 33.96 28.52 12.55
N UNK D 247 33.37 27.46 12.02
CA UNK D 247 33.08 26.28 12.84
C UNK D 247 34.36 25.59 13.28
N UNK D 248 35.39 25.65 12.45
CA UNK D 248 36.69 25.12 12.84
C UNK D 248 37.28 25.92 13.99
N UNK D 249 37.05 27.24 13.99
CA UNK D 249 37.49 28.07 15.10
C UNK D 249 36.69 27.76 16.37
N UNK D 250 35.40 27.48 16.20
CA UNK D 250 34.57 27.10 17.34
C UNK D 250 35.03 25.77 17.93
N UNK D 251 35.42 24.83 17.08
CA UNK D 251 35.97 23.57 17.56
C UNK D 251 37.34 23.78 18.19
N UNK D 252 38.11 24.70 17.63
CA UNK D 252 39.44 25.01 18.16
C UNK D 252 39.36 25.71 19.50
N UNK D 253 38.21 26.31 19.82
CA UNK D 253 38.00 26.91 21.13
C UNK D 253 38.00 25.88 22.26
N UNK D 254 37.87 24.58 21.94
CA UNK D 254 37.76 23.54 22.94
C UNK D 254 39.11 23.01 23.43
N UNK D 255 40.17 23.80 23.32
CA UNK D 255 41.51 23.33 23.67
C UNK D 255 41.88 23.64 25.11
N UNK D 256 40.89 23.69 26.01
CA UNK D 256 41.15 24.14 27.37
C UNK D 256 41.97 23.16 28.19
N UNK D 257 42.09 21.92 27.74
CA UNK D 257 42.93 20.95 28.45
C UNK D 257 44.40 21.28 28.23
N UNK D 258 45.96 33.40 26.58
CA UNK D 258 45.89 32.01 26.11
C UNK D 258 44.47 31.50 26.24
N UNK D 259 44.15 30.98 27.41
CA UNK D 259 42.76 30.67 27.72
C UNK D 259 41.95 31.94 27.81
N UNK D 260 42.57 33.02 28.32
CA UNK D 260 41.97 34.34 28.20
C UNK D 260 41.87 34.74 26.74
N UNK D 261 42.88 34.40 25.94
CA UNK D 261 42.79 34.67 24.51
C UNK D 261 41.79 33.74 23.83
N UNK D 262 41.60 32.54 24.38
CA UNK D 262 40.55 31.66 23.88
C UNK D 262 39.18 32.27 24.14
N UNK D 263 38.98 32.81 25.34
CA UNK D 263 37.76 33.53 25.65
C UNK D 263 37.64 34.79 24.80
N UNK D 264 38.76 35.37 24.40
CA UNK D 264 38.72 36.53 23.51
C UNK D 264 38.22 36.15 22.13
N UNK D 265 38.69 35.03 21.58
CA UNK D 265 38.18 34.57 20.29
C UNK D 265 36.71 34.19 20.39
N UNK D 266 36.30 33.67 21.54
CA UNK D 266 34.90 33.36 21.78
C UNK D 266 34.05 34.63 21.81
N UNK D 267 34.52 35.66 22.50
CA UNK D 267 33.79 36.93 22.56
C UNK D 267 33.80 37.62 21.21
N UNK D 268 34.82 37.36 20.39
CA UNK D 268 34.85 37.86 19.02
C UNK D 268 33.73 37.25 18.20
N UNK D 269 33.56 35.93 18.29
CA UNK D 269 32.45 35.28 17.59
C UNK D 269 31.10 35.73 18.13
N UNK D 270 31.02 35.99 19.44
CA UNK D 270 29.77 36.43 20.06
C UNK D 270 29.38 37.82 19.60
N UNK D 271 30.35 38.75 19.56
CA UNK D 271 30.07 40.08 19.06
C UNK D 271 29.81 40.07 17.57
N UNK D 272 30.38 39.11 16.84
CA UNK D 272 30.06 38.93 15.43
C UNK D 272 28.59 38.54 15.25
N UNK D 273 28.11 37.62 16.08
CA UNK D 273 26.70 37.24 16.01
C UNK D 273 25.79 38.39 16.42
N UNK D 274 26.22 39.16 17.43
CA UNK D 274 25.43 40.30 17.88
C UNK D 274 25.35 41.38 16.83
N UNK D 275 26.45 41.61 16.10
CA UNK D 275 26.41 42.55 14.99
C UNK D 275 25.61 41.98 13.83
N UNK D 276 25.59 40.66 13.69
CA UNK D 276 24.82 40.04 12.61
C UNK D 276 23.33 40.15 12.86
N UNK D 277 22.91 40.21 14.13
CA UNK D 277 21.49 40.23 14.45
C UNK D 277 20.82 41.60 14.25
N UNK D 278 21.45 42.55 13.56
CA UNK D 278 20.89 43.89 13.45
C UNK D 278 19.69 43.97 12.51
N UNK D 279 19.50 42.98 11.66
CA UNK D 279 18.36 42.97 10.76
C UNK D 279 17.10 42.58 11.54
N UNK D 280 15.28 30.86 12.09
CA UNK D 280 16.30 31.45 12.95
C UNK D 280 16.34 30.72 14.28
N UNK D 281 15.86 29.48 14.28
CA UNK D 281 15.77 28.71 15.52
C UNK D 281 17.16 28.36 16.04
N UNK D 282 17.99 27.77 15.19
CA UNK D 282 19.38 27.53 15.56
C UNK D 282 20.14 28.84 15.70
N UNK D 283 19.72 29.89 15.00
CA UNK D 283 20.31 31.21 15.21
C UNK D 283 19.96 31.74 16.59
N UNK D 284 18.73 31.47 17.05
CA UNK D 284 18.36 31.82 18.41
C UNK D 284 19.16 31.00 19.41
N UNK D 285 19.43 29.74 19.06
CA UNK D 285 20.30 28.92 19.90
C UNK D 285 21.71 29.49 19.97
N UNK D 286 22.19 30.02 18.85
CA UNK D 286 23.52 30.62 18.81
C UNK D 286 23.56 31.90 19.63
N UNK D 287 22.49 32.68 19.58
CA UNK D 287 22.42 33.89 20.38
C UNK D 287 22.37 33.56 21.86
N UNK D 288 21.64 32.50 22.22
CA UNK D 288 21.62 32.06 23.60
C UNK D 288 22.96 31.51 24.03
N UNK D 289 23.68 30.86 23.12
CA UNK D 289 25.01 30.34 23.43
C UNK D 289 25.98 31.48 23.66
N UNK D 290 25.89 32.53 22.84
CA UNK D 290 26.71 33.71 23.04
C UNK D 290 26.35 34.41 24.35
N UNK D 291 25.08 34.37 24.73
CA UNK D 291 24.66 34.94 26.00
C UNK D 291 25.24 34.15 27.17
N UNK D 292 25.24 32.83 27.07
CA UNK D 292 25.82 31.99 28.11
C UNK D 292 27.32 32.20 28.20
N UNK D 293 27.97 32.38 27.04
CA UNK D 293 29.40 32.67 27.01
C UNK D 293 29.69 34.03 27.65
N UNK D 294 28.85 35.03 27.37
CA UNK D 294 29.06 36.35 27.92
C UNK D 294 28.84 36.37 29.43
N UNK D 295 27.86 35.59 29.89
CA UNK D 295 27.62 35.49 31.33
C UNK D 295 28.77 34.80 32.03
N UNK D 296 29.31 33.74 31.41
CA UNK D 296 30.47 33.05 31.98
C UNK D 296 31.69 33.96 32.02
N UNK D 297 31.87 34.75 30.97
CA UNK D 297 33.00 35.67 30.92
C UNK D 297 32.85 36.76 31.96
N UNK D 298 31.63 37.25 32.17
CA UNK D 298 31.39 38.27 33.18
C UNK D 298 31.60 37.71 34.58
N UNK D 299 31.22 36.46 34.79
CA UNK D 299 31.42 35.83 36.10
C UNK D 299 32.89 35.59 36.37
N UNK D 300 33.64 35.16 35.33
CA UNK D 300 35.08 35.01 35.48
C UNK D 300 35.77 36.35 35.68
N UNK D 301 35.24 37.42 35.07
CA UNK D 301 35.83 38.73 35.26
C UNK D 301 35.58 39.24 36.66
N UNK D 302 34.40 38.97 37.21
CA UNK D 302 34.13 39.30 38.60
C UNK D 302 35.01 38.50 39.54
N UNK D 303 35.26 37.23 39.19
CA UNK D 303 36.17 36.41 39.96
C UNK D 303 37.60 36.93 39.91
N UNK D 304 38.02 37.43 38.76
CA UNK D 304 39.37 37.98 38.64
C UNK D 304 39.49 39.32 39.35
N UNK D 305 38.41 40.10 39.35
CA UNK D 305 38.41 41.38 40.06
C UNK D 305 38.44 41.17 41.56
N UNK D 306 37.70 40.17 42.05
CA UNK D 306 37.79 39.83 43.46
C UNK D 306 39.13 39.18 43.79
N UNK D 307 39.74 38.51 42.82
CA UNK D 307 41.03 37.86 43.05
C UNK D 307 42.15 38.89 43.09
N UNK D 308 42.16 39.82 42.14
CA UNK D 308 43.19 40.85 42.08
C UNK D 308 42.83 42.08 42.91
N UNK D 309 41.91 41.94 43.86
CA UNK D 309 41.48 43.09 44.65
C UNK D 309 42.55 43.51 45.63
N UNK D 310 42.91 42.64 46.56
CA UNK D 310 43.91 42.99 47.55
C UNK D 310 45.31 42.81 46.96
N UNK D 311 46.31 43.20 47.76
CA UNK D 311 47.70 43.06 47.36
C UNK D 311 48.56 42.83 48.58
N UNK D 312 32.38 30.89 46.49
CA UNK D 312 31.32 30.09 45.90
C UNK D 312 30.96 30.61 44.52
N UNK D 313 31.35 31.85 44.23
CA UNK D 313 31.01 32.47 42.96
C UNK D 313 31.83 31.91 41.81
N UNK D 314 33.04 31.43 42.10
CA UNK D 314 33.87 30.82 41.07
C UNK D 314 33.26 29.52 40.56
N UNK D 315 32.54 28.81 41.43
CA UNK D 315 31.78 27.66 41.00
C UNK D 315 30.69 28.06 40.02
N UNK D 316 30.05 29.21 40.27
CA UNK D 316 29.05 29.71 39.34
C UNK D 316 29.68 30.13 38.02
N UNK D 317 30.90 30.67 38.07
CA UNK D 317 31.61 31.03 36.85
C UNK D 317 31.92 29.79 36.02
N UNK D 318 32.42 28.74 36.66
CA UNK D 318 32.71 27.50 35.97
C UNK D 318 31.44 26.83 35.46
N UNK D 319 30.34 26.99 36.18
CA UNK D 319 29.07 26.40 35.76
C UNK D 319 28.53 27.07 34.51
N UNK D 320 28.57 28.40 34.47
CA UNK D 320 28.17 29.10 33.26
C UNK D 320 29.11 28.79 32.11
N UNK D 321 30.39 28.57 32.41
CA UNK D 321 31.35 28.15 31.39
C UNK D 321 30.98 26.80 30.81
N UNK D 322 30.59 25.85 31.67
CA UNK D 322 30.22 24.53 31.19
C UNK D 322 28.91 24.57 30.42
N UNK D 323 27.98 25.42 30.85
CA UNK D 323 26.71 25.57 30.16
C UNK D 323 26.91 26.13 28.76
N UNK D 324 27.77 27.15 28.66
CA UNK D 324 28.10 27.68 27.34
C UNK D 324 28.88 26.67 26.51
N UNK D 325 29.68 25.82 27.16
CA UNK D 325 30.41 24.79 26.42
C UNK D 325 29.46 23.78 25.80
N UNK D 326 28.45 23.37 26.58
CA UNK D 326 27.42 22.49 26.05
C UNK D 326 26.64 23.17 24.95
N UNK D 327 26.32 24.45 25.14
CA UNK D 327 25.58 25.20 24.12
C UNK D 327 26.40 25.36 22.85
N UNK D 328 27.72 25.46 22.97
CA UNK D 328 28.56 25.59 21.80
C UNK D 328 28.69 24.27 21.07
N UNK D 329 28.72 23.16 21.81
CA UNK D 329 28.67 21.86 21.18
C UNK D 329 27.36 21.69 20.43
N UNK D 330 26.27 22.18 21.00
CA UNK D 330 24.97 22.16 20.33
C UNK D 330 24.98 23.01 19.07
N UNK D 331 25.58 24.19 19.15
CA UNK D 331 25.65 25.06 17.98
C UNK D 331 26.53 24.46 16.89
N UNK D 332 27.59 23.77 17.29
CA UNK D 332 28.45 23.09 16.33
C UNK D 332 27.72 21.97 15.63
N UNK D 333 26.82 21.30 16.35
CA UNK D 333 25.91 20.38 15.68
C UNK D 333 24.93 21.12 14.79
N UNK D 334 24.58 22.35 15.15
CA UNK D 334 23.46 23.05 14.52
C UNK D 334 23.78 23.65 13.17
N UNK D 335 24.81 23.17 12.48
CA UNK D 335 25.12 23.71 11.16
C UNK D 335 25.56 22.62 10.19
N UNK D 336 25.00 21.43 10.28
CA UNK D 336 25.55 20.31 9.51
C UNK D 336 25.06 20.30 8.07
N UNK D 337 23.76 20.06 7.86
CA UNK D 337 23.17 19.71 6.57
C UNK D 337 23.97 18.62 5.86
N UNK D 338 24.25 17.54 6.60
CA UNK D 338 25.27 16.56 6.23
C UNK D 338 24.71 15.49 5.31
N UNK D 339 25.31 15.37 4.12
CA UNK D 339 25.05 14.34 3.11
C UNK D 339 23.61 14.35 2.60
N UNK D 340 22.89 15.45 2.82
CA UNK D 340 21.43 15.55 2.69
C UNK D 340 20.75 14.38 3.39
N UNK D 341 21.23 14.04 4.57
CA UNK D 341 20.89 12.78 5.18
C UNK D 341 20.21 12.92 6.53
N UNK D 342 20.78 13.70 7.44
CA UNK D 342 20.36 13.71 8.82
C UNK D 342 19.26 14.73 9.09
N UNK D 343 18.42 15.00 8.09
CA UNK D 343 17.45 16.06 8.22
C UNK D 343 16.25 15.68 9.08
N UNK D 344 15.80 14.43 8.99
CA UNK D 344 14.41 14.11 9.34
C UNK D 344 14.18 13.95 10.84
N UNK D 345 15.24 13.69 11.60
CA UNK D 345 15.07 13.35 13.01
C UNK D 345 14.54 14.50 13.83
N UNK D 346 14.77 15.74 13.42
CA UNK D 346 14.17 16.88 14.09
C UNK D 346 12.66 16.91 13.85
N UNK D 347 12.25 16.56 12.62
CA UNK D 347 10.83 16.45 12.32
C UNK D 347 10.20 15.33 13.12
N UNK D 348 10.98 14.29 13.38
CA UNK D 348 10.54 13.28 14.34
C UNK D 348 10.47 13.85 15.75
N UNK D 349 11.40 14.73 16.11
CA UNK D 349 11.49 15.20 17.48
C UNK D 349 10.38 16.18 17.83
N UNK D 350 9.81 16.83 16.82
CA UNK D 350 8.81 17.88 17.07
C UNK D 350 7.54 17.33 17.71
N UNK D 351 6.86 16.43 17.00
CA UNK D 351 5.67 15.80 17.56
C UNK D 351 5.99 14.90 18.75
N UNK D 352 7.24 14.43 18.83
CA UNK D 352 7.70 13.72 20.02
C UNK D 352 7.65 14.64 21.25
N UNK D 353 8.15 15.86 21.11
CA UNK D 353 8.07 16.82 22.19
C UNK D 353 6.63 17.23 22.46
N UNK D 354 5.78 17.16 21.43
CA UNK D 354 4.36 17.40 21.62
C UNK D 354 3.74 16.33 22.52
N UNK D 355 4.04 15.06 22.26
CA UNK D 355 3.51 13.98 23.10
C UNK D 355 4.15 14.00 24.49
N UNK D 356 5.37 14.54 24.58
CA UNK D 356 6.09 14.62 25.84
C UNK D 356 5.38 15.51 26.85
N UNK D 357 4.52 16.41 26.37
CA UNK D 357 3.73 17.25 27.27
C UNK D 357 2.74 16.42 28.08
N UNK D 358 1.97 15.55 27.42
CA UNK D 358 1.04 14.70 28.14
C UNK D 358 1.81 13.69 28.98
N UNK D 359 2.97 13.26 28.48
CA UNK D 359 3.87 12.43 29.29
C UNK D 359 4.26 13.14 30.58
N UNK D 360 4.62 14.41 30.48
CA UNK D 360 5.00 15.17 31.66
C UNK D 360 3.82 15.47 32.55
N UNK D 361 2.60 15.54 31.98
CA UNK D 361 1.41 15.75 32.78
C UNK D 361 1.15 14.56 33.69
N UNK D 362 1.24 13.36 33.12
CA UNK D 362 1.13 12.16 33.94
C UNK D 362 2.28 12.05 34.92
N UNK D 363 3.48 12.50 34.51
CA UNK D 363 4.64 12.48 35.42
C UNK D 363 4.42 13.42 36.59
N UNK D 364 3.76 14.55 36.34
CA UNK D 364 3.43 15.48 37.40
C UNK D 364 2.40 14.88 38.33
N UNK D 365 1.45 14.13 37.78
CA UNK D 365 0.47 13.43 38.59
C UNK D 365 1.14 12.42 39.52
N UNK D 366 2.09 11.66 38.99
CA UNK D 366 2.78 10.68 39.82
C UNK D 366 3.71 11.35 40.83
N UNK D 367 4.34 12.45 40.45
CA UNK D 367 5.23 13.16 41.39
C UNK D 367 4.44 13.76 42.52
N UNK D 368 3.24 14.25 42.23
CA UNK D 368 2.35 14.70 43.30
C UNK D 368 1.88 13.54 44.15
N UNK D 369 1.69 12.38 43.53
CA UNK D 369 1.35 11.17 44.29
C UNK D 369 2.47 10.75 45.21
N UNK D 370 3.71 11.13 44.89
CA UNK D 370 4.86 10.80 45.73
C UNK D 370 4.96 11.63 47.01
N UNK D 371 3.89 12.29 47.45
CA UNK D 371 3.95 13.18 48.61
C UNK D 371 4.12 12.41 49.91
N UNK D 372 3.74 11.14 49.95
CA UNK D 372 3.79 10.38 51.18
C UNK D 372 5.22 10.06 51.60
N UNK D 373 12.08 9.46 50.94
CA UNK D 373 12.14 9.78 49.52
C UNK D 373 10.77 10.23 49.03
N UNK D 374 10.33 11.41 49.46
CA UNK D 374 9.02 11.91 49.08
C UNK D 374 9.06 13.34 48.57
N UNK D 375 10.01 14.14 49.06
CA UNK D 375 10.00 15.57 48.76
C UNK D 375 10.54 15.86 47.36
N UNK D 376 11.81 15.56 47.12
CA UNK D 376 12.41 15.73 45.80
C UNK D 376 12.41 14.44 45.01
N UNK D 377 11.44 13.57 45.27
CA UNK D 377 11.38 12.28 44.61
C UNK D 377 10.94 12.36 43.16
N UNK D 378 10.57 13.56 42.68
CA UNK D 378 10.41 13.75 41.24
C UNK D 378 11.74 13.53 40.53
N UNK D 379 12.84 13.88 41.18
CA UNK D 379 14.16 13.52 40.67
C UNK D 379 14.34 12.01 40.66
N UNK D 380 13.83 11.32 41.68
CA UNK D 380 13.92 9.87 41.72
C UNK D 380 13.13 9.25 40.58
N UNK D 381 11.98 9.84 40.27
CA UNK D 381 11.18 9.36 39.14
C UNK D 381 11.85 9.65 37.82
N UNK D 382 12.49 10.81 37.70
CA UNK D 382 13.13 11.18 36.44
C UNK D 382 14.33 10.30 36.16
N UNK D 383 15.09 9.96 37.19
CA UNK D 383 16.15 8.99 37.03
C UNK D 383 15.62 7.57 36.94
N UNK D 384 14.39 7.35 37.40
CA UNK D 384 13.84 6.00 37.47
C UNK D 384 13.43 5.43 36.12
N UNK D 385 13.48 6.23 35.05
CA UNK D 385 13.15 5.71 33.72
C UNK D 385 14.12 4.61 33.30
N UNK D 386 15.35 4.69 33.77
CA UNK D 386 16.27 3.56 33.70
C UNK D 386 16.79 3.19 35.08
N UNK D 387 16.16 3.71 36.14
CA UNK D 387 16.56 3.54 37.54
C UNK D 387 18.02 3.94 37.79
N UNK D 388 4.61 -1.26 56.69
CA UNK D 388 3.26 -1.57 57.11
C UNK D 388 2.41 -1.97 55.90
N UNK D 389 1.12 -1.66 55.95
CA UNK D 389 0.32 -1.69 54.73
C UNK D 389 0.64 -0.50 53.84
N UNK D 390 1.32 0.50 54.39
CA UNK D 390 1.92 1.53 53.56
C UNK D 390 3.01 0.96 52.66
N UNK D 391 3.64 -0.13 53.08
CA UNK D 391 4.56 -0.81 52.18
C UNK D 391 3.81 -1.44 51.02
N UNK D 392 2.61 -1.96 51.28
CA UNK D 392 1.76 -2.42 50.19
C UNK D 392 1.30 -1.24 49.33
N UNK D 393 1.13 -0.08 49.95
CA UNK D 393 0.81 1.11 49.18
C UNK D 393 1.99 1.52 48.30
N UNK D 394 3.22 1.34 48.79
CA UNK D 394 4.39 1.62 47.98
C UNK D 394 4.53 0.63 46.85
N UNK D 395 4.11 -0.61 47.09
CA UNK D 395 4.07 -1.59 46.02
C UNK D 395 3.06 -1.17 44.95
N UNK D 396 1.91 -0.68 45.37
CA UNK D 396 0.95 -0.12 44.43
C UNK D 396 1.48 1.12 43.74
N UNK D 397 2.34 1.86 44.43
CA UNK D 397 2.96 3.04 43.83
C UNK D 397 3.93 2.66 42.74
N UNK D 398 4.76 1.66 42.99
CA UNK D 398 5.64 1.15 41.94
C UNK D 398 4.84 0.52 40.82
N UNK D 399 3.67 -0.04 41.14
CA UNK D 399 2.76 -0.52 40.12
C UNK D 399 2.24 0.62 39.25
N UNK D 400 1.97 1.76 39.87
CA UNK D 400 1.60 2.94 39.10
C UNK D 400 2.77 3.43 38.25
N UNK D 401 3.98 3.31 38.77
CA UNK D 401 5.16 3.69 38.02
C UNK D 401 5.33 2.79 36.80
N UNK D 402 5.10 1.51 36.97
CA UNK D 402 5.18 0.60 35.84
C UNK D 402 4.00 0.79 34.89
N UNK D 403 2.87 1.24 35.41
CA UNK D 403 1.76 1.60 34.53
C UNK D 403 2.11 2.82 33.70
N UNK D 404 2.87 3.73 34.30
CA UNK D 404 3.40 4.85 33.53
C UNK D 404 4.42 4.37 32.50
N UNK D 405 5.16 3.32 32.83
CA UNK D 405 6.06 2.73 31.84
C UNK D 405 5.28 2.12 30.69
N UNK D 406 4.12 1.54 31.01
CA UNK D 406 3.24 1.03 29.97
C UNK D 406 2.72 2.17 29.12
N UNK D 407 2.46 3.30 29.75
CA UNK D 407 2.09 4.50 29.00
C UNK D 407 3.23 4.98 28.13
N UNK D 408 4.47 4.81 28.59
CA UNK D 408 5.62 5.17 27.77
C UNK D 408 5.73 4.25 26.57
N UNK D 409 5.40 2.98 26.79
CA UNK D 409 5.33 2.03 25.68
C UNK D 409 4.24 2.45 24.70
N UNK D 410 3.13 2.95 25.22
CA UNK D 410 2.07 3.45 24.36
C UNK D 410 2.52 4.66 23.58
N UNK D 411 3.34 5.50 24.19
CA UNK D 411 3.84 6.69 23.51
C UNK D 411 4.80 6.31 22.40
N UNK D 412 5.66 5.33 22.66
CA UNK D 412 6.55 4.84 21.62
C UNK D 412 5.77 4.16 20.52
N UNK D 413 4.69 3.48 20.88
CA UNK D 413 3.83 2.85 19.89
C UNK D 413 3.12 3.88 19.04
N UNK D 414 2.72 4.98 19.64
CA UNK D 414 2.08 6.05 18.89
C UNK D 414 3.08 6.77 18.01
N UNK D 415 4.32 6.90 18.48
CA UNK D 415 5.35 7.48 17.64
C UNK D 415 5.66 6.58 16.46
N UNK D 416 5.62 5.27 16.68
CA UNK D 416 5.77 4.33 15.58
C UNK D 416 4.58 4.41 14.65
N UNK D 417 3.40 4.65 15.21
CA UNK D 417 2.21 4.85 14.39
C UNK D 417 2.34 6.11 13.56
N UNK D 418 3.00 7.13 14.11
CA UNK D 418 3.29 8.33 13.34
C UNK D 418 4.30 8.02 12.24
N UNK D 419 5.23 7.12 12.54
CA UNK D 419 6.20 6.70 11.53
C UNK D 419 5.52 5.92 10.41
N UNK D 420 4.43 5.24 10.71
CA UNK D 420 3.63 4.61 9.66
C UNK D 420 3.01 5.64 8.75
N UNK D 421 2.65 6.79 9.28
CA UNK D 421 2.21 7.89 8.45
C UNK D 421 3.41 8.51 7.76
N UNK D 422 11.92 11.22 -1.47
CA UNK D 422 10.82 11.98 -0.90
C UNK D 422 11.36 12.98 0.10
N UNK D 423 11.86 12.46 1.23
CA UNK D 423 12.48 13.32 2.22
C UNK D 423 13.84 13.81 1.77
N UNK D 424 14.43 13.15 0.77
CA UNK D 424 15.64 13.67 0.15
C UNK D 424 15.38 15.00 -0.53
N UNK D 425 14.17 15.21 -1.03
CA UNK D 425 13.78 16.53 -1.53
C UNK D 425 13.77 17.55 -0.42
N UNK D 426 13.31 17.15 0.77
CA UNK D 426 13.32 18.06 1.91
C UNK D 426 14.75 18.39 2.33
N UNK D 427 15.61 17.38 2.38
CA UNK D 427 17.00 17.61 2.76
C UNK D 427 17.73 18.42 1.70
N UNK D 428 17.40 18.19 0.44
CA UNK D 428 18.00 18.95 -0.65
C UNK D 428 17.55 20.39 -0.59
N UNK D 429 16.27 20.63 -0.29
CA UNK D 429 15.78 21.99 -0.18
C UNK D 429 16.34 22.69 1.04
N UNK D 430 16.55 21.95 2.12
CA UNK D 430 17.10 22.56 3.32
C UNK D 430 18.57 22.90 3.14
N UNK D 431 19.36 21.95 2.64
CA UNK D 431 20.76 22.22 2.38
C UNK D 431 20.91 23.21 1.23
N UNK D 432 19.93 23.26 0.33
CA UNK D 432 19.91 24.28 -0.69
C UNK D 432 19.64 25.64 -0.10
N UNK D 433 18.78 25.70 0.92
CA UNK D 433 18.58 26.94 1.63
C UNK D 433 19.82 27.35 2.39
N UNK D 434 20.58 26.37 2.86
CA UNK D 434 21.85 26.65 3.51
C UNK D 434 22.85 27.24 2.51
N UNK D 435 22.95 26.61 1.34
CA UNK D 435 23.84 27.12 0.31
C UNK D 435 23.35 28.45 -0.23
N UNK D 436 22.05 28.68 -0.20
CA UNK D 436 21.50 29.95 -0.63
C UNK D 436 21.73 31.02 0.40
N UNK D 437 21.77 30.65 1.68
CA UNK D 437 22.16 31.59 2.70
C UNK D 437 23.64 31.91 2.60
N UNK D 438 24.44 30.94 2.20
CA UNK D 438 25.83 31.21 1.88
C UNK D 438 25.94 32.12 0.67
N UNK D 439 25.05 31.94 -0.29
CA UNK D 439 25.00 32.84 -1.44
C UNK D 439 24.53 34.22 -1.04
N UNK D 440 23.63 34.29 -0.07
CA UNK D 440 23.17 35.56 0.46
C UNK D 440 24.28 36.25 1.23
N UNK D 441 25.12 35.48 1.91
CA UNK D 441 26.35 36.01 2.49
C UNK D 441 27.30 36.48 1.41
N UNK D 442 27.29 35.81 0.26
CA UNK D 442 28.09 36.27 -0.87
C UNK D 442 27.41 37.42 -1.60
N UNK D 443 26.09 37.38 -1.74
CA UNK D 443 25.37 38.49 -2.38
C UNK D 443 24.86 39.44 -1.32
N UNK D 444 9.04 42.68 -25.46
CA UNK D 444 8.15 41.53 -25.38
C UNK D 444 8.94 40.24 -25.54
N UNK D 445 10.27 40.36 -25.49
CA UNK D 445 11.12 39.19 -25.70
C UNK D 445 11.06 38.26 -24.49
N UNK D 446 11.13 38.82 -23.28
CA UNK D 446 10.84 38.03 -22.09
C UNK D 446 9.40 37.55 -22.11
N UNK D 447 8.50 38.39 -22.62
CA UNK D 447 7.13 37.96 -22.83
C UNK D 447 7.04 36.88 -23.91
N UNK D 448 7.91 36.94 -24.92
CA UNK D 448 7.93 35.89 -25.92
C UNK D 448 8.41 34.57 -25.32
N UNK D 449 9.40 34.65 -24.44
CA UNK D 449 9.90 33.46 -23.77
C UNK D 449 8.83 32.86 -22.86
N UNK D 450 8.13 33.71 -22.12
CA UNK D 450 7.03 33.25 -21.27
C UNK D 450 5.90 32.69 -22.12
N UNK D 451 5.69 33.24 -23.31
CA UNK D 451 4.66 32.74 -24.20
C UNK D 451 5.00 31.34 -24.69
N UNK D 452 6.24 31.15 -25.13
CA UNK D 452 6.69 29.83 -25.57
C UNK D 452 6.62 28.83 -24.43
N UNK D 453 6.96 29.28 -23.22
CA UNK D 453 6.90 28.42 -22.04
C UNK D 453 5.46 28.03 -21.73
N UNK D 454 4.54 28.98 -21.82
CA UNK D 454 3.15 28.71 -21.50
C UNK D 454 2.54 27.76 -22.50
N UNK D 455 2.87 27.94 -23.79
CA UNK D 455 2.33 27.07 -24.81
C UNK D 455 2.87 25.65 -24.66
N UNK D 456 4.17 25.54 -24.36
CA UNK D 456 4.75 24.22 -24.16
C UNK D 456 4.14 23.53 -22.93
N UNK D 457 3.92 24.29 -21.86
CA UNK D 457 3.33 23.72 -20.65
C UNK D 457 1.90 23.30 -20.88
N UNK D 458 1.16 24.07 -21.68
CA UNK D 458 -0.22 23.75 -21.95
C UNK D 458 -0.35 22.50 -22.82
N UNK D 459 0.44 22.45 -23.89
CA UNK D 459 0.37 21.31 -24.79
C UNK D 459 0.82 20.03 -24.11
N UNK D 460 1.94 20.12 -23.38
CA UNK D 460 2.42 18.98 -22.64
C UNK D 460 1.43 18.55 -21.57
N UNK D 461 0.70 19.51 -20.99
CA UNK D 461 -0.26 19.17 -19.95
C UNK D 461 -1.44 18.42 -20.53
N UNK D 462 -1.96 18.89 -21.67
CA UNK D 462 -3.09 18.19 -22.28
C UNK D 462 -2.68 16.80 -22.72
N UNK D 463 -1.47 16.67 -23.25
CA UNK D 463 -0.97 15.36 -23.64
C UNK D 463 -0.72 14.47 -22.45
N UNK D 464 -0.43 15.06 -21.30
CA UNK D 464 -0.30 14.26 -20.09
C UNK D 464 -1.65 13.73 -19.65
N UNK D 465 -2.65 14.61 -19.61
CA UNK D 465 -3.94 14.23 -19.05
C UNK D 465 -4.66 13.24 -19.94
N UNK D 466 -4.36 13.24 -21.23
CA UNK D 466 -5.00 12.25 -22.09
C UNK D 466 -4.42 10.85 -21.89
N UNK D 467 -3.23 10.74 -21.31
CA UNK D 467 -2.54 9.46 -21.22
C UNK D 467 -3.11 8.54 -20.16
N UNK D 468 -3.92 9.06 -19.25
CA UNK D 468 -4.31 8.31 -18.07
C UNK D 468 -5.52 7.43 -18.38
N UNK D 469 -6.02 6.78 -17.35
CA UNK D 469 -7.12 5.86 -17.49
C UNK D 469 -8.42 6.51 -17.92
N UNK D 470 -9.20 5.76 -18.69
CA UNK D 470 -10.48 6.23 -19.17
C UNK D 470 -11.53 6.10 -18.07
N UNK D 471 -12.74 6.56 -18.37
CA UNK D 471 -13.84 6.46 -17.41
C UNK D 471 -15.10 6.06 -18.14
N UNK D 472 -15.98 5.37 -17.41
CA UNK D 472 -17.09 4.66 -18.01
C UNK D 472 -18.09 5.57 -18.69
N UNK D 473 -18.12 6.83 -18.29
CA UNK D 473 -19.02 7.78 -18.90
C UNK D 473 -18.72 7.96 -20.38
N UNK D 474 -17.43 7.90 -20.73
CA UNK D 474 -17.07 7.96 -22.13
C UNK D 474 -17.60 6.75 -22.86
N UNK D 475 -17.60 5.59 -22.21
CA UNK D 475 -18.15 4.40 -22.84
C UNK D 475 -19.66 4.54 -23.02
N UNK D 476 -20.31 5.21 -22.07
CA UNK D 476 -21.74 5.48 -22.21
C UNK D 476 -21.99 6.38 -23.41
N UNK D 477 -21.13 7.38 -23.60
CA UNK D 477 -21.28 8.29 -24.72
C UNK D 477 -21.05 7.57 -26.03
N UNK D 478 -20.08 6.68 -26.06
CA UNK D 478 -19.78 5.96 -27.29
C UNK D 478 -20.91 5.01 -27.65
N UNK D 479 -21.43 4.28 -26.67
CA UNK D 479 -22.55 3.39 -26.94
C UNK D 479 -23.78 4.17 -27.34
N UNK D 480 -23.94 5.36 -26.74
CA UNK D 480 -25.01 6.23 -27.16
C UNK D 480 -24.83 6.67 -28.59
N UNK D 481 -23.61 6.95 -29.00
CA UNK D 481 -23.40 7.48 -30.34
C UNK D 481 -23.56 6.39 -31.38
N UNK D 482 -23.16 5.17 -31.06
CA UNK D 482 -23.40 4.07 -31.96
C UNK D 482 -24.88 3.79 -32.06
N UNK D 483 -25.60 3.91 -30.94
CA UNK D 483 -27.04 3.83 -31.00
C UNK D 483 -27.64 4.96 -31.81
N UNK D 484 -26.98 6.11 -31.83
CA UNK D 484 -27.50 7.24 -32.59
C UNK D 484 -27.30 7.03 -34.07
N UNK D 485 -26.21 6.38 -34.45
CA UNK D 485 -26.07 6.03 -35.85
C UNK D 485 -27.08 4.95 -36.23
N UNK D 486 -27.32 4.00 -35.33
CA UNK D 486 -28.19 2.88 -35.67
C UNK D 486 -29.63 3.32 -35.76
N UNK D 487 -30.07 4.15 -34.82
CA UNK D 487 -31.34 4.83 -34.96
C UNK D 487 -31.31 5.79 -36.12
N UNK D 488 -30.14 6.36 -36.41
CA UNK D 488 -30.04 7.37 -37.46
C UNK D 488 -30.09 6.72 -38.83
N UNK D 489 -29.26 5.69 -39.04
CA UNK D 489 -29.28 4.96 -40.29
C UNK D 489 -30.58 4.17 -40.36
N UNK D 490 -31.41 4.51 -41.32
CA UNK D 490 -32.75 3.95 -41.38
C UNK D 490 -33.24 3.94 -42.83
#